data_2MQC
#
_entry.id   2MQC
#
_entity_poly.entity_id   1
_entity_poly.type   'polypeptide(L)'
_entity_poly.pdbx_seq_one_letter_code
;GHMGSPVSYYFSYADGGTSHTEYPDDSSAGSFILDITSYKKTGNSTKALSWNASGDSWIHVNGSSVSYDENPAKERRTGL
VTLKQDESGKTLSLKIVQPGKTSID
;
_entity_poly.pdbx_strand_id   A
#
# COMPACT_ATOMS: atom_id res chain seq x y z
N GLY A 1 -31.52 14.86 -1.07
CA GLY A 1 -31.55 15.31 -2.47
C GLY A 1 -32.29 14.29 -3.31
N HIS A 2 -31.64 13.75 -4.34
CA HIS A 2 -32.16 12.71 -5.23
C HIS A 2 -31.07 11.64 -5.43
N MET A 3 -31.33 10.66 -6.30
CA MET A 3 -30.37 9.71 -6.83
C MET A 3 -30.45 9.78 -8.36
N GLY A 4 -29.46 9.25 -9.07
CA GLY A 4 -29.37 9.29 -10.52
C GLY A 4 -27.97 9.65 -11.03
N SER A 5 -26.94 9.65 -10.19
CA SER A 5 -25.57 9.88 -10.61
C SER A 5 -24.97 8.58 -11.17
N PRO A 6 -23.89 8.65 -11.98
CA PRO A 6 -23.15 7.47 -12.41
C PRO A 6 -22.37 6.86 -11.24
N VAL A 7 -21.79 5.68 -11.48
CA VAL A 7 -20.82 5.07 -10.59
C VAL A 7 -19.60 5.99 -10.46
N SER A 8 -18.95 5.96 -9.30
CA SER A 8 -17.67 6.61 -9.05
C SER A 8 -16.76 5.60 -8.37
N TYR A 9 -15.59 5.34 -8.95
CA TYR A 9 -14.57 4.53 -8.28
C TYR A 9 -13.68 5.44 -7.44
N TYR A 10 -13.08 4.85 -6.43
CA TYR A 10 -12.22 5.47 -5.43
C TYR A 10 -10.92 4.67 -5.44
N PHE A 11 -9.80 5.32 -5.77
CA PHE A 11 -8.54 4.67 -6.10
C PHE A 11 -7.36 5.57 -5.71
N SER A 12 -7.15 5.78 -4.42
CA SER A 12 -6.13 6.67 -3.86
C SER A 12 -5.73 6.15 -2.46
N TYR A 13 -4.97 6.92 -1.68
CA TYR A 13 -4.85 6.59 -0.27
C TYR A 13 -6.13 7.07 0.43
N ALA A 14 -6.16 8.30 0.92
CA ALA A 14 -7.33 8.94 1.50
C ALA A 14 -7.11 10.46 1.61
N ASP A 15 -5.91 10.89 2.03
CA ASP A 15 -5.54 12.28 2.21
C ASP A 15 -4.60 12.58 1.07
N GLY A 16 -5.22 12.71 -0.09
CA GLY A 16 -4.76 13.61 -1.10
C GLY A 16 -3.55 13.08 -1.87
N GLY A 17 -3.34 11.77 -1.87
CA GLY A 17 -2.15 11.20 -2.45
C GLY A 17 -2.37 9.78 -2.94
N THR A 18 -1.36 9.32 -3.65
CA THR A 18 -1.28 8.02 -4.26
C THR A 18 0.10 7.41 -4.04
N SER A 19 0.92 7.95 -3.13
CA SER A 19 2.27 7.47 -2.96
C SER A 19 2.80 7.71 -1.54
N HIS A 20 3.27 6.64 -0.91
CA HIS A 20 3.90 6.66 0.41
C HIS A 20 5.41 6.41 0.30
N THR A 21 6.15 6.93 1.26
CA THR A 21 7.59 6.77 1.44
C THR A 21 7.82 6.78 2.96
N GLU A 22 8.76 5.99 3.47
CA GLU A 22 9.21 6.06 4.86
C GLU A 22 10.73 5.98 4.92
N TYR A 23 11.34 6.58 5.95
CA TYR A 23 12.78 6.65 6.10
C TYR A 23 13.15 6.28 7.54
N PRO A 24 12.95 5.02 8.00
CA PRO A 24 13.27 4.62 9.36
C PRO A 24 14.78 4.67 9.64
N ASP A 25 15.17 4.32 10.87
CA ASP A 25 16.54 4.38 11.35
C ASP A 25 16.68 3.27 12.39
N ASP A 26 17.89 3.06 12.90
CA ASP A 26 18.27 2.19 14.01
C ASP A 26 17.83 0.76 13.79
N SER A 27 16.60 0.41 14.15
CA SER A 27 15.86 -0.76 13.70
C SER A 27 14.37 -0.40 13.82
N SER A 28 13.67 -0.14 12.72
CA SER A 28 12.20 -0.08 12.72
C SER A 28 11.61 -0.83 11.53
N ALA A 29 10.99 -1.98 11.82
CA ALA A 29 10.21 -2.80 10.89
C ALA A 29 9.07 -3.47 11.67
N GLY A 30 7.94 -3.75 11.03
CA GLY A 30 6.83 -4.46 11.63
C GLY A 30 5.58 -4.32 10.76
N SER A 31 4.45 -4.75 11.31
CA SER A 31 3.16 -4.78 10.67
C SER A 31 2.31 -3.60 11.12
N PHE A 32 1.89 -2.75 10.18
CA PHE A 32 0.88 -1.71 10.41
C PHE A 32 -0.29 -1.77 9.41
N ILE A 33 -1.21 -0.79 9.45
CA ILE A 33 -2.41 -0.66 8.62
C ILE A 33 -2.38 0.76 8.03
N LEU A 34 -3.03 1.04 6.88
CA LEU A 34 -2.93 2.33 6.21
C LEU A 34 -4.29 2.84 5.73
N ASP A 35 -4.42 4.17 5.68
CA ASP A 35 -5.60 4.89 5.23
C ASP A 35 -5.61 4.90 3.71
N ILE A 36 -6.20 3.87 3.12
CA ILE A 36 -6.30 3.68 1.68
C ILE A 36 -7.78 3.52 1.31
N THR A 37 -8.16 3.88 0.09
CA THR A 37 -9.51 3.78 -0.41
C THR A 37 -9.52 2.90 -1.65
N SER A 38 -10.47 1.98 -1.72
CA SER A 38 -10.62 1.02 -2.81
C SER A 38 -12.07 0.53 -2.84
N TYR A 39 -12.97 1.31 -3.44
CA TYR A 39 -14.35 0.89 -3.64
C TYR A 39 -14.93 1.58 -4.86
N LYS A 40 -16.11 1.15 -5.28
CA LYS A 40 -16.95 1.84 -6.25
C LYS A 40 -18.29 2.14 -5.59
N LYS A 41 -18.69 3.40 -5.62
CA LYS A 41 -19.94 3.90 -5.07
C LYS A 41 -20.92 3.99 -6.22
N THR A 42 -22.12 3.45 -6.04
CA THR A 42 -23.19 3.48 -7.02
C THR A 42 -24.45 2.98 -6.31
N GLY A 43 -25.62 3.24 -6.87
CA GLY A 43 -26.89 3.05 -6.21
C GLY A 43 -26.87 3.79 -4.88
N ASN A 44 -26.91 3.03 -3.78
CA ASN A 44 -26.85 3.54 -2.41
C ASN A 44 -25.99 2.56 -1.61
N SER A 45 -24.82 2.27 -2.14
CA SER A 45 -23.92 1.22 -1.68
C SER A 45 -22.50 1.57 -2.10
N THR A 46 -21.53 0.87 -1.49
CA THR A 46 -20.14 0.87 -1.92
C THR A 46 -19.67 -0.58 -1.92
N LYS A 47 -19.58 -1.23 -3.08
CA LYS A 47 -18.81 -2.48 -3.15
C LYS A 47 -17.35 -2.10 -3.02
N ALA A 48 -16.69 -2.59 -1.98
CA ALA A 48 -15.23 -2.53 -1.91
C ALA A 48 -14.62 -3.35 -3.04
N LEU A 49 -13.33 -3.11 -3.28
CA LEU A 49 -12.51 -3.90 -4.16
C LEU A 49 -11.18 -4.16 -3.49
N SER A 50 -10.78 -5.43 -3.45
CA SER A 50 -9.42 -5.83 -3.17
C SER A 50 -8.48 -5.23 -4.22
N TRP A 51 -7.19 -5.25 -3.86
CA TRP A 51 -6.10 -4.94 -4.75
C TRP A 51 -5.01 -6.00 -4.58
N ASN A 52 -4.05 -6.05 -5.50
CA ASN A 52 -2.87 -6.90 -5.41
C ASN A 52 -1.63 -6.04 -5.63
N ALA A 53 -0.45 -6.56 -5.27
CA ALA A 53 0.81 -5.82 -5.19
C ALA A 53 1.98 -6.76 -5.51
N SER A 54 3.19 -6.21 -5.70
CA SER A 54 4.47 -6.92 -5.63
C SER A 54 5.63 -5.96 -5.95
N GLY A 55 6.87 -6.40 -5.71
CA GLY A 55 8.06 -5.61 -5.92
C GLY A 55 9.26 -6.32 -5.32
N ASP A 56 9.81 -5.78 -4.23
CA ASP A 56 10.80 -6.45 -3.39
C ASP A 56 10.18 -7.69 -2.71
N SER A 57 11.02 -8.59 -2.20
CA SER A 57 10.63 -9.85 -1.55
C SER A 57 10.00 -9.62 -0.17
N TRP A 58 10.55 -8.67 0.58
CA TRP A 58 10.41 -8.56 2.03
C TRP A 58 9.20 -7.73 2.45
N ILE A 59 8.20 -7.57 1.59
CA ILE A 59 7.09 -6.65 1.76
C ILE A 59 5.83 -7.46 1.50
N HIS A 60 4.83 -7.33 2.38
CA HIS A 60 3.71 -8.25 2.48
C HIS A 60 2.40 -7.45 2.56
N VAL A 61 1.40 -7.83 1.76
CA VAL A 61 0.09 -7.17 1.75
C VAL A 61 -1.02 -8.20 1.97
N ASN A 62 -1.97 -7.87 2.83
CA ASN A 62 -3.18 -8.66 3.05
C ASN A 62 -4.38 -7.72 3.15
N GLY A 63 -4.82 -7.19 2.00
CA GLY A 63 -5.90 -6.20 1.91
C GLY A 63 -5.58 -5.02 2.81
N SER A 64 -6.42 -4.77 3.82
CA SER A 64 -6.18 -3.74 4.83
C SER A 64 -5.15 -4.19 5.88
N SER A 65 -3.99 -4.67 5.46
CA SER A 65 -2.86 -5.02 6.33
C SER A 65 -1.59 -4.78 5.53
N VAL A 66 -0.49 -4.47 6.21
CA VAL A 66 0.78 -4.11 5.59
C VAL A 66 1.87 -4.65 6.52
N SER A 67 2.95 -5.21 5.96
CA SER A 67 4.18 -5.46 6.72
C SER A 67 5.36 -5.26 5.78
N TYR A 68 6.50 -4.85 6.33
CA TYR A 68 7.77 -4.70 5.64
C TYR A 68 8.81 -5.21 6.63
N ASP A 69 9.52 -6.26 6.23
CA ASP A 69 10.48 -6.99 7.06
C ASP A 69 11.76 -6.17 7.23
N GLU A 70 12.58 -6.50 8.23
CA GLU A 70 13.80 -5.75 8.55
C GLU A 70 14.98 -6.25 7.71
N ASN A 71 15.89 -5.34 7.35
CA ASN A 71 16.80 -5.49 6.21
C ASN A 71 17.84 -6.62 6.39
N PRO A 72 18.22 -7.34 5.31
CA PRO A 72 19.09 -8.52 5.39
C PRO A 72 20.60 -8.23 5.35
N ALA A 73 21.02 -7.00 5.07
CA ALA A 73 22.43 -6.59 5.06
C ALA A 73 22.48 -5.10 5.38
N LYS A 74 23.68 -4.54 5.63
CA LYS A 74 23.85 -3.24 6.25
C LYS A 74 23.68 -2.08 5.27
N GLU A 75 23.66 -2.38 3.99
CA GLU A 75 23.46 -1.38 2.96
C GLU A 75 22.11 -0.69 3.16
N ARG A 76 21.89 0.45 2.50
CA ARG A 76 20.58 1.09 2.40
C ARG A 76 20.07 0.89 0.98
N ARG A 77 18.93 0.25 0.83
CA ARG A 77 18.16 0.13 -0.41
C ARG A 77 16.96 1.06 -0.31
N THR A 78 16.25 1.21 -1.42
CA THR A 78 14.86 1.61 -1.45
C THR A 78 14.11 0.31 -1.79
N GLY A 79 13.37 -0.26 -0.85
CA GLY A 79 12.36 -1.26 -1.17
C GLY A 79 11.27 -0.56 -1.97
N LEU A 80 10.75 -1.21 -3.03
CA LEU A 80 9.79 -0.57 -3.93
C LEU A 80 8.69 -1.56 -4.29
N VAL A 81 7.41 -1.17 -4.22
CA VAL A 81 6.28 -2.03 -4.56
C VAL A 81 5.21 -1.21 -5.28
N THR A 82 4.48 -1.87 -6.18
CA THR A 82 3.33 -1.33 -6.90
C THR A 82 2.04 -1.93 -6.30
N LEU A 83 0.85 -1.51 -6.78
CA LEU A 83 -0.41 -2.20 -6.59
C LEU A 83 -1.35 -1.93 -7.78
N LYS A 84 -2.43 -2.70 -7.94
CA LYS A 84 -3.52 -2.51 -8.93
C LYS A 84 -4.82 -3.11 -8.36
N GLN A 85 -6.00 -2.69 -8.83
CA GLN A 85 -7.30 -3.11 -8.28
C GLN A 85 -7.89 -4.24 -9.11
N ASP A 86 -8.85 -4.96 -8.53
CA ASP A 86 -9.64 -6.00 -9.20
C ASP A 86 -10.35 -5.48 -10.47
N GLU A 87 -11.37 -4.62 -10.34
CA GLU A 87 -12.14 -4.14 -11.51
C GLU A 87 -11.53 -2.88 -12.15
N SER A 88 -10.58 -2.24 -11.48
CA SER A 88 -10.03 -0.93 -11.82
C SER A 88 -8.51 -1.00 -11.78
N GLY A 89 -7.84 0.12 -11.52
CA GLY A 89 -6.43 0.34 -11.75
C GLY A 89 -5.88 1.17 -10.60
N LYS A 90 -6.20 0.80 -9.35
CA LYS A 90 -5.71 1.54 -8.19
C LYS A 90 -4.20 1.33 -8.08
N THR A 91 -3.41 2.21 -8.67
CA THR A 91 -1.97 2.15 -8.51
C THR A 91 -1.58 3.12 -7.40
N LEU A 92 -0.74 2.64 -6.49
CA LEU A 92 -0.01 3.43 -5.50
C LEU A 92 1.46 3.06 -5.71
N SER A 93 2.35 3.91 -5.20
CA SER A 93 3.77 3.61 -5.10
C SER A 93 4.13 3.57 -3.61
N LEU A 94 4.71 2.46 -3.17
CA LEU A 94 5.24 2.29 -1.82
C LEU A 94 6.77 2.33 -1.92
N LYS A 95 7.44 3.10 -1.07
CA LYS A 95 8.90 3.11 -0.90
C LYS A 95 9.22 2.95 0.58
N ILE A 96 10.29 2.24 0.88
CA ILE A 96 10.87 2.17 2.22
C ILE A 96 12.37 2.31 2.02
N VAL A 97 12.99 3.37 2.55
CA VAL A 97 14.42 3.53 2.58
C VAL A 97 14.82 3.29 4.03
N GLN A 98 15.21 2.06 4.39
CA GLN A 98 15.69 1.77 5.74
C GLN A 98 17.22 1.57 5.67
N PRO A 99 17.99 1.99 6.69
CA PRO A 99 19.37 1.56 6.84
C PRO A 99 19.37 0.08 7.13
N GLY A 100 20.47 -0.59 6.83
CA GLY A 100 20.52 -2.02 6.86
C GLY A 100 21.00 -2.59 8.18
N LYS A 101 20.82 -3.89 8.38
CA LYS A 101 21.10 -4.62 9.62
C LYS A 101 21.89 -5.89 9.31
N THR A 102 22.58 -6.43 10.30
CA THR A 102 23.06 -7.79 10.38
C THR A 102 22.97 -8.19 11.85
N SER A 103 21.83 -8.74 12.26
CA SER A 103 21.59 -9.15 13.63
C SER A 103 20.67 -10.36 13.62
N ILE A 104 20.69 -11.18 14.67
CA ILE A 104 19.93 -12.43 14.77
C ILE A 104 18.42 -12.20 15.01
N ASP A 105 17.79 -11.28 14.30
CA ASP A 105 16.39 -10.89 14.47
C ASP A 105 15.77 -10.89 13.10
N GLY A 1 -34.58 16.85 -8.91
CA GLY A 1 -35.50 15.75 -8.54
C GLY A 1 -34.97 14.45 -9.14
N HIS A 2 -35.76 13.37 -9.09
CA HIS A 2 -35.32 12.01 -9.40
C HIS A 2 -33.99 11.66 -8.72
N MET A 3 -33.31 10.61 -9.17
CA MET A 3 -31.97 10.23 -8.75
C MET A 3 -31.24 9.82 -10.05
N GLY A 4 -29.92 9.57 -9.99
CA GLY A 4 -29.13 9.10 -11.11
C GLY A 4 -27.76 9.77 -11.09
N SER A 5 -26.72 8.99 -11.40
CA SER A 5 -25.36 9.44 -11.63
C SER A 5 -24.56 8.23 -12.20
N PRO A 6 -23.39 8.44 -12.82
CA PRO A 6 -22.49 7.34 -13.12
C PRO A 6 -21.95 6.74 -11.81
N VAL A 7 -21.50 5.48 -11.84
CA VAL A 7 -20.83 4.89 -10.68
C VAL A 7 -19.58 5.71 -10.36
N SER A 8 -19.30 5.96 -9.08
CA SER A 8 -18.12 6.66 -8.62
C SER A 8 -17.12 5.63 -8.09
N TYR A 9 -16.10 5.29 -8.86
CA TYR A 9 -14.97 4.51 -8.36
C TYR A 9 -14.07 5.42 -7.52
N TYR A 10 -13.34 4.81 -6.61
CA TYR A 10 -12.38 5.40 -5.69
C TYR A 10 -11.18 4.44 -5.67
N PHE A 11 -10.00 4.92 -6.04
CA PHE A 11 -8.79 4.13 -6.18
C PHE A 11 -7.56 4.97 -5.82
N SER A 12 -7.63 5.75 -4.75
CA SER A 12 -6.56 6.59 -4.24
C SER A 12 -6.56 6.57 -2.71
N TYR A 13 -5.69 7.33 -2.03
CA TYR A 13 -5.60 7.36 -0.56
C TYR A 13 -6.84 8.03 0.06
N ALA A 14 -6.86 8.19 1.38
CA ALA A 14 -7.76 9.10 2.07
C ALA A 14 -7.02 10.14 2.91
N ASP A 15 -5.77 9.90 3.30
CA ASP A 15 -5.15 10.64 4.41
C ASP A 15 -4.52 11.96 4.00
N GLY A 16 -4.46 12.24 2.70
CA GLY A 16 -3.91 13.46 2.13
C GLY A 16 -2.65 13.16 1.33
N GLY A 17 -2.80 12.41 0.24
CA GLY A 17 -1.72 12.05 -0.66
C GLY A 17 -2.20 10.92 -1.59
N THR A 18 -1.28 10.25 -2.29
CA THR A 18 -1.54 9.03 -3.07
C THR A 18 -0.31 8.11 -3.16
N SER A 19 0.41 7.86 -2.06
CA SER A 19 1.45 6.83 -2.01
C SER A 19 1.80 6.53 -0.55
N HIS A 20 2.73 5.59 -0.35
CA HIS A 20 3.34 5.24 0.91
C HIS A 20 4.85 5.22 0.71
N THR A 21 5.55 6.15 1.36
CA THR A 21 7.01 6.20 1.39
C THR A 21 7.37 6.44 2.85
N GLU A 22 8.29 5.64 3.39
CA GLU A 22 8.79 5.87 4.74
C GLU A 22 10.31 5.85 4.65
N TYR A 23 10.93 6.66 5.51
CA TYR A 23 12.37 6.82 5.59
C TYR A 23 12.76 6.52 7.04
N PRO A 24 12.63 5.26 7.49
CA PRO A 24 12.98 4.90 8.85
C PRO A 24 14.49 4.96 9.07
N ASP A 25 14.89 4.70 10.31
CA ASP A 25 16.25 4.75 10.78
C ASP A 25 16.43 3.62 11.79
N ASP A 26 17.66 3.41 12.26
CA ASP A 26 18.03 2.57 13.40
C ASP A 26 17.52 1.12 13.25
N SER A 27 16.28 0.83 13.64
CA SER A 27 15.44 -0.28 13.18
C SER A 27 13.96 0.13 13.37
N SER A 28 13.24 0.53 12.32
CA SER A 28 11.80 0.79 12.40
C SER A 28 11.04 0.09 11.26
N ALA A 29 10.63 -1.16 11.50
CA ALA A 29 9.78 -1.96 10.64
C ALA A 29 8.84 -2.83 11.49
N GLY A 30 7.82 -3.41 10.86
CA GLY A 30 6.88 -4.32 11.48
C GLY A 30 5.59 -4.35 10.67
N SER A 31 4.52 -4.80 11.30
CA SER A 31 3.18 -4.84 10.74
C SER A 31 2.40 -3.61 11.24
N PHE A 32 1.88 -2.80 10.31
CA PHE A 32 1.03 -1.63 10.59
C PHE A 32 -0.11 -1.56 9.57
N ILE A 33 -0.85 -0.44 9.53
CA ILE A 33 -1.97 -0.20 8.62
C ILE A 33 -1.86 1.24 8.12
N LEU A 34 -2.23 1.48 6.87
CA LEU A 34 -2.38 2.80 6.27
C LEU A 34 -3.76 2.85 5.61
N ASP A 35 -4.30 4.03 5.32
CA ASP A 35 -5.72 4.20 5.02
C ASP A 35 -5.95 4.65 3.57
N ILE A 36 -6.37 3.69 2.74
CA ILE A 36 -6.49 3.81 1.30
C ILE A 36 -7.96 3.58 0.90
N THR A 37 -8.46 4.39 -0.04
CA THR A 37 -9.81 4.31 -0.57
C THR A 37 -9.82 3.41 -1.80
N SER A 38 -10.45 2.24 -1.69
CA SER A 38 -10.48 1.23 -2.74
C SER A 38 -11.88 0.64 -2.83
N TYR A 39 -12.82 1.36 -3.46
CA TYR A 39 -14.20 0.91 -3.63
C TYR A 39 -14.91 1.65 -4.76
N LYS A 40 -16.05 1.15 -5.23
CA LYS A 40 -16.97 1.87 -6.10
C LYS A 40 -18.26 2.16 -5.35
N LYS A 41 -18.96 3.24 -5.71
CA LYS A 41 -20.24 3.69 -5.15
C LYS A 41 -21.27 3.76 -6.27
N THR A 42 -22.40 3.09 -6.12
CA THR A 42 -23.52 3.17 -7.04
C THR A 42 -24.75 2.52 -6.39
N GLY A 43 -25.93 2.84 -6.95
CA GLY A 43 -27.23 2.49 -6.43
C GLY A 43 -27.39 3.08 -5.03
N ASN A 44 -27.24 2.23 -4.03
CA ASN A 44 -27.41 2.57 -2.61
C ASN A 44 -26.38 1.84 -1.76
N SER A 45 -25.16 1.67 -2.26
CA SER A 45 -24.07 0.99 -1.57
C SER A 45 -22.72 1.46 -2.09
N THR A 46 -21.67 1.07 -1.39
CA THR A 46 -20.32 0.95 -1.87
C THR A 46 -19.97 -0.53 -1.79
N LYS A 47 -19.03 -0.94 -2.62
CA LYS A 47 -18.42 -2.26 -2.64
C LYS A 47 -16.93 -2.05 -2.86
N ALA A 48 -16.11 -2.54 -1.95
CA ALA A 48 -14.66 -2.51 -2.07
C ALA A 48 -14.23 -3.40 -3.24
N LEU A 49 -13.04 -3.15 -3.79
CA LEU A 49 -12.40 -4.04 -4.74
C LEU A 49 -11.06 -4.45 -4.15
N SER A 50 -10.71 -5.71 -4.35
CA SER A 50 -9.41 -6.25 -4.01
C SER A 50 -8.34 -5.63 -4.91
N TRP A 51 -7.08 -5.91 -4.56
CA TRP A 51 -5.93 -5.61 -5.37
C TRP A 51 -4.96 -6.78 -5.29
N ASN A 52 -3.90 -6.70 -6.08
CA ASN A 52 -2.65 -7.40 -5.82
C ASN A 52 -1.65 -6.38 -5.38
N ALA A 53 -0.71 -6.83 -4.55
CA ALA A 53 0.59 -6.21 -4.38
C ALA A 53 1.62 -7.29 -4.66
N SER A 54 2.76 -6.90 -5.25
CA SER A 54 3.77 -7.85 -5.71
C SER A 54 5.10 -7.14 -5.73
N GLY A 55 6.08 -7.70 -5.03
CA GLY A 55 7.24 -6.98 -4.53
C GLY A 55 8.46 -7.87 -4.45
N ASP A 56 9.43 -7.43 -3.66
CA ASP A 56 10.75 -8.06 -3.58
C ASP A 56 10.87 -9.08 -2.45
N SER A 57 9.71 -9.51 -1.99
CA SER A 57 9.42 -10.63 -1.09
C SER A 57 9.72 -10.36 0.40
N TRP A 58 10.05 -9.12 0.74
CA TRP A 58 10.18 -8.68 2.14
C TRP A 58 9.08 -7.69 2.54
N ILE A 59 8.08 -7.46 1.68
CA ILE A 59 7.07 -6.42 1.83
C ILE A 59 5.72 -7.05 1.49
N HIS A 60 4.69 -6.70 2.24
CA HIS A 60 3.34 -7.23 2.19
C HIS A 60 2.36 -6.06 2.22
N VAL A 61 1.28 -6.13 1.45
CA VAL A 61 0.20 -5.14 1.49
C VAL A 61 -1.10 -5.94 1.32
N ASN A 62 -1.87 -6.00 2.39
CA ASN A 62 -3.16 -6.67 2.46
C ASN A 62 -4.28 -5.67 2.21
N GLY A 63 -5.50 -6.18 2.08
CA GLY A 63 -6.68 -5.41 1.74
C GLY A 63 -7.03 -4.28 2.71
N SER A 64 -6.41 -4.26 3.90
CA SER A 64 -6.49 -3.15 4.85
C SER A 64 -5.26 -3.16 5.78
N SER A 65 -4.07 -3.54 5.32
CA SER A 65 -2.93 -3.76 6.20
C SER A 65 -1.63 -3.67 5.39
N VAL A 66 -0.48 -3.47 6.04
CA VAL A 66 0.83 -3.36 5.41
C VAL A 66 1.91 -3.87 6.36
N SER A 67 2.91 -4.59 5.85
CA SER A 67 4.06 -5.00 6.65
C SER A 67 5.30 -4.96 5.77
N TYR A 68 6.46 -4.77 6.40
CA TYR A 68 7.75 -5.10 5.83
C TYR A 68 8.63 -5.58 6.97
N ASP A 69 9.61 -6.41 6.61
CA ASP A 69 10.72 -6.76 7.50
C ASP A 69 11.84 -5.75 7.21
N GLU A 70 13.05 -6.04 7.69
CA GLU A 70 14.25 -5.31 7.30
C GLU A 70 15.23 -6.28 6.62
N ASN A 71 16.27 -5.70 6.04
CA ASN A 71 17.30 -6.38 5.24
C ASN A 71 18.39 -7.02 6.11
N PRO A 72 19.06 -8.07 5.64
CA PRO A 72 20.10 -8.79 6.40
C PRO A 72 21.53 -8.22 6.23
N ALA A 73 21.72 -7.23 5.36
CA ALA A 73 23.02 -6.56 5.18
C ALA A 73 22.90 -5.11 5.64
N LYS A 74 24.03 -4.41 5.78
CA LYS A 74 24.11 -3.10 6.42
C LYS A 74 23.98 -1.94 5.42
N GLU A 75 23.89 -2.26 4.13
CA GLU A 75 23.75 -1.26 3.08
C GLU A 75 22.31 -0.73 3.03
N ARG A 76 22.12 0.41 2.36
CA ARG A 76 20.83 1.00 2.07
C ARG A 76 20.41 0.56 0.67
N ARG A 77 19.16 0.15 0.47
CA ARG A 77 18.55 -0.13 -0.82
C ARG A 77 17.09 0.29 -0.67
N THR A 78 16.64 1.25 -1.48
CA THR A 78 15.23 1.61 -1.55
C THR A 78 14.44 0.37 -1.95
N GLY A 79 13.44 -0.03 -1.15
CA GLY A 79 12.49 -1.02 -1.54
C GLY A 79 11.53 -0.48 -2.60
N LEU A 80 10.98 -1.37 -3.41
CA LEU A 80 10.01 -1.07 -4.45
C LEU A 80 9.06 -2.26 -4.57
N VAL A 81 7.79 -2.01 -4.29
CA VAL A 81 6.65 -2.86 -4.61
C VAL A 81 5.57 -1.94 -5.18
N THR A 82 4.56 -2.54 -5.79
CA THR A 82 3.46 -1.87 -6.47
C THR A 82 2.16 -2.42 -5.85
N LEU A 83 1.01 -1.84 -6.17
CA LEU A 83 -0.26 -2.54 -6.14
C LEU A 83 -1.14 -2.02 -7.25
N LYS A 84 -2.12 -2.81 -7.69
CA LYS A 84 -3.11 -2.45 -8.70
C LYS A 84 -4.40 -3.19 -8.35
N GLN A 85 -5.53 -2.49 -8.39
CA GLN A 85 -6.84 -3.04 -8.04
C GLN A 85 -7.32 -4.07 -9.07
N ASP A 86 -8.46 -4.68 -8.75
CA ASP A 86 -9.23 -5.63 -9.53
C ASP A 86 -9.76 -4.98 -10.82
N GLU A 87 -10.92 -4.31 -10.75
CA GLU A 87 -11.54 -3.68 -11.91
C GLU A 87 -10.78 -2.39 -12.29
N SER A 88 -10.22 -1.70 -11.29
CA SER A 88 -9.60 -0.38 -11.43
C SER A 88 -8.19 -0.51 -12.04
N GLY A 89 -7.32 0.51 -11.86
CA GLY A 89 -6.02 0.49 -12.50
C GLY A 89 -5.15 1.73 -12.33
N LYS A 90 -5.41 2.61 -11.36
CA LYS A 90 -4.28 3.31 -10.74
C LYS A 90 -3.40 2.28 -10.02
N THR A 91 -2.24 2.72 -9.57
CA THR A 91 -1.36 1.92 -8.75
C THR A 91 -0.87 2.75 -7.59
N LEU A 92 -0.47 2.13 -6.48
CA LEU A 92 0.34 2.81 -5.47
C LEU A 92 1.70 2.13 -5.46
N SER A 93 2.66 2.78 -4.81
CA SER A 93 4.07 2.39 -4.80
C SER A 93 4.53 2.48 -3.35
N LEU A 94 4.95 1.37 -2.75
CA LEU A 94 5.55 1.36 -1.41
C LEU A 94 7.05 1.52 -1.59
N LYS A 95 7.63 2.55 -0.98
CA LYS A 95 9.05 2.87 -1.05
C LYS A 95 9.55 3.03 0.37
N ILE A 96 10.05 1.95 0.96
CA ILE A 96 10.77 2.02 2.23
C ILE A 96 12.20 2.36 1.85
N VAL A 97 12.76 3.45 2.37
CA VAL A 97 14.20 3.70 2.31
C VAL A 97 14.71 3.43 3.72
N GLN A 98 15.13 2.20 4.01
CA GLN A 98 15.56 1.80 5.35
C GLN A 98 17.07 1.52 5.33
N PRO A 99 17.80 1.81 6.41
CA PRO A 99 19.19 1.41 6.62
C PRO A 99 19.28 -0.10 6.92
N GLY A 100 20.50 -0.64 7.04
CA GLY A 100 20.70 -2.06 7.20
C GLY A 100 21.09 -2.52 8.58
N LYS A 101 21.15 -3.85 8.76
CA LYS A 101 21.46 -4.53 10.00
C LYS A 101 22.26 -5.80 9.76
N THR A 102 22.55 -6.53 10.85
CA THR A 102 23.14 -7.85 10.86
C THR A 102 22.81 -8.46 12.23
N SER A 103 21.77 -9.27 12.33
CA SER A 103 21.44 -10.05 13.52
C SER A 103 20.81 -11.40 13.13
N ILE A 104 20.75 -12.34 14.09
CA ILE A 104 20.07 -13.63 13.98
C ILE A 104 18.55 -13.40 14.09
N ASP A 105 18.00 -12.69 13.11
CA ASP A 105 16.70 -12.04 13.20
C ASP A 105 15.87 -12.44 11.99
N GLY A 1 -34.10 16.22 -4.22
CA GLY A 1 -33.64 14.95 -3.61
C GLY A 1 -33.06 14.09 -4.72
N HIS A 2 -33.60 12.88 -4.90
CA HIS A 2 -33.42 12.03 -6.07
C HIS A 2 -32.03 11.38 -6.12
N MET A 3 -31.79 10.60 -7.17
CA MET A 3 -30.70 9.66 -7.36
C MET A 3 -30.47 9.53 -8.87
N GLY A 4 -29.41 8.82 -9.27
CA GLY A 4 -29.11 8.50 -10.66
C GLY A 4 -27.73 8.95 -11.10
N SER A 5 -26.99 9.67 -10.23
CA SER A 5 -25.61 10.06 -10.49
C SER A 5 -24.74 8.80 -10.70
N PRO A 6 -23.63 8.88 -11.47
CA PRO A 6 -22.86 7.71 -11.86
C PRO A 6 -22.13 7.06 -10.67
N VAL A 7 -21.59 5.87 -10.91
CA VAL A 7 -20.64 5.22 -10.02
C VAL A 7 -19.40 6.11 -9.83
N SER A 8 -18.76 5.98 -8.67
CA SER A 8 -17.58 6.73 -8.28
C SER A 8 -16.60 5.74 -7.67
N TYR A 9 -15.52 5.42 -8.39
CA TYR A 9 -14.43 4.60 -7.85
C TYR A 9 -13.47 5.50 -7.09
N TYR A 10 -12.77 4.90 -6.12
CA TYR A 10 -11.76 5.52 -5.29
C TYR A 10 -10.52 4.61 -5.30
N PHE A 11 -9.34 5.21 -5.23
CA PHE A 11 -8.06 4.59 -5.63
C PHE A 11 -6.84 5.42 -5.17
N SER A 12 -6.85 5.95 -3.95
CA SER A 12 -5.74 6.75 -3.41
C SER A 12 -5.53 6.46 -1.93
N TYR A 13 -4.50 7.07 -1.34
CA TYR A 13 -4.34 7.16 0.11
C TYR A 13 -5.14 8.36 0.60
N ALA A 14 -5.48 8.36 1.89
CA ALA A 14 -6.22 9.45 2.50
C ALA A 14 -5.33 10.69 2.71
N ASP A 15 -4.02 10.49 2.84
CA ASP A 15 -3.04 11.53 3.15
C ASP A 15 -2.88 12.57 2.05
N GLY A 16 -3.49 12.33 0.89
CA GLY A 16 -3.56 13.26 -0.22
C GLY A 16 -2.83 12.77 -1.45
N GLY A 17 -2.27 11.56 -1.44
CA GLY A 17 -1.43 11.08 -2.53
C GLY A 17 -1.91 9.75 -3.07
N THR A 18 -1.23 9.28 -4.11
CA THR A 18 -1.41 7.96 -4.68
C THR A 18 -0.11 7.15 -4.54
N SER A 19 0.73 7.47 -3.56
CA SER A 19 1.89 6.68 -3.19
C SER A 19 2.09 6.74 -1.69
N HIS A 20 2.62 5.65 -1.13
CA HIS A 20 3.16 5.56 0.21
C HIS A 20 4.68 5.67 0.10
N THR A 21 5.33 6.37 1.02
CA THR A 21 6.77 6.37 1.17
C THR A 21 7.05 6.43 2.67
N GLU A 22 7.21 5.27 3.33
CA GLU A 22 7.59 5.30 4.73
C GLU A 22 9.07 5.62 4.86
N TYR A 23 9.41 6.23 6.01
CA TYR A 23 10.78 6.40 6.45
C TYR A 23 10.87 5.89 7.90
N PRO A 24 11.05 4.57 8.12
CA PRO A 24 11.31 4.00 9.43
C PRO A 24 12.77 4.23 9.83
N ASP A 25 13.08 3.92 11.08
CA ASP A 25 14.40 3.98 11.68
C ASP A 25 14.43 3.00 12.85
N ASP A 26 15.62 2.70 13.35
CA ASP A 26 15.91 2.17 14.68
C ASP A 26 15.38 0.75 14.90
N SER A 27 14.09 0.53 15.17
CA SER A 27 13.45 -0.79 15.09
C SER A 27 13.18 -1.22 13.65
N SER A 28 13.63 -0.45 12.65
CA SER A 28 13.49 -0.75 11.23
C SER A 28 12.00 -0.87 10.83
N ALA A 29 11.69 -1.45 9.67
CA ALA A 29 10.34 -1.66 9.18
C ALA A 29 9.48 -2.47 10.16
N GLY A 30 8.18 -2.59 9.90
CA GLY A 30 7.27 -3.26 10.80
C GLY A 30 5.94 -3.53 10.13
N SER A 31 4.92 -3.75 10.96
CA SER A 31 3.59 -4.14 10.53
C SER A 31 2.60 -3.10 11.05
N PHE A 32 1.98 -2.32 10.15
CA PHE A 32 0.98 -1.29 10.47
C PHE A 32 -0.25 -1.43 9.57
N ILE A 33 -1.15 -0.44 9.58
CA ILE A 33 -2.39 -0.39 8.83
C ILE A 33 -2.49 1.00 8.19
N LEU A 34 -2.38 1.05 6.87
CA LEU A 34 -2.43 2.27 6.08
C LEU A 34 -3.87 2.69 5.82
N ASP A 35 -4.07 3.98 5.52
CA ASP A 35 -5.36 4.54 5.12
C ASP A 35 -5.41 4.53 3.59
N ILE A 36 -5.74 3.38 3.00
CA ILE A 36 -5.90 3.21 1.55
C ILE A 36 -7.40 3.13 1.28
N THR A 37 -7.87 3.95 0.33
CA THR A 37 -9.22 3.96 -0.16
C THR A 37 -9.29 3.10 -1.42
N SER A 38 -10.10 2.04 -1.44
CA SER A 38 -10.36 1.27 -2.65
C SER A 38 -11.78 0.73 -2.61
N TYR A 39 -12.71 1.46 -3.21
CA TYR A 39 -14.11 1.05 -3.32
C TYR A 39 -14.75 1.78 -4.50
N LYS A 40 -15.95 1.35 -4.87
CA LYS A 40 -16.81 1.99 -5.84
C LYS A 40 -18.14 2.23 -5.17
N LYS A 41 -18.54 3.50 -5.10
CA LYS A 41 -19.81 3.93 -4.55
C LYS A 41 -20.77 4.04 -5.71
N THR A 42 -21.97 3.48 -5.57
CA THR A 42 -23.00 3.56 -6.59
C THR A 42 -24.32 3.10 -5.97
N GLY A 43 -25.43 3.55 -6.54
CA GLY A 43 -26.77 3.17 -6.15
C GLY A 43 -26.96 3.40 -4.66
N ASN A 44 -26.89 2.34 -3.87
CA ASN A 44 -26.94 2.40 -2.42
C ASN A 44 -26.03 1.33 -1.83
N SER A 45 -24.78 1.32 -2.26
CA SER A 45 -23.71 0.49 -1.71
C SER A 45 -22.34 1.11 -1.98
N THR A 46 -21.34 0.56 -1.29
CA THR A 46 -19.93 0.80 -1.53
C THR A 46 -19.23 -0.55 -1.63
N LYS A 47 -19.18 -1.10 -2.83
CA LYS A 47 -18.47 -2.36 -3.07
C LYS A 47 -16.98 -2.03 -2.88
N ALA A 48 -16.33 -2.62 -1.88
CA ALA A 48 -14.89 -2.47 -1.73
C ALA A 48 -14.22 -3.19 -2.90
N LEU A 49 -13.02 -2.74 -3.27
CA LEU A 49 -12.14 -3.43 -4.19
C LEU A 49 -10.86 -3.76 -3.44
N SER A 50 -10.35 -4.96 -3.66
CA SER A 50 -9.01 -5.34 -3.23
C SER A 50 -7.97 -4.89 -4.26
N TRP A 51 -6.70 -5.11 -3.98
CA TRP A 51 -5.59 -4.99 -4.93
C TRP A 51 -4.72 -6.25 -4.78
N ASN A 52 -3.78 -6.45 -5.70
CA ASN A 52 -2.82 -7.55 -5.64
C ASN A 52 -1.44 -6.94 -5.86
N ALA A 53 -0.48 -7.33 -5.03
CA ALA A 53 0.85 -6.71 -4.97
C ALA A 53 1.91 -7.75 -5.37
N SER A 54 3.02 -7.31 -5.95
CA SER A 54 4.08 -8.21 -6.41
C SER A 54 5.37 -7.47 -6.72
N GLY A 55 6.49 -8.13 -6.43
CA GLY A 55 7.84 -7.65 -6.57
C GLY A 55 8.64 -8.24 -5.41
N ASP A 56 9.20 -7.38 -4.57
CA ASP A 56 10.06 -7.70 -3.42
C ASP A 56 9.50 -8.82 -2.54
N SER A 57 10.39 -9.62 -1.95
CA SER A 57 10.06 -10.71 -1.02
C SER A 57 9.66 -10.24 0.38
N TRP A 58 9.88 -8.98 0.72
CA TRP A 58 9.85 -8.47 2.09
C TRP A 58 8.75 -7.44 2.27
N ILE A 59 7.76 -7.46 1.39
CA ILE A 59 6.73 -6.45 1.27
C ILE A 59 5.44 -7.23 1.15
N HIS A 60 4.68 -7.26 2.24
CA HIS A 60 3.57 -8.17 2.43
C HIS A 60 2.30 -7.34 2.55
N VAL A 61 1.18 -7.86 2.03
CA VAL A 61 -0.06 -7.09 2.04
C VAL A 61 -1.26 -8.02 2.22
N ASN A 62 -2.22 -7.56 3.03
CA ASN A 62 -3.48 -8.22 3.28
C ASN A 62 -4.49 -7.13 3.63
N GLY A 63 -5.17 -6.55 2.65
CA GLY A 63 -6.21 -5.54 2.82
C GLY A 63 -5.73 -4.37 3.68
N SER A 64 -6.44 -4.08 4.76
CA SER A 64 -6.03 -3.13 5.78
C SER A 64 -5.03 -3.77 6.74
N SER A 65 -3.93 -4.28 6.21
CA SER A 65 -2.76 -4.75 6.94
C SER A 65 -1.57 -4.58 6.00
N VAL A 66 -0.39 -4.32 6.57
CA VAL A 66 0.89 -4.48 5.90
C VAL A 66 1.83 -5.19 6.86
N SER A 67 2.86 -5.78 6.29
CA SER A 67 4.13 -5.90 6.97
C SER A 67 5.19 -5.56 5.93
N TYR A 68 6.31 -5.01 6.38
CA TYR A 68 7.53 -4.98 5.59
C TYR A 68 8.65 -5.50 6.52
N ASP A 69 9.80 -5.90 5.97
CA ASP A 69 10.97 -6.38 6.73
C ASP A 69 12.18 -5.53 6.33
N GLU A 70 13.29 -5.65 7.08
CA GLU A 70 14.52 -4.91 6.81
C GLU A 70 15.67 -5.88 6.56
N ASN A 71 16.74 -5.38 5.95
CA ASN A 71 17.76 -6.16 5.29
C ASN A 71 18.91 -6.50 6.25
N PRO A 72 19.77 -7.45 5.88
CA PRO A 72 20.80 -7.94 6.77
C PRO A 72 22.02 -7.02 6.79
N ALA A 73 22.34 -6.40 5.65
CA ALA A 73 23.53 -5.59 5.52
C ALA A 73 23.24 -4.18 5.98
N LYS A 74 24.29 -3.41 6.27
CA LYS A 74 24.15 -1.98 6.51
C LYS A 74 24.10 -1.22 5.19
N GLU A 75 23.91 -1.92 4.06
CA GLU A 75 23.47 -1.30 2.82
C GLU A 75 22.02 -0.85 3.00
N ARG A 76 21.52 0.01 2.12
CA ARG A 76 20.23 0.68 2.29
C ARG A 76 19.35 0.40 1.07
N ARG A 77 18.08 0.03 1.28
CA ARG A 77 17.32 -0.77 0.31
C ARG A 77 15.95 -0.14 0.03
N THR A 78 15.86 0.73 -0.97
CA THR A 78 14.57 1.23 -1.44
C THR A 78 13.81 0.09 -2.14
N GLY A 79 12.79 -0.49 -1.51
CA GLY A 79 11.90 -1.48 -2.14
C GLY A 79 10.83 -0.79 -3.00
N LEU A 80 10.19 -1.51 -3.94
CA LEU A 80 9.34 -0.88 -4.94
C LEU A 80 8.33 -1.85 -5.60
N VAL A 81 7.30 -2.24 -4.88
CA VAL A 81 6.25 -3.12 -5.37
C VAL A 81 5.14 -2.28 -6.02
N THR A 82 4.45 -2.85 -7.02
CA THR A 82 3.23 -2.27 -7.58
C THR A 82 2.04 -2.86 -6.82
N LEU A 83 0.93 -2.10 -6.70
CA LEU A 83 -0.38 -2.63 -6.34
C LEU A 83 -1.45 -1.92 -7.17
N LYS A 84 -2.00 -2.63 -8.17
CA LYS A 84 -3.17 -2.22 -8.94
C LYS A 84 -4.42 -2.85 -8.33
N GLN A 85 -5.54 -2.11 -8.31
CA GLN A 85 -6.83 -2.56 -7.81
C GLN A 85 -7.38 -3.70 -8.67
N ASP A 86 -8.37 -4.43 -8.16
CA ASP A 86 -9.14 -5.45 -8.89
C ASP A 86 -9.82 -4.89 -10.16
N GLU A 87 -10.29 -3.64 -10.09
CA GLU A 87 -11.17 -3.05 -11.10
C GLU A 87 -10.81 -1.63 -11.51
N SER A 88 -10.19 -0.84 -10.64
CA SER A 88 -9.55 0.41 -11.03
C SER A 88 -8.20 0.07 -11.66
N GLY A 89 -7.27 1.01 -11.67
CA GLY A 89 -6.01 0.85 -12.38
C GLY A 89 -4.88 1.71 -11.83
N LYS A 90 -5.15 2.68 -10.96
CA LYS A 90 -4.13 3.52 -10.37
C LYS A 90 -3.12 2.67 -9.61
N THR A 91 -1.91 2.58 -10.12
CA THR A 91 -0.84 1.83 -9.48
C THR A 91 -0.34 2.67 -8.31
N LEU A 92 -0.48 2.17 -7.08
CA LEU A 92 0.03 2.92 -5.94
C LEU A 92 1.51 2.59 -5.84
N SER A 93 2.38 3.59 -5.97
CA SER A 93 3.81 3.36 -5.76
C SER A 93 4.04 3.28 -4.24
N LEU A 94 4.98 2.44 -3.81
CA LEU A 94 5.18 2.11 -2.41
C LEU A 94 6.68 2.09 -2.19
N LYS A 95 7.23 3.10 -1.51
CA LYS A 95 8.67 3.32 -1.40
C LYS A 95 9.09 3.31 0.06
N ILE A 96 9.40 2.14 0.60
CA ILE A 96 10.06 2.08 1.89
C ILE A 96 11.45 2.66 1.65
N VAL A 97 11.83 3.69 2.40
CA VAL A 97 13.22 4.10 2.51
C VAL A 97 13.59 3.87 3.96
N GLN A 98 14.14 2.70 4.24
CA GLN A 98 14.60 2.30 5.56
C GLN A 98 16.13 2.33 5.60
N PRO A 99 16.75 2.46 6.79
CA PRO A 99 18.20 2.33 7.01
C PRO A 99 18.67 0.88 6.83
N GLY A 100 19.88 0.57 7.30
CA GLY A 100 20.50 -0.75 7.14
C GLY A 100 21.08 -1.26 8.46
N LYS A 101 20.98 -2.57 8.67
CA LYS A 101 21.22 -3.29 9.93
C LYS A 101 22.66 -3.82 9.99
N THR A 102 23.15 -4.15 11.18
CA THR A 102 24.43 -4.85 11.37
C THR A 102 24.40 -5.46 12.76
N SER A 103 23.96 -6.71 12.88
CA SER A 103 23.80 -7.37 14.16
C SER A 103 24.14 -8.85 14.06
N ILE A 104 24.17 -9.53 15.21
CA ILE A 104 24.25 -10.98 15.28
C ILE A 104 22.84 -11.50 14.98
N ASP A 105 22.48 -11.58 13.68
CA ASP A 105 21.23 -12.17 13.20
C ASP A 105 21.52 -13.38 12.32
N GLY A 1 -35.87 14.95 -16.75
CA GLY A 1 -36.10 13.61 -17.30
C GLY A 1 -35.52 12.63 -16.31
N HIS A 2 -34.74 11.65 -16.78
CA HIS A 2 -33.75 11.01 -15.91
C HIS A 2 -32.74 12.08 -15.45
N MET A 3 -31.96 11.74 -14.43
CA MET A 3 -30.70 12.37 -14.02
C MET A 3 -29.84 11.23 -13.48
N GLY A 4 -28.55 11.47 -13.24
CA GLY A 4 -27.64 10.48 -12.70
C GLY A 4 -26.19 10.89 -12.95
N SER A 5 -25.26 10.09 -12.45
CA SER A 5 -23.83 10.29 -12.62
C SER A 5 -23.18 8.90 -12.76
N PRO A 6 -22.06 8.77 -13.49
CA PRO A 6 -21.41 7.49 -13.70
C PRO A 6 -20.75 6.99 -12.42
N VAL A 7 -20.30 5.75 -12.47
CA VAL A 7 -19.72 5.05 -11.33
C VAL A 7 -18.35 5.66 -11.03
N SER A 8 -18.21 6.33 -9.88
CA SER A 8 -16.90 6.81 -9.45
C SER A 8 -16.15 5.65 -8.80
N TYR A 9 -14.85 5.54 -9.05
CA TYR A 9 -13.96 4.54 -8.49
C TYR A 9 -12.92 5.23 -7.63
N TYR A 10 -13.10 5.13 -6.33
CA TYR A 10 -12.23 5.69 -5.31
C TYR A 10 -11.11 4.69 -5.08
N PHE A 11 -9.87 5.05 -5.41
CA PHE A 11 -8.72 4.20 -5.17
C PHE A 11 -7.50 5.07 -4.88
N SER A 12 -7.40 5.61 -3.67
CA SER A 12 -6.32 6.51 -3.26
C SER A 12 -6.14 6.38 -1.74
N TYR A 13 -5.07 6.95 -1.19
CA TYR A 13 -4.94 7.17 0.25
C TYR A 13 -5.94 8.25 0.69
N ALA A 14 -6.08 8.41 2.01
CA ALA A 14 -6.72 9.58 2.62
C ALA A 14 -5.70 10.65 2.97
N ASP A 15 -4.40 10.33 2.97
CA ASP A 15 -3.37 11.13 3.64
C ASP A 15 -2.48 11.93 2.67
N GLY A 16 -2.67 11.76 1.36
CA GLY A 16 -1.87 12.47 0.38
C GLY A 16 -2.36 12.26 -1.04
N GLY A 17 -2.47 11.02 -1.51
CA GLY A 17 -2.70 10.80 -2.94
C GLY A 17 -2.62 9.34 -3.31
N THR A 18 -1.65 8.97 -4.13
CA THR A 18 -1.58 7.64 -4.75
C THR A 18 -0.22 6.96 -4.50
N SER A 19 0.54 7.40 -3.49
CA SER A 19 1.72 6.71 -2.97
C SER A 19 1.89 7.01 -1.48
N HIS A 20 2.60 6.13 -0.76
CA HIS A 20 3.12 6.38 0.57
C HIS A 20 4.64 6.15 0.53
N THR A 21 5.39 6.81 1.40
CA THR A 21 6.81 6.61 1.54
C THR A 21 7.13 6.75 3.04
N GLU A 22 7.91 5.82 3.59
CA GLU A 22 8.29 5.77 4.99
C GLU A 22 9.83 5.74 5.07
N TYR A 23 10.37 6.16 6.21
CA TYR A 23 11.77 6.45 6.44
C TYR A 23 12.22 5.98 7.85
N PRO A 24 12.04 4.71 8.24
CA PRO A 24 12.38 4.29 9.59
C PRO A 24 13.89 4.27 9.78
N ASP A 25 14.32 4.20 11.04
CA ASP A 25 15.72 4.24 11.42
C ASP A 25 15.89 3.64 12.81
N ASP A 26 17.14 3.27 13.13
CA ASP A 26 17.55 2.55 14.33
C ASP A 26 17.01 1.12 14.30
N SER A 27 15.73 0.92 14.58
CA SER A 27 15.04 -0.36 14.46
C SER A 27 13.52 -0.08 14.44
N SER A 28 12.91 0.15 13.27
CA SER A 28 11.45 0.24 13.13
C SER A 28 10.94 -0.48 11.87
N ALA A 29 10.45 -1.71 11.98
CA ALA A 29 9.70 -2.40 10.93
C ALA A 29 8.60 -3.27 11.58
N GLY A 30 7.66 -3.80 10.80
CA GLY A 30 6.72 -4.82 11.25
C GLY A 30 5.46 -4.77 10.41
N SER A 31 4.40 -5.44 10.87
CA SER A 31 3.09 -5.29 10.27
C SER A 31 2.42 -4.04 10.84
N PHE A 32 1.85 -3.21 9.95
CA PHE A 32 0.96 -2.11 10.30
C PHE A 32 -0.12 -1.95 9.22
N ILE A 33 -0.99 -0.96 9.36
CA ILE A 33 -2.10 -0.68 8.43
C ILE A 33 -1.99 0.82 8.07
N LEU A 34 -2.57 1.20 6.92
CA LEU A 34 -2.59 2.54 6.36
C LEU A 34 -4.01 2.81 5.85
N ASP A 35 -4.47 4.07 5.92
CA ASP A 35 -5.83 4.44 5.56
C ASP A 35 -5.93 4.60 4.04
N ILE A 36 -6.32 3.53 3.35
CA ILE A 36 -6.39 3.45 1.90
C ILE A 36 -7.83 3.16 1.50
N THR A 37 -8.34 3.94 0.55
CA THR A 37 -9.69 3.84 0.03
C THR A 37 -9.69 2.89 -1.18
N SER A 38 -10.71 2.03 -1.30
CA SER A 38 -10.75 0.99 -2.31
C SER A 38 -12.20 0.57 -2.60
N TYR A 39 -12.96 1.40 -3.32
CA TYR A 39 -14.37 1.07 -3.61
C TYR A 39 -14.89 1.77 -4.88
N LYS A 40 -16.11 1.42 -5.31
CA LYS A 40 -16.82 2.08 -6.40
C LYS A 40 -18.20 2.54 -5.92
N LYS A 41 -18.61 3.77 -6.25
CA LYS A 41 -19.81 4.42 -5.76
C LYS A 41 -20.79 4.62 -6.89
N THR A 42 -22.03 4.20 -6.70
CA THR A 42 -23.08 4.30 -7.70
C THR A 42 -24.42 3.94 -7.07
N GLY A 43 -25.51 4.39 -7.70
CA GLY A 43 -26.89 4.16 -7.28
C GLY A 43 -27.12 4.78 -5.90
N ASN A 44 -26.95 3.98 -4.86
CA ASN A 44 -27.01 4.40 -3.46
C ASN A 44 -26.15 3.44 -2.60
N SER A 45 -25.02 2.96 -3.13
CA SER A 45 -24.15 2.01 -2.44
C SER A 45 -22.70 2.21 -2.85
N THR A 46 -21.82 1.61 -2.05
CA THR A 46 -20.41 1.45 -2.31
C THR A 46 -20.04 -0.02 -2.07
N LYS A 47 -19.64 -0.73 -3.13
CA LYS A 47 -18.95 -2.01 -2.97
C LYS A 47 -17.47 -1.70 -2.89
N ALA A 48 -16.79 -2.23 -1.88
CA ALA A 48 -15.34 -2.23 -1.88
C ALA A 48 -14.83 -3.17 -2.97
N LEU A 49 -13.55 -3.03 -3.28
CA LEU A 49 -12.83 -3.89 -4.18
C LEU A 49 -11.57 -4.37 -3.47
N SER A 50 -11.32 -5.66 -3.43
CA SER A 50 -10.03 -6.19 -3.00
C SER A 50 -9.00 -5.95 -4.11
N TRP A 51 -7.73 -6.06 -3.73
CA TRP A 51 -6.56 -5.82 -4.53
C TRP A 51 -5.51 -6.88 -4.23
N ASN A 52 -4.43 -6.89 -5.01
CA ASN A 52 -3.25 -7.66 -4.65
C ASN A 52 -1.98 -6.90 -5.07
N ALA A 53 -0.84 -7.30 -4.54
CA ALA A 53 0.45 -6.60 -4.68
C ALA A 53 1.47 -7.51 -5.39
N SER A 54 2.72 -7.06 -5.53
CA SER A 54 3.96 -7.84 -5.62
C SER A 54 5.13 -6.88 -5.90
N GLY A 55 6.28 -7.16 -5.33
CA GLY A 55 7.52 -6.51 -5.71
C GLY A 55 8.72 -7.17 -5.03
N ASP A 56 9.33 -6.46 -4.09
CA ASP A 56 10.50 -6.92 -3.35
C ASP A 56 10.08 -8.07 -2.43
N SER A 57 10.92 -9.08 -2.25
CA SER A 57 10.60 -10.27 -1.43
C SER A 57 10.43 -9.96 0.06
N TRP A 58 10.75 -8.74 0.50
CA TRP A 58 10.76 -8.32 1.90
C TRP A 58 9.64 -7.33 2.21
N ILE A 59 8.64 -7.21 1.32
CA ILE A 59 7.49 -6.33 1.49
C ILE A 59 6.25 -7.20 1.25
N HIS A 60 5.25 -7.10 2.13
CA HIS A 60 4.07 -7.94 2.13
C HIS A 60 2.82 -7.07 2.22
N VAL A 61 1.73 -7.51 1.61
CA VAL A 61 0.46 -6.80 1.59
C VAL A 61 -0.64 -7.82 1.83
N ASN A 62 -1.13 -7.90 3.07
CA ASN A 62 -2.26 -8.70 3.51
C ASN A 62 -3.56 -7.89 3.38
N GLY A 63 -3.89 -7.54 2.14
CA GLY A 63 -4.84 -6.48 1.86
C GLY A 63 -4.35 -5.20 2.53
N SER A 64 -5.14 -4.61 3.44
CA SER A 64 -4.77 -3.37 4.10
C SER A 64 -3.55 -3.52 5.03
N SER A 65 -3.24 -4.71 5.55
CA SER A 65 -2.14 -4.89 6.47
C SER A 65 -0.81 -4.98 5.70
N VAL A 66 -0.14 -3.84 5.57
CA VAL A 66 1.20 -3.75 5.02
C VAL A 66 2.17 -4.40 6.00
N SER A 67 3.29 -4.96 5.53
CA SER A 67 4.43 -5.30 6.36
C SER A 67 5.70 -5.20 5.53
N TYR A 68 6.83 -5.04 6.20
CA TYR A 68 8.15 -5.23 5.62
C TYR A 68 9.13 -5.61 6.72
N ASP A 69 10.28 -6.17 6.35
CA ASP A 69 11.39 -6.47 7.26
C ASP A 69 12.57 -5.58 6.86
N GLU A 70 13.47 -5.33 7.81
CA GLU A 70 14.73 -4.66 7.54
C GLU A 70 15.59 -5.54 6.64
N ASN A 71 16.28 -4.91 5.70
CA ASN A 71 17.25 -5.57 4.83
C ASN A 71 18.48 -6.03 5.63
N PRO A 72 19.07 -7.18 5.25
CA PRO A 72 20.24 -7.74 5.91
C PRO A 72 21.57 -7.19 5.37
N ALA A 73 21.52 -6.36 4.33
CA ALA A 73 22.68 -5.66 3.79
C ALA A 73 22.89 -4.36 4.57
N LYS A 74 24.09 -3.76 4.46
CA LYS A 74 24.45 -2.56 5.22
C LYS A 74 24.16 -1.25 4.47
N GLU A 75 23.87 -1.33 3.18
CA GLU A 75 23.41 -0.17 2.42
C GLU A 75 21.97 0.15 2.77
N ARG A 76 21.55 1.39 2.50
CA ARG A 76 20.13 1.76 2.43
C ARG A 76 19.60 1.28 1.08
N ARG A 77 18.37 0.77 1.01
CA ARG A 77 17.84 0.07 -0.17
C ARG A 77 16.35 0.31 -0.24
N THR A 78 15.95 1.45 -0.80
CA THR A 78 14.54 1.75 -0.99
C THR A 78 13.90 0.75 -1.97
N GLY A 79 13.11 -0.19 -1.44
CA GLY A 79 12.28 -1.11 -2.22
C GLY A 79 11.05 -0.38 -2.76
N LEU A 80 10.31 -1.04 -3.67
CA LEU A 80 9.06 -0.52 -4.21
C LEU A 80 8.24 -1.65 -4.81
N VAL A 81 6.99 -1.82 -4.38
CA VAL A 81 6.08 -2.80 -4.97
C VAL A 81 5.03 -2.11 -5.84
N THR A 82 4.31 -2.87 -6.65
CA THR A 82 3.11 -2.40 -7.33
C THR A 82 1.92 -3.10 -6.69
N LEU A 83 0.72 -2.54 -6.89
CA LEU A 83 -0.55 -3.16 -6.56
C LEU A 83 -1.51 -2.87 -7.70
N LYS A 84 -2.52 -3.72 -7.90
CA LYS A 84 -3.70 -3.40 -8.71
C LYS A 84 -4.90 -3.93 -7.96
N GLN A 85 -6.03 -3.23 -8.08
CA GLN A 85 -7.31 -3.68 -7.56
C GLN A 85 -8.00 -4.60 -8.59
N ASP A 86 -9.11 -5.22 -8.19
CA ASP A 86 -9.96 -6.07 -9.03
C ASP A 86 -10.56 -5.26 -10.19
N GLU A 87 -11.59 -4.48 -9.90
CA GLU A 87 -12.24 -3.64 -10.89
C GLU A 87 -11.57 -2.27 -11.02
N SER A 88 -10.82 -1.82 -10.01
CA SER A 88 -10.05 -0.58 -10.05
C SER A 88 -8.69 -0.87 -10.71
N GLY A 89 -7.78 0.10 -10.77
CA GLY A 89 -6.57 -0.09 -11.57
C GLY A 89 -5.60 1.07 -11.58
N LYS A 90 -5.77 2.07 -10.72
CA LYS A 90 -4.61 2.88 -10.35
C LYS A 90 -3.57 1.94 -9.73
N THR A 91 -2.32 2.38 -9.72
CA THR A 91 -1.20 1.60 -9.24
C THR A 91 -0.56 2.38 -8.09
N LEU A 92 -0.77 1.87 -6.88
CA LEU A 92 -0.25 2.46 -5.66
C LEU A 92 1.24 2.14 -5.57
N SER A 93 1.94 2.86 -4.69
CA SER A 93 3.38 2.73 -4.50
C SER A 93 3.65 2.86 -3.00
N LEU A 94 4.70 2.18 -2.54
CA LEU A 94 5.18 2.11 -1.17
C LEU A 94 6.69 2.13 -1.31
N LYS A 95 7.36 3.15 -0.78
CA LYS A 95 8.81 3.21 -0.70
C LYS A 95 9.19 3.17 0.78
N ILE A 96 10.29 2.51 1.08
CA ILE A 96 10.72 2.22 2.45
C ILE A 96 12.20 2.55 2.51
N VAL A 97 12.57 3.73 3.00
CA VAL A 97 13.96 4.16 3.11
C VAL A 97 14.43 3.76 4.52
N GLN A 98 14.54 2.45 4.77
CA GLN A 98 14.95 1.89 6.06
C GLN A 98 16.47 1.71 6.08
N PRO A 99 17.14 1.50 7.23
CA PRO A 99 18.61 1.40 7.33
C PRO A 99 19.27 0.24 6.59
N GLY A 100 20.55 0.01 6.92
CA GLY A 100 21.18 -1.27 6.67
C GLY A 100 21.70 -1.87 7.96
N LYS A 101 21.80 -3.20 8.00
CA LYS A 101 21.97 -3.99 9.22
C LYS A 101 23.14 -4.95 9.06
N THR A 102 24.10 -4.91 9.97
CA THR A 102 25.19 -5.86 10.05
C THR A 102 25.65 -5.97 11.50
N SER A 103 25.06 -6.88 12.27
CA SER A 103 25.59 -7.36 13.55
C SER A 103 25.27 -8.86 13.73
N ILE A 104 25.40 -9.37 14.95
CA ILE A 104 25.22 -10.78 15.32
C ILE A 104 23.87 -11.05 16.00
N ASP A 105 22.92 -10.11 15.90
CA ASP A 105 21.63 -10.16 16.60
C ASP A 105 20.80 -11.38 16.24
N GLY A 1 -28.86 -7.34 -11.40
CA GLY A 1 -29.97 -6.64 -12.06
C GLY A 1 -30.42 -5.45 -11.23
N HIS A 2 -31.24 -4.57 -11.83
CA HIS A 2 -31.81 -3.38 -11.19
C HIS A 2 -30.73 -2.39 -10.77
N MET A 3 -30.13 -1.72 -11.76
CA MET A 3 -29.26 -0.57 -11.58
C MET A 3 -29.66 0.46 -12.64
N GLY A 4 -29.28 1.72 -12.46
CA GLY A 4 -29.63 2.81 -13.35
C GLY A 4 -29.15 4.11 -12.73
N SER A 5 -27.83 4.23 -12.57
CA SER A 5 -27.19 5.33 -11.86
C SER A 5 -25.72 5.42 -12.30
N PRO A 6 -25.00 6.52 -12.05
CA PRO A 6 -23.55 6.55 -12.15
C PRO A 6 -22.94 5.60 -11.11
N VAL A 7 -21.66 5.27 -11.26
CA VAL A 7 -20.92 4.44 -10.33
C VAL A 7 -19.56 5.09 -10.07
N SER A 8 -19.44 5.73 -8.91
CA SER A 8 -18.27 6.48 -8.50
C SER A 8 -17.29 5.49 -7.89
N TYR A 9 -16.09 5.39 -8.46
CA TYR A 9 -15.01 4.60 -7.92
C TYR A 9 -14.11 5.54 -7.12
N TYR A 10 -13.76 5.12 -5.91
CA TYR A 10 -12.77 5.78 -5.07
C TYR A 10 -11.49 4.96 -5.19
N PHE A 11 -10.39 5.59 -5.60
CA PHE A 11 -9.15 4.91 -5.93
C PHE A 11 -7.98 5.88 -5.74
N SER A 12 -7.71 6.25 -4.49
CA SER A 12 -6.39 6.71 -4.06
C SER A 12 -6.23 6.48 -2.54
N TYR A 13 -5.34 7.20 -1.86
CA TYR A 13 -5.30 7.27 -0.41
C TYR A 13 -6.30 8.33 0.05
N ALA A 14 -6.83 8.17 1.26
CA ALA A 14 -7.76 9.12 1.88
C ALA A 14 -7.03 10.33 2.42
N ASP A 15 -5.72 10.20 2.71
CA ASP A 15 -4.82 11.33 2.91
C ASP A 15 -4.73 12.22 1.66
N GLY A 16 -5.33 11.80 0.53
CA GLY A 16 -5.53 12.65 -0.62
C GLY A 16 -4.33 12.64 -1.55
N GLY A 17 -3.37 11.73 -1.33
CA GLY A 17 -2.19 11.59 -2.17
C GLY A 17 -2.27 10.35 -3.06
N THR A 18 -1.18 10.08 -3.79
CA THR A 18 -1.04 8.91 -4.64
C THR A 18 0.24 8.13 -4.36
N SER A 19 0.87 8.26 -3.19
CA SER A 19 2.09 7.51 -2.89
C SER A 19 2.38 7.44 -1.39
N HIS A 20 3.45 6.73 -1.05
CA HIS A 20 4.06 6.77 0.28
C HIS A 20 5.57 6.55 0.15
N THR A 21 6.40 7.33 0.86
CA THR A 21 7.84 7.11 0.97
C THR A 21 8.30 7.37 2.41
N GLU A 22 8.64 6.32 3.15
CA GLU A 22 9.18 6.45 4.49
C GLU A 22 10.70 6.26 4.49
N TYR A 23 11.34 6.78 5.53
CA TYR A 23 12.78 6.81 5.73
C TYR A 23 13.12 6.45 7.21
N PRO A 24 12.68 5.30 7.74
CA PRO A 24 12.92 4.92 9.13
C PRO A 24 14.39 4.54 9.35
N ASP A 25 14.79 4.21 10.59
CA ASP A 25 16.09 3.67 10.94
C ASP A 25 16.06 2.90 12.25
N ASP A 26 17.20 2.29 12.60
CA ASP A 26 17.46 1.40 13.73
C ASP A 26 16.71 0.07 13.64
N SER A 27 15.42 0.03 14.02
CA SER A 27 14.62 -1.18 14.09
C SER A 27 13.13 -0.94 13.81
N SER A 28 12.73 0.27 13.41
CA SER A 28 11.33 0.61 13.19
C SER A 28 10.82 0.07 11.85
N ALA A 29 10.37 -1.18 11.87
CA ALA A 29 9.65 -1.85 10.80
C ALA A 29 8.62 -2.79 11.43
N GLY A 30 7.54 -3.09 10.70
CA GLY A 30 6.51 -4.00 11.19
C GLY A 30 5.17 -3.65 10.62
N SER A 31 4.24 -4.62 10.67
CA SER A 31 3.00 -4.57 9.92
C SER A 31 2.09 -3.44 10.38
N PHE A 32 1.59 -2.63 9.46
CA PHE A 32 0.56 -1.64 9.71
C PHE A 32 -0.61 -1.76 8.72
N ILE A 33 -1.52 -0.79 8.78
CA ILE A 33 -2.63 -0.58 7.88
C ILE A 33 -2.49 0.87 7.39
N LEU A 34 -3.13 1.20 6.27
CA LEU A 34 -3.10 2.54 5.70
C LEU A 34 -4.52 2.92 5.30
N ASP A 35 -4.77 4.22 5.17
CA ASP A 35 -6.10 4.80 4.90
C ASP A 35 -6.41 4.76 3.41
N ILE A 36 -6.11 3.63 2.77
CA ILE A 36 -6.25 3.41 1.34
C ILE A 36 -7.74 3.33 1.01
N THR A 37 -8.14 3.87 -0.13
CA THR A 37 -9.52 4.00 -0.57
C THR A 37 -9.72 3.08 -1.78
N SER A 38 -10.41 1.95 -1.58
CA SER A 38 -10.53 0.88 -2.56
C SER A 38 -11.98 0.39 -2.65
N TYR A 39 -12.89 1.24 -3.12
CA TYR A 39 -14.31 0.87 -3.20
C TYR A 39 -15.03 1.59 -4.34
N LYS A 40 -16.28 1.18 -4.62
CA LYS A 40 -17.22 1.95 -5.43
C LYS A 40 -18.32 2.45 -4.52
N LYS A 41 -19.08 3.47 -4.93
CA LYS A 41 -20.33 3.84 -4.28
C LYS A 41 -21.36 4.13 -5.36
N THR A 42 -22.55 3.59 -5.18
CA THR A 42 -23.68 3.80 -6.07
C THR A 42 -24.92 3.19 -5.43
N GLY A 43 -26.10 3.67 -5.84
CA GLY A 43 -27.39 3.20 -5.39
C GLY A 43 -27.52 3.42 -3.90
N ASN A 44 -27.19 2.41 -3.09
CA ASN A 44 -27.22 2.51 -1.65
C ASN A 44 -26.22 1.55 -0.99
N SER A 45 -25.07 1.32 -1.62
CA SER A 45 -24.00 0.52 -1.01
C SER A 45 -22.63 1.02 -1.45
N THR A 46 -21.59 0.48 -0.80
CA THR A 46 -20.21 0.54 -1.22
C THR A 46 -19.67 -0.87 -1.39
N LYS A 47 -19.68 -1.42 -2.62
CA LYS A 47 -18.99 -2.68 -2.88
C LYS A 47 -17.50 -2.36 -2.83
N ALA A 48 -16.75 -3.01 -1.94
CA ALA A 48 -15.29 -2.85 -1.90
C ALA A 48 -14.68 -3.47 -3.17
N LEU A 49 -13.42 -3.14 -3.42
CA LEU A 49 -12.59 -3.79 -4.41
C LEU A 49 -11.39 -4.41 -3.69
N SER A 50 -11.12 -5.67 -3.99
CA SER A 50 -9.95 -6.43 -3.57
C SER A 50 -8.66 -5.84 -4.17
N TRP A 51 -7.48 -6.31 -3.72
CA TRP A 51 -6.20 -6.04 -4.36
C TRP A 51 -5.11 -6.99 -3.84
N ASN A 52 -3.97 -7.00 -4.53
CA ASN A 52 -2.69 -7.55 -4.10
C ASN A 52 -1.56 -6.85 -4.85
N ALA A 53 -0.35 -6.80 -4.28
CA ALA A 53 0.82 -6.05 -4.78
C ALA A 53 1.81 -6.97 -5.51
N SER A 54 2.89 -6.40 -6.05
CA SER A 54 4.03 -7.16 -6.58
C SER A 54 5.30 -6.32 -6.64
N GLY A 55 6.40 -6.81 -6.06
CA GLY A 55 7.72 -6.21 -6.13
C GLY A 55 8.68 -6.95 -5.19
N ASP A 56 9.48 -6.19 -4.43
CA ASP A 56 10.55 -6.66 -3.56
C ASP A 56 10.08 -7.74 -2.57
N SER A 57 10.99 -8.65 -2.25
CA SER A 57 10.79 -9.86 -1.46
C SER A 57 10.55 -9.63 0.04
N TRP A 58 10.41 -8.37 0.46
CA TRP A 58 10.29 -7.94 1.85
C TRP A 58 9.14 -6.94 2.04
N ILE A 59 8.29 -6.77 1.04
CA ILE A 59 7.18 -5.83 1.06
C ILE A 59 5.93 -6.66 0.82
N HIS A 60 5.13 -6.82 1.87
CA HIS A 60 3.94 -7.66 1.94
C HIS A 60 2.72 -6.75 1.91
N VAL A 61 1.64 -7.21 1.26
CA VAL A 61 0.34 -6.56 1.25
C VAL A 61 -0.68 -7.69 1.31
N ASN A 62 -1.65 -7.59 2.21
CA ASN A 62 -2.73 -8.54 2.40
C ASN A 62 -4.00 -7.69 2.40
N GLY A 63 -4.34 -7.17 1.22
CA GLY A 63 -5.38 -6.17 1.05
C GLY A 63 -5.18 -5.03 2.03
N SER A 64 -6.15 -4.81 2.92
CA SER A 64 -6.13 -3.81 3.97
C SER A 64 -5.15 -4.12 5.13
N SER A 65 -4.01 -4.73 4.86
CA SER A 65 -2.91 -4.92 5.79
C SER A 65 -1.62 -4.87 4.96
N VAL A 66 -0.53 -4.39 5.53
CA VAL A 66 0.72 -4.12 4.82
C VAL A 66 1.90 -4.33 5.79
N SER A 67 3.09 -4.63 5.28
CA SER A 67 4.32 -4.78 6.05
C SER A 67 5.52 -4.55 5.14
N TYR A 68 6.54 -3.84 5.60
CA TYR A 68 7.86 -3.78 4.96
C TYR A 68 8.84 -4.25 6.01
N ASP A 69 9.66 -5.24 5.69
CA ASP A 69 10.49 -5.94 6.65
C ASP A 69 11.93 -5.42 6.59
N GLU A 70 12.62 -5.42 7.72
CA GLU A 70 14.03 -5.08 7.73
C GLU A 70 14.86 -6.20 7.12
N ASN A 71 16.05 -5.81 6.66
CA ASN A 71 17.01 -6.64 5.96
C ASN A 71 18.14 -7.03 6.91
N PRO A 72 18.72 -8.23 6.72
CA PRO A 72 19.55 -8.91 7.69
C PRO A 72 21.02 -8.47 7.65
N ALA A 73 21.39 -7.61 6.70
CA ALA A 73 22.67 -6.91 6.72
C ALA A 73 22.40 -5.46 7.09
N LYS A 74 23.39 -4.79 7.69
CA LYS A 74 23.31 -3.38 8.07
C LYS A 74 23.50 -2.45 6.88
N GLU A 75 23.61 -2.97 5.66
CA GLU A 75 23.61 -2.12 4.48
C GLU A 75 22.22 -1.54 4.26
N ARG A 76 22.13 -0.40 3.60
CA ARG A 76 20.83 0.11 3.11
C ARG A 76 20.43 -0.65 1.86
N ARG A 77 19.14 -0.83 1.64
CA ARG A 77 18.55 -1.05 0.33
C ARG A 77 17.39 -0.08 0.20
N THR A 78 17.12 0.41 -1.00
CA THR A 78 15.81 0.91 -1.35
C THR A 78 14.96 -0.32 -1.75
N GLY A 79 13.65 -0.26 -1.51
CA GLY A 79 12.65 -1.21 -2.02
C GLY A 79 11.64 -0.48 -2.88
N LEU A 80 10.97 -1.21 -3.78
CA LEU A 80 9.94 -0.64 -4.65
C LEU A 80 8.95 -1.75 -5.02
N VAL A 81 7.64 -1.56 -4.82
CA VAL A 81 6.64 -2.45 -5.39
C VAL A 81 5.60 -1.63 -6.14
N THR A 82 4.91 -2.29 -7.07
CA THR A 82 3.76 -1.77 -7.77
C THR A 82 2.53 -2.38 -7.12
N LEU A 83 1.40 -1.67 -7.26
CA LEU A 83 0.09 -2.06 -6.79
C LEU A 83 -0.92 -1.85 -7.92
N LYS A 84 -2.13 -2.37 -7.75
CA LYS A 84 -3.29 -2.19 -8.64
C LYS A 84 -4.55 -2.31 -7.77
N GLN A 85 -5.69 -2.58 -8.38
CA GLN A 85 -6.93 -2.92 -7.69
C GLN A 85 -7.55 -4.13 -8.40
N ASP A 86 -8.60 -4.71 -7.82
CA ASP A 86 -9.45 -5.73 -8.41
C ASP A 86 -9.94 -5.28 -9.78
N GLU A 87 -10.71 -4.20 -9.82
CA GLU A 87 -11.33 -3.66 -11.02
C GLU A 87 -10.66 -2.36 -11.48
N SER A 88 -10.06 -1.62 -10.55
CA SER A 88 -9.47 -0.30 -10.79
C SER A 88 -7.94 -0.39 -10.95
N GLY A 89 -7.29 0.77 -10.94
CA GLY A 89 -5.90 0.96 -11.25
C GLY A 89 -5.30 2.02 -10.35
N LYS A 90 -5.52 1.86 -9.03
CA LYS A 90 -4.64 2.50 -8.05
C LYS A 90 -3.25 1.95 -8.29
N THR A 91 -2.39 2.63 -9.02
CA THR A 91 -1.02 2.17 -9.18
C THR A 91 -0.22 2.96 -8.14
N LEU A 92 0.14 2.29 -7.06
CA LEU A 92 0.90 2.87 -5.97
C LEU A 92 2.29 2.25 -6.05
N SER A 93 3.27 2.97 -5.50
CA SER A 93 4.68 2.87 -5.86
C SER A 93 5.45 2.87 -4.54
N LEU A 94 5.23 1.81 -3.76
CA LEU A 94 5.62 1.78 -2.36
C LEU A 94 7.14 1.75 -2.29
N LYS A 95 7.76 2.87 -1.88
CA LYS A 95 9.21 3.05 -1.82
C LYS A 95 9.59 3.15 -0.36
N ILE A 96 10.61 2.43 0.06
CA ILE A 96 11.20 2.55 1.39
C ILE A 96 12.68 2.78 1.16
N VAL A 97 13.31 3.67 1.94
CA VAL A 97 14.73 3.96 1.85
C VAL A 97 15.26 3.91 3.29
N GLN A 98 15.35 2.70 3.86
CA GLN A 98 15.67 2.47 5.26
C GLN A 98 17.07 1.89 5.35
N PRO A 99 17.89 2.20 6.36
CA PRO A 99 19.16 1.53 6.62
C PRO A 99 18.92 0.05 6.95
N GLY A 100 20.00 -0.72 7.07
CA GLY A 100 19.90 -2.12 7.43
C GLY A 100 19.92 -2.30 8.92
N LYS A 101 19.61 -3.52 9.38
CA LYS A 101 19.35 -3.79 10.79
C LYS A 101 20.27 -4.91 11.28
N THR A 102 20.72 -4.76 12.52
CA THR A 102 21.61 -5.68 13.22
C THR A 102 21.30 -5.46 14.69
N SER A 103 20.35 -6.21 15.25
CA SER A 103 19.99 -6.11 16.64
C SER A 103 20.01 -7.49 17.28
N ILE A 104 19.78 -7.59 18.59
CA ILE A 104 19.45 -8.88 19.20
C ILE A 104 17.95 -9.07 18.98
N ASP A 105 17.60 -9.54 17.79
CA ASP A 105 16.25 -9.96 17.43
C ASP A 105 15.95 -11.31 18.06
N GLY A 1 -30.71 -5.59 -10.74
CA GLY A 1 -29.74 -4.65 -11.32
C GLY A 1 -30.36 -3.28 -11.42
N HIS A 2 -29.55 -2.23 -11.34
CA HIS A 2 -29.96 -0.86 -11.64
C HIS A 2 -28.68 -0.17 -12.11
N MET A 3 -28.68 0.35 -13.34
CA MET A 3 -27.52 0.92 -14.00
C MET A 3 -27.95 2.24 -14.64
N GLY A 4 -27.14 2.82 -15.52
CA GLY A 4 -27.41 4.11 -16.12
C GLY A 4 -26.92 5.23 -15.21
N SER A 5 -27.21 5.14 -13.90
CA SER A 5 -26.76 6.07 -12.88
C SER A 5 -25.24 6.28 -12.96
N PRO A 6 -24.74 7.49 -12.69
CA PRO A 6 -23.31 7.78 -12.75
C PRO A 6 -22.60 7.14 -11.57
N VAL A 7 -21.61 6.31 -11.86
CA VAL A 7 -20.78 5.69 -10.85
C VAL A 7 -19.59 6.61 -10.58
N SER A 8 -19.07 6.61 -9.35
CA SER A 8 -17.78 7.20 -9.01
C SER A 8 -16.92 6.13 -8.36
N TYR A 9 -15.60 6.21 -8.53
CA TYR A 9 -14.64 5.26 -7.96
C TYR A 9 -13.59 5.98 -7.13
N TYR A 10 -12.96 5.21 -6.24
CA TYR A 10 -12.06 5.64 -5.22
C TYR A 10 -10.82 4.77 -5.34
N PHE A 11 -9.69 5.38 -5.72
CA PHE A 11 -8.41 4.72 -5.95
C PHE A 11 -7.29 5.66 -5.50
N SER A 12 -7.19 5.87 -4.20
CA SER A 12 -6.21 6.76 -3.59
C SER A 12 -5.97 6.30 -2.15
N TYR A 13 -4.99 6.91 -1.46
CA TYR A 13 -5.05 7.07 -0.02
C TYR A 13 -6.24 7.97 0.33
N ALA A 14 -6.56 8.06 1.62
CA ALA A 14 -7.57 9.02 2.06
C ALA A 14 -6.94 10.40 2.30
N ASP A 15 -5.64 10.45 2.55
CA ASP A 15 -4.96 11.63 3.05
C ASP A 15 -3.51 11.69 2.53
N GLY A 16 -3.29 11.16 1.31
CA GLY A 16 -1.93 10.95 0.84
C GLY A 16 -1.72 10.72 -0.66
N GLY A 17 -2.76 10.78 -1.51
CA GLY A 17 -2.59 10.70 -2.95
C GLY A 17 -2.56 9.25 -3.38
N THR A 18 -1.50 8.80 -4.06
CA THR A 18 -1.47 7.52 -4.76
C THR A 18 -0.15 6.77 -4.51
N SER A 19 0.50 7.05 -3.38
CA SER A 19 1.70 6.35 -2.93
C SER A 19 1.83 6.61 -1.44
N HIS A 20 2.65 5.82 -0.75
CA HIS A 20 3.19 6.14 0.55
C HIS A 20 4.71 6.00 0.49
N THR A 21 5.39 6.73 1.37
CA THR A 21 6.84 6.69 1.54
C THR A 21 7.08 6.82 3.04
N GLU A 22 7.86 5.92 3.64
CA GLU A 22 8.37 6.06 5.01
C GLU A 22 9.89 6.07 4.89
N TYR A 23 10.58 6.80 5.77
CA TYR A 23 12.03 6.88 5.84
C TYR A 23 12.48 6.46 7.24
N PRO A 24 12.27 5.18 7.62
CA PRO A 24 12.70 4.67 8.92
C PRO A 24 14.23 4.73 9.07
N ASP A 25 14.72 4.51 10.28
CA ASP A 25 16.15 4.54 10.59
C ASP A 25 16.35 3.73 11.87
N ASP A 26 17.57 3.66 12.40
CA ASP A 26 17.95 3.09 13.70
C ASP A 26 17.50 1.64 13.90
N SER A 27 16.22 1.43 14.22
CA SER A 27 15.45 0.23 13.99
C SER A 27 14.01 0.71 13.89
N SER A 28 13.36 0.66 12.71
CA SER A 28 11.92 0.84 12.58
C SER A 28 11.36 0.03 11.39
N ALA A 29 10.94 -1.21 11.67
CA ALA A 29 10.18 -2.08 10.76
C ALA A 29 8.98 -2.66 11.53
N GLY A 30 8.12 -3.46 10.89
CA GLY A 30 7.07 -4.23 11.53
C GLY A 30 5.87 -4.32 10.61
N SER A 31 4.71 -4.56 11.20
CA SER A 31 3.47 -4.90 10.54
C SER A 31 2.37 -3.92 10.96
N PHE A 32 2.02 -3.00 10.07
CA PHE A 32 0.98 -1.98 10.32
C PHE A 32 -0.14 -1.98 9.26
N ILE A 33 -1.02 -0.97 9.30
CA ILE A 33 -2.13 -0.74 8.37
C ILE A 33 -2.08 0.75 7.99
N LEU A 34 -2.73 1.14 6.87
CA LEU A 34 -2.82 2.53 6.40
C LEU A 34 -4.24 2.82 5.88
N ASP A 35 -4.58 4.10 5.72
CA ASP A 35 -5.87 4.62 5.21
C ASP A 35 -5.90 4.63 3.67
N ILE A 36 -6.32 3.54 3.02
CA ILE A 36 -6.55 3.52 1.58
C ILE A 36 -8.05 3.73 1.35
N THR A 37 -8.41 4.29 0.19
CA THR A 37 -9.76 4.43 -0.30
C THR A 37 -9.87 3.55 -1.56
N SER A 38 -10.78 2.58 -1.54
CA SER A 38 -10.75 1.44 -2.45
C SER A 38 -12.17 0.88 -2.63
N TYR A 39 -13.03 1.63 -3.32
CA TYR A 39 -14.42 1.23 -3.58
C TYR A 39 -15.01 1.99 -4.77
N LYS A 40 -16.25 1.69 -5.16
CA LYS A 40 -17.06 2.43 -6.11
C LYS A 40 -18.44 2.72 -5.50
N LYS A 41 -19.07 3.81 -5.92
CA LYS A 41 -20.26 4.41 -5.29
C LYS A 41 -21.28 4.70 -6.36
N THR A 42 -22.52 4.27 -6.13
CA THR A 42 -23.63 4.34 -7.08
C THR A 42 -24.90 3.81 -6.40
N GLY A 43 -26.05 4.40 -6.73
CA GLY A 43 -27.38 3.89 -6.49
C GLY A 43 -27.73 3.87 -5.01
N ASN A 44 -27.40 2.77 -4.34
CA ASN A 44 -27.58 2.57 -2.90
C ASN A 44 -26.65 1.44 -2.43
N SER A 45 -25.47 1.30 -3.03
CA SER A 45 -24.48 0.31 -2.59
C SER A 45 -23.07 0.88 -2.80
N THR A 46 -22.08 0.39 -2.06
CA THR A 46 -20.70 0.85 -2.13
C THR A 46 -19.75 -0.35 -2.11
N LYS A 47 -19.61 -0.96 -3.28
CA LYS A 47 -18.80 -2.16 -3.49
C LYS A 47 -17.34 -1.78 -3.27
N ALA A 48 -16.67 -2.38 -2.29
CA ALA A 48 -15.20 -2.27 -2.16
C ALA A 48 -14.54 -3.04 -3.32
N LEU A 49 -13.31 -2.66 -3.66
CA LEU A 49 -12.48 -3.34 -4.65
C LEU A 49 -11.17 -3.74 -3.98
N SER A 50 -10.81 -5.02 -4.11
CA SER A 50 -9.55 -5.57 -3.65
C SER A 50 -8.41 -5.22 -4.62
N TRP A 51 -7.19 -5.64 -4.27
CA TRP A 51 -5.95 -5.42 -5.00
C TRP A 51 -5.03 -6.63 -4.80
N ASN A 52 -3.77 -6.50 -5.19
CA ASN A 52 -2.71 -7.47 -4.96
C ASN A 52 -1.45 -6.69 -4.59
N ALA A 53 -0.33 -7.36 -4.37
CA ALA A 53 0.99 -6.76 -4.31
C ALA A 53 1.96 -7.66 -5.06
N SER A 54 3.07 -7.09 -5.54
CA SER A 54 4.24 -7.84 -5.99
C SER A 54 5.40 -6.88 -6.18
N GLY A 55 6.62 -7.38 -6.00
CA GLY A 55 7.87 -6.70 -6.29
C GLY A 55 8.98 -7.32 -5.45
N ASP A 56 9.38 -6.65 -4.37
CA ASP A 56 10.28 -7.19 -3.36
C ASP A 56 9.58 -8.31 -2.58
N SER A 57 10.33 -9.28 -2.06
CA SER A 57 9.80 -10.40 -1.28
C SER A 57 9.66 -10.08 0.22
N TRP A 58 10.56 -9.28 0.80
CA TRP A 58 10.62 -8.95 2.24
C TRP A 58 9.50 -8.00 2.69
N ILE A 59 8.42 -7.90 1.92
CA ILE A 59 7.27 -7.05 2.14
C ILE A 59 6.07 -7.98 2.00
N HIS A 60 5.15 -7.95 2.97
CA HIS A 60 3.94 -8.75 3.02
C HIS A 60 2.77 -7.86 2.57
N VAL A 61 1.63 -8.50 2.32
CA VAL A 61 0.34 -7.86 2.16
C VAL A 61 -0.68 -8.77 2.83
N ASN A 62 -1.76 -8.21 3.36
CA ASN A 62 -2.95 -8.95 3.77
C ASN A 62 -4.15 -8.04 3.54
N GLY A 63 -4.47 -7.79 2.27
CA GLY A 63 -5.49 -6.81 1.88
C GLY A 63 -5.17 -5.47 2.53
N SER A 64 -6.06 -4.98 3.38
CA SER A 64 -5.90 -3.80 4.21
C SER A 64 -4.92 -4.03 5.38
N SER A 65 -3.73 -4.58 5.10
CA SER A 65 -2.62 -4.72 6.05
C SER A 65 -1.32 -4.72 5.25
N VAL A 66 -0.24 -4.18 5.83
CA VAL A 66 1.04 -3.98 5.18
C VAL A 66 2.17 -4.21 6.19
N SER A 67 3.18 -5.01 5.84
CA SER A 67 4.29 -5.31 6.73
C SER A 67 5.56 -5.39 5.90
N TYR A 68 6.71 -5.10 6.51
CA TYR A 68 8.01 -5.27 5.88
C TYR A 68 9.07 -5.51 6.96
N ASP A 69 10.10 -6.25 6.60
CA ASP A 69 11.33 -6.40 7.37
C ASP A 69 12.28 -5.24 7.04
N GLU A 70 13.41 -5.14 7.72
CA GLU A 70 14.60 -4.41 7.26
C GLU A 70 15.49 -5.37 6.45
N ASN A 71 16.56 -4.86 5.86
CA ASN A 71 17.59 -5.63 5.17
C ASN A 71 18.41 -6.54 6.09
N PRO A 72 19.18 -7.49 5.52
CA PRO A 72 20.13 -8.35 6.23
C PRO A 72 21.57 -7.82 6.23
N ALA A 73 21.83 -6.72 5.51
CA ALA A 73 23.17 -6.18 5.28
C ALA A 73 23.14 -4.68 5.46
N LYS A 74 24.26 -4.06 5.84
CA LYS A 74 24.27 -2.68 6.29
C LYS A 74 24.49 -1.71 5.13
N GLU A 75 23.91 -2.04 3.99
CA GLU A 75 23.78 -1.13 2.87
C GLU A 75 22.50 -0.30 3.04
N ARG A 76 22.35 0.77 2.26
CA ARG A 76 21.07 1.46 2.13
C ARG A 76 20.33 0.87 0.96
N ARG A 77 19.02 0.62 1.09
CA ARG A 77 18.15 0.20 -0.02
C ARG A 77 16.73 0.65 0.26
N THR A 78 15.89 0.68 -0.78
CA THR A 78 14.45 0.70 -0.61
C THR A 78 13.89 -0.57 -1.25
N GLY A 79 12.69 -0.95 -0.83
CA GLY A 79 11.81 -1.82 -1.60
C GLY A 79 10.88 -0.96 -2.44
N LEU A 80 10.24 -1.58 -3.43
CA LEU A 80 9.20 -0.94 -4.23
C LEU A 80 8.34 -2.06 -4.84
N VAL A 81 7.17 -2.32 -4.25
CA VAL A 81 6.20 -3.20 -4.88
C VAL A 81 5.35 -2.39 -5.88
N THR A 82 4.22 -2.90 -6.34
CA THR A 82 3.13 -2.09 -6.89
C THR A 82 1.84 -2.82 -6.49
N LEU A 83 0.76 -2.08 -6.23
CA LEU A 83 -0.57 -2.66 -6.04
C LEU A 83 -1.50 -2.05 -7.07
N LYS A 84 -2.33 -2.90 -7.67
CA LYS A 84 -3.31 -2.54 -8.68
C LYS A 84 -4.69 -2.99 -8.19
N GLN A 85 -5.59 -2.04 -8.04
CA GLN A 85 -6.99 -2.29 -7.69
C GLN A 85 -7.67 -3.05 -8.82
N ASP A 86 -8.64 -3.88 -8.46
CA ASP A 86 -9.40 -4.80 -9.30
C ASP A 86 -10.01 -4.13 -10.54
N GLU A 87 -11.19 -3.52 -10.41
CA GLU A 87 -11.92 -2.95 -11.55
C GLU A 87 -11.35 -1.58 -11.94
N SER A 88 -10.57 -0.99 -11.06
CA SER A 88 -9.82 0.24 -11.24
C SER A 88 -8.41 -0.13 -11.75
N GLY A 89 -7.42 0.72 -11.48
CA GLY A 89 -6.08 0.52 -12.02
C GLY A 89 -5.12 1.67 -11.77
N LYS A 90 -5.53 2.75 -11.07
CA LYS A 90 -4.59 3.76 -10.62
C LYS A 90 -3.78 3.13 -9.50
N THR A 91 -2.57 2.72 -9.80
CA THR A 91 -1.77 1.92 -8.89
C THR A 91 -1.36 2.74 -7.68
N LEU A 92 -1.16 2.07 -6.55
CA LEU A 92 -0.51 2.62 -5.37
C LEU A 92 0.91 2.07 -5.28
N SER A 93 1.72 2.64 -4.39
CA SER A 93 3.16 2.41 -4.29
C SER A 93 3.55 2.53 -2.81
N LEU A 94 4.53 1.76 -2.36
CA LEU A 94 4.97 1.55 -0.99
C LEU A 94 6.49 1.52 -1.04
N LYS A 95 7.13 2.54 -0.49
CA LYS A 95 8.56 2.76 -0.63
C LYS A 95 9.17 2.94 0.74
N ILE A 96 10.22 2.18 1.06
CA ILE A 96 10.72 1.96 2.41
C ILE A 96 12.24 2.12 2.36
N VAL A 97 12.71 3.36 2.31
CA VAL A 97 14.11 3.73 2.33
C VAL A 97 14.59 3.54 3.78
N GLN A 98 15.26 2.42 4.08
CA GLN A 98 15.89 2.16 5.37
C GLN A 98 17.43 2.13 5.25
N PRO A 99 18.15 2.41 6.35
CA PRO A 99 19.56 2.05 6.52
C PRO A 99 19.66 0.55 6.66
N GLY A 100 20.83 0.03 7.04
CA GLY A 100 20.93 -1.39 7.26
C GLY A 100 21.74 -1.81 8.46
N LYS A 101 21.61 -3.09 8.79
CA LYS A 101 22.23 -3.66 9.98
C LYS A 101 22.77 -5.07 9.74
N THR A 102 23.50 -5.58 10.71
CA THR A 102 24.26 -6.83 10.70
C THR A 102 24.53 -7.22 12.15
N SER A 103 23.65 -8.01 12.77
CA SER A 103 23.79 -8.47 14.14
C SER A 103 23.21 -9.88 14.30
N ILE A 104 22.98 -10.30 15.54
CA ILE A 104 22.30 -11.54 15.89
C ILE A 104 20.89 -11.27 16.43
N ASP A 105 20.40 -10.02 16.34
CA ASP A 105 19.05 -9.62 16.71
C ASP A 105 18.06 -10.23 15.74
N GLY A 1 -38.08 9.03 -17.22
CA GLY A 1 -36.62 9.13 -17.35
C GLY A 1 -36.00 8.50 -16.12
N HIS A 2 -35.01 7.63 -16.28
CA HIS A 2 -34.57 6.70 -15.25
C HIS A 2 -33.06 6.65 -15.33
N MET A 3 -32.41 7.42 -14.47
CA MET A 3 -30.97 7.63 -14.40
C MET A 3 -30.67 8.23 -13.02
N GLY A 4 -29.41 8.54 -12.73
CA GLY A 4 -29.04 9.33 -11.57
C GLY A 4 -27.77 10.08 -11.92
N SER A 5 -26.63 9.50 -11.58
CA SER A 5 -25.31 10.09 -11.79
C SER A 5 -24.28 8.96 -11.94
N PRO A 6 -23.08 9.22 -12.47
CA PRO A 6 -22.07 8.19 -12.60
C PRO A 6 -21.52 7.76 -11.23
N VAL A 7 -20.80 6.64 -11.24
CA VAL A 7 -20.14 6.09 -10.07
C VAL A 7 -18.86 6.88 -9.76
N SER A 8 -18.60 7.18 -8.49
CA SER A 8 -17.30 7.66 -8.02
C SER A 8 -16.46 6.44 -7.67
N TYR A 9 -15.27 6.31 -8.24
CA TYR A 9 -14.27 5.30 -7.87
C TYR A 9 -13.18 5.95 -7.02
N TYR A 10 -12.55 5.13 -6.18
CA TYR A 10 -11.54 5.47 -5.21
C TYR A 10 -10.41 4.46 -5.38
N PHE A 11 -9.28 4.95 -5.88
CA PHE A 11 -8.10 4.17 -6.22
C PHE A 11 -6.85 4.98 -5.82
N SER A 12 -6.89 5.51 -4.61
CA SER A 12 -5.94 6.47 -4.07
C SER A 12 -6.05 6.44 -2.54
N TYR A 13 -5.00 6.85 -1.84
CA TYR A 13 -4.94 6.84 -0.38
C TYR A 13 -5.83 7.96 0.18
N ALA A 14 -6.04 7.96 1.49
CA ALA A 14 -6.77 9.00 2.18
C ALA A 14 -5.94 10.26 2.39
N ASP A 15 -4.65 10.10 2.65
CA ASP A 15 -3.76 11.20 3.03
C ASP A 15 -2.41 10.94 2.37
N GLY A 16 -2.46 10.61 1.07
CA GLY A 16 -1.26 10.18 0.34
C GLY A 16 -1.35 10.19 -1.18
N GLY A 17 -2.47 10.55 -1.79
CA GLY A 17 -2.56 10.58 -3.26
C GLY A 17 -2.51 9.15 -3.78
N THR A 18 -1.43 8.77 -4.48
CA THR A 18 -1.31 7.44 -5.08
C THR A 18 -0.09 6.68 -4.54
N SER A 19 0.60 7.19 -3.52
CA SER A 19 1.73 6.48 -2.94
C SER A 19 1.66 6.61 -1.42
N HIS A 20 2.32 5.69 -0.71
CA HIS A 20 2.90 6.02 0.58
C HIS A 20 4.40 6.18 0.42
N THR A 21 5.07 6.76 1.40
CA THR A 21 6.48 6.51 1.65
C THR A 21 6.69 6.45 3.17
N GLU A 22 7.81 5.90 3.62
CA GLU A 22 8.26 6.02 4.99
C GLU A 22 9.79 6.10 5.01
N TYR A 23 10.32 6.80 6.02
CA TYR A 23 11.73 6.99 6.30
C TYR A 23 11.91 6.69 7.81
N PRO A 24 11.95 5.41 8.21
CA PRO A 24 12.20 5.06 9.60
C PRO A 24 13.67 5.30 9.93
N ASP A 25 14.03 5.07 11.18
CA ASP A 25 15.40 5.09 11.64
C ASP A 25 15.54 4.17 12.84
N ASP A 26 16.78 3.78 13.13
CA ASP A 26 17.21 2.73 14.02
C ASP A 26 16.54 1.41 13.64
N SER A 27 15.33 1.14 14.13
CA SER A 27 14.47 0.10 13.62
C SER A 27 13.02 0.51 13.82
N SER A 28 12.34 0.89 12.73
CA SER A 28 10.90 0.85 12.62
C SER A 28 10.53 0.10 11.34
N ALA A 29 10.38 -1.20 11.49
CA ALA A 29 9.76 -2.12 10.57
C ALA A 29 8.84 -3.03 11.40
N GLY A 30 7.73 -3.49 10.81
CA GLY A 30 6.85 -4.43 11.46
C GLY A 30 5.61 -4.64 10.61
N SER A 31 4.45 -4.71 11.27
CA SER A 31 3.16 -5.05 10.68
C SER A 31 2.11 -4.01 11.08
N PHE A 32 1.56 -3.29 10.10
CA PHE A 32 0.56 -2.22 10.30
C PHE A 32 -0.44 -2.15 9.13
N ILE A 33 -1.29 -1.12 9.11
CA ILE A 33 -2.37 -0.92 8.16
C ILE A 33 -2.30 0.53 7.67
N LEU A 34 -2.33 0.75 6.35
CA LEU A 34 -2.38 2.06 5.71
C LEU A 34 -3.85 2.44 5.48
N ASP A 35 -4.13 3.73 5.25
CA ASP A 35 -5.46 4.22 4.88
C ASP A 35 -5.52 4.30 3.36
N ILE A 36 -5.73 3.13 2.74
CA ILE A 36 -5.92 2.91 1.32
C ILE A 36 -7.41 2.99 1.04
N THR A 37 -7.81 3.73 0.01
CA THR A 37 -9.22 3.92 -0.31
C THR A 37 -9.49 3.16 -1.60
N SER A 38 -10.22 2.05 -1.50
CA SER A 38 -10.28 1.02 -2.54
C SER A 38 -11.74 0.60 -2.73
N TYR A 39 -12.58 1.49 -3.23
CA TYR A 39 -14.01 1.19 -3.38
C TYR A 39 -14.65 2.01 -4.50
N LYS A 40 -15.94 1.77 -4.78
CA LYS A 40 -16.78 2.56 -5.65
C LYS A 40 -18.03 2.99 -4.88
N LYS A 41 -18.67 4.10 -5.28
CA LYS A 41 -19.75 4.74 -4.56
C LYS A 41 -20.80 5.25 -5.55
N THR A 42 -22.05 4.86 -5.34
CA THR A 42 -23.18 5.18 -6.22
C THR A 42 -24.46 4.60 -5.61
N GLY A 43 -25.62 5.14 -6.03
CA GLY A 43 -26.92 4.82 -5.49
C GLY A 43 -26.91 5.13 -4.00
N ASN A 44 -26.82 4.08 -3.17
CA ASN A 44 -26.74 4.18 -1.73
C ASN A 44 -25.86 3.08 -1.12
N SER A 45 -24.86 2.60 -1.85
CA SER A 45 -23.97 1.57 -1.35
C SER A 45 -22.57 1.77 -1.91
N THR A 46 -21.62 1.01 -1.35
CA THR A 46 -20.20 1.13 -1.59
C THR A 46 -19.61 -0.27 -1.76
N LYS A 47 -19.14 -0.58 -2.97
CA LYS A 47 -18.45 -1.84 -3.28
C LYS A 47 -16.95 -1.63 -3.03
N ALA A 48 -16.37 -2.22 -1.99
CA ALA A 48 -14.92 -2.28 -1.79
C ALA A 48 -14.30 -3.19 -2.85
N LEU A 49 -13.56 -2.61 -3.79
CA LEU A 49 -12.82 -3.39 -4.78
C LEU A 49 -11.72 -4.16 -4.06
N SER A 50 -11.59 -5.43 -4.39
CA SER A 50 -10.47 -6.28 -4.05
C SER A 50 -9.22 -5.77 -4.79
N TRP A 51 -8.03 -6.18 -4.36
CA TRP A 51 -6.76 -5.89 -5.04
C TRP A 51 -5.77 -7.02 -4.82
N ASN A 52 -4.51 -6.85 -5.25
CA ASN A 52 -3.37 -7.53 -4.64
C ASN A 52 -2.12 -6.68 -4.85
N ALA A 53 -0.96 -7.21 -4.43
CA ALA A 53 0.35 -6.60 -4.59
C ALA A 53 1.29 -7.63 -5.22
N SER A 54 2.45 -7.19 -5.70
CA SER A 54 3.61 -8.03 -5.97
C SER A 54 4.83 -7.11 -5.98
N GLY A 55 6.01 -7.61 -5.60
CA GLY A 55 7.21 -6.81 -5.51
C GLY A 55 8.26 -7.52 -4.66
N ASP A 56 9.01 -6.73 -3.89
CA ASP A 56 10.21 -7.17 -3.20
C ASP A 56 9.87 -8.24 -2.16
N SER A 57 10.77 -9.23 -2.02
CA SER A 57 10.58 -10.45 -1.25
C SER A 57 10.50 -10.24 0.27
N TRP A 58 10.62 -9.01 0.75
CA TRP A 58 10.56 -8.63 2.17
C TRP A 58 9.38 -7.70 2.45
N ILE A 59 8.46 -7.53 1.50
CA ILE A 59 7.28 -6.72 1.66
C ILE A 59 6.09 -7.64 1.45
N HIS A 60 5.12 -7.56 2.35
CA HIS A 60 4.04 -8.52 2.52
C HIS A 60 2.76 -7.72 2.66
N VAL A 61 1.90 -7.82 1.66
CA VAL A 61 0.64 -7.09 1.62
C VAL A 61 -0.45 -8.14 1.76
N ASN A 62 -0.96 -8.30 2.98
CA ASN A 62 -2.02 -9.24 3.24
C ASN A 62 -3.33 -8.45 3.16
N GLY A 63 -3.78 -8.22 1.93
CA GLY A 63 -4.88 -7.35 1.57
C GLY A 63 -4.74 -5.97 2.20
N SER A 64 -5.57 -5.69 3.21
CA SER A 64 -5.64 -4.39 3.87
C SER A 64 -4.44 -4.14 4.80
N SER A 65 -3.70 -5.16 5.22
CA SER A 65 -2.51 -5.02 6.03
C SER A 65 -1.28 -4.84 5.15
N VAL A 66 -0.21 -4.30 5.72
CA VAL A 66 1.12 -4.25 5.16
C VAL A 66 2.07 -4.72 6.26
N SER A 67 3.14 -5.41 5.89
CA SER A 67 4.20 -5.80 6.79
C SER A 67 5.47 -5.88 5.96
N TYR A 68 6.61 -5.59 6.55
CA TYR A 68 7.90 -5.71 5.88
C TYR A 68 9.00 -5.94 6.90
N ASP A 69 10.15 -6.46 6.47
CA ASP A 69 11.27 -6.81 7.34
C ASP A 69 12.52 -6.09 6.81
N GLU A 70 13.43 -5.75 7.72
CA GLU A 70 14.64 -4.98 7.42
C GLU A 70 15.59 -5.74 6.46
N ASN A 71 16.61 -5.02 6.02
CA ASN A 71 17.62 -5.53 5.11
C ASN A 71 18.63 -6.40 5.89
N PRO A 72 19.33 -7.31 5.18
CA PRO A 72 20.34 -8.16 5.80
C PRO A 72 21.73 -7.50 5.81
N ALA A 73 21.89 -6.33 5.19
CA ALA A 73 23.16 -5.64 5.03
C ALA A 73 22.99 -4.20 5.50
N LYS A 74 24.11 -3.58 5.92
CA LYS A 74 24.15 -2.23 6.46
C LYS A 74 24.22 -1.19 5.35
N GLU A 75 23.46 -1.43 4.29
CA GLU A 75 23.29 -0.54 3.16
C GLU A 75 22.03 0.29 3.35
N ARG A 76 21.85 1.30 2.48
CA ARG A 76 20.65 2.13 2.48
C ARG A 76 19.95 1.98 1.15
N ARG A 77 18.76 1.39 1.13
CA ARG A 77 18.07 0.99 -0.10
C ARG A 77 16.59 1.40 -0.01
N THR A 78 15.74 0.97 -0.93
CA THR A 78 14.30 0.95 -0.74
C THR A 78 13.74 -0.25 -1.50
N GLY A 79 12.56 -0.70 -1.07
CA GLY A 79 11.69 -1.51 -1.90
C GLY A 79 10.86 -0.57 -2.77
N LEU A 80 10.08 -1.15 -3.68
CA LEU A 80 9.13 -0.42 -4.51
C LEU A 80 8.14 -1.43 -5.10
N VAL A 81 7.12 -1.87 -4.35
CA VAL A 81 6.21 -2.89 -4.88
C VAL A 81 5.22 -2.25 -5.86
N THR A 82 4.33 -3.03 -6.49
CA THR A 82 3.23 -2.48 -7.27
C THR A 82 1.95 -3.22 -6.90
N LEU A 83 0.84 -2.49 -6.83
CA LEU A 83 -0.48 -2.98 -6.45
C LEU A 83 -1.46 -2.56 -7.54
N LYS A 84 -2.54 -3.31 -7.75
CA LYS A 84 -3.60 -2.97 -8.72
C LYS A 84 -4.95 -3.47 -8.20
N GLN A 85 -5.99 -2.63 -8.29
CA GLN A 85 -7.36 -2.97 -7.93
C GLN A 85 -8.01 -3.82 -9.02
N ASP A 86 -9.01 -4.62 -8.63
CA ASP A 86 -9.75 -5.58 -9.44
C ASP A 86 -10.33 -4.96 -10.71
N GLU A 87 -11.33 -4.10 -10.56
CA GLU A 87 -12.03 -3.46 -11.68
C GLU A 87 -11.30 -2.21 -12.16
N SER A 88 -10.50 -1.62 -11.27
CA SER A 88 -9.77 -0.38 -11.49
C SER A 88 -8.41 -0.68 -12.15
N GLY A 89 -7.40 0.18 -11.96
CA GLY A 89 -6.12 -0.05 -12.61
C GLY A 89 -5.03 0.96 -12.28
N LYS A 90 -5.35 2.11 -11.66
CA LYS A 90 -4.34 3.01 -11.12
C LYS A 90 -3.53 2.20 -10.12
N THR A 91 -2.22 2.11 -10.33
CA THR A 91 -1.36 1.41 -9.40
C THR A 91 -1.02 2.35 -8.25
N LEU A 92 -0.90 1.79 -7.04
CA LEU A 92 -0.35 2.49 -5.89
C LEU A 92 1.14 2.20 -5.80
N SER A 93 1.86 3.09 -5.12
CA SER A 93 3.30 3.00 -4.92
C SER A 93 3.63 3.04 -3.43
N LEU A 94 4.75 2.45 -3.01
CA LEU A 94 5.08 2.22 -1.62
C LEU A 94 6.60 2.18 -1.49
N LYS A 95 7.21 3.21 -0.89
CA LYS A 95 8.66 3.36 -0.78
C LYS A 95 9.06 3.34 0.68
N ILE A 96 10.14 2.64 1.00
CA ILE A 96 10.55 2.37 2.37
C ILE A 96 12.05 2.60 2.46
N VAL A 97 12.49 3.80 2.85
CA VAL A 97 13.90 4.20 2.85
C VAL A 97 14.45 4.04 4.27
N GLN A 98 14.81 2.82 4.64
CA GLN A 98 15.22 2.42 5.99
C GLN A 98 16.73 2.58 6.16
N PRO A 99 17.25 2.54 7.39
CA PRO A 99 18.66 2.27 7.67
C PRO A 99 19.09 0.87 7.17
N GLY A 100 20.31 0.49 7.52
CA GLY A 100 20.88 -0.81 7.22
C GLY A 100 21.28 -1.57 8.48
N LYS A 101 21.01 -2.88 8.51
CA LYS A 101 21.22 -3.75 9.65
C LYS A 101 22.30 -4.79 9.34
N THR A 102 23.00 -5.28 10.35
CA THR A 102 23.76 -6.52 10.30
C THR A 102 23.73 -7.10 11.71
N SER A 103 22.75 -7.96 12.03
CA SER A 103 22.65 -8.58 13.34
C SER A 103 22.08 -10.00 13.22
N ILE A 104 22.13 -10.75 14.32
CA ILE A 104 21.54 -12.08 14.44
C ILE A 104 20.06 -11.86 14.74
N ASP A 105 19.33 -11.40 13.71
CA ASP A 105 17.95 -10.96 13.71
C ASP A 105 17.21 -11.83 12.72
N GLY A 1 -27.57 -6.03 -12.51
CA GLY A 1 -28.60 -5.03 -12.18
C GLY A 1 -27.97 -3.66 -11.92
N HIS A 2 -28.68 -2.69 -11.33
CA HIS A 2 -28.12 -1.41 -10.89
C HIS A 2 -27.19 -0.79 -11.93
N MET A 3 -27.74 -0.25 -13.01
CA MET A 3 -26.98 0.27 -14.16
C MET A 3 -27.70 1.49 -14.72
N GLY A 4 -27.06 2.23 -15.62
CA GLY A 4 -27.56 3.48 -16.17
C GLY A 4 -27.18 4.63 -15.26
N SER A 5 -27.32 4.42 -13.95
CA SER A 5 -26.86 5.31 -12.91
C SER A 5 -25.33 5.50 -12.96
N PRO A 6 -24.81 6.63 -12.43
CA PRO A 6 -23.38 6.88 -12.36
C PRO A 6 -22.69 5.89 -11.43
N VAL A 7 -21.37 5.79 -11.55
CA VAL A 7 -20.48 5.02 -10.71
C VAL A 7 -19.32 5.98 -10.38
N SER A 8 -18.61 5.73 -9.29
CA SER A 8 -17.43 6.51 -8.92
C SER A 8 -16.47 5.57 -8.21
N TYR A 9 -15.41 5.12 -8.88
CA TYR A 9 -14.36 4.35 -8.21
C TYR A 9 -13.46 5.30 -7.40
N TYR A 10 -12.84 4.73 -6.37
CA TYR A 10 -11.90 5.34 -5.45
C TYR A 10 -10.78 4.33 -5.26
N PHE A 11 -9.60 4.61 -5.79
CA PHE A 11 -8.40 3.85 -5.48
C PHE A 11 -7.30 4.88 -5.19
N SER A 12 -7.14 5.24 -3.92
CA SER A 12 -6.20 6.26 -3.47
C SER A 12 -5.98 6.16 -1.95
N TYR A 13 -4.90 6.74 -1.45
CA TYR A 13 -4.78 7.00 -0.01
C TYR A 13 -5.84 8.04 0.38
N ALA A 14 -6.05 8.22 1.69
CA ALA A 14 -7.03 9.14 2.25
C ALA A 14 -6.37 10.28 3.03
N ASP A 15 -5.05 10.29 3.13
CA ASP A 15 -4.27 11.24 3.90
C ASP A 15 -2.96 11.48 3.15
N GLY A 16 -3.06 11.80 1.86
CA GLY A 16 -1.90 12.04 1.00
C GLY A 16 -2.29 12.05 -0.47
N GLY A 17 -2.12 10.93 -1.18
CA GLY A 17 -2.31 10.89 -2.63
C GLY A 17 -2.36 9.47 -3.16
N THR A 18 -1.36 9.06 -3.94
CA THR A 18 -1.29 7.73 -4.55
C THR A 18 0.12 7.12 -4.48
N SER A 19 1.02 7.65 -3.64
CA SER A 19 2.31 7.01 -3.41
C SER A 19 2.82 7.39 -2.01
N HIS A 20 3.43 6.43 -1.32
CA HIS A 20 4.08 6.63 -0.02
C HIS A 20 5.59 6.67 -0.19
N THR A 21 6.29 7.30 0.76
CA THR A 21 7.68 7.02 1.07
C THR A 21 7.88 7.34 2.55
N GLU A 22 7.91 6.35 3.43
CA GLU A 22 8.43 6.61 4.78
C GLU A 22 9.95 6.39 4.80
N TYR A 23 10.60 7.06 5.75
CA TYR A 23 12.04 7.12 5.93
C TYR A 23 12.38 6.77 7.39
N PRO A 24 12.19 5.50 7.81
CA PRO A 24 12.49 5.09 9.18
C PRO A 24 14.00 5.09 9.44
N ASP A 25 14.42 4.92 10.69
CA ASP A 25 15.82 4.97 11.09
C ASP A 25 16.06 4.12 12.33
N ASP A 26 17.32 3.74 12.53
CA ASP A 26 17.80 2.79 13.53
C ASP A 26 17.25 1.37 13.35
N SER A 27 15.97 1.13 13.65
CA SER A 27 15.29 -0.17 13.56
C SER A 27 13.77 0.07 13.64
N SER A 28 13.17 0.55 12.54
CA SER A 28 11.74 0.73 12.40
C SER A 28 11.24 -0.05 11.18
N ALA A 29 10.69 -1.24 11.43
CA ALA A 29 9.92 -2.09 10.53
C ALA A 29 8.76 -2.67 11.35
N GLY A 30 7.73 -3.23 10.72
CA GLY A 30 6.77 -4.06 11.42
C GLY A 30 5.36 -3.87 10.89
N SER A 31 4.44 -4.68 11.41
CA SER A 31 3.17 -4.93 10.79
C SER A 31 2.11 -3.95 11.31
N PHE A 32 1.61 -3.05 10.46
CA PHE A 32 0.49 -2.16 10.77
C PHE A 32 -0.68 -2.30 9.79
N ILE A 33 -1.61 -1.36 9.82
CA ILE A 33 -2.83 -1.27 9.03
C ILE A 33 -2.91 0.19 8.58
N LEU A 34 -3.38 0.43 7.35
CA LEU A 34 -3.50 1.76 6.77
C LEU A 34 -4.94 2.03 6.35
N ASP A 35 -5.26 3.30 6.13
CA ASP A 35 -6.57 3.77 5.72
C ASP A 35 -6.46 4.13 4.24
N ILE A 36 -6.65 3.14 3.37
CA ILE A 36 -6.52 3.26 1.93
C ILE A 36 -7.90 3.04 1.33
N THR A 37 -8.32 3.97 0.49
CA THR A 37 -9.62 4.02 -0.13
C THR A 37 -9.62 3.05 -1.30
N SER A 38 -10.43 1.98 -1.25
CA SER A 38 -10.42 0.94 -2.25
C SER A 38 -11.84 0.41 -2.51
N TYR A 39 -12.68 1.18 -3.18
CA TYR A 39 -14.07 0.76 -3.45
C TYR A 39 -14.66 1.45 -4.68
N LYS A 40 -15.82 0.98 -5.16
CA LYS A 40 -16.62 1.65 -6.17
C LYS A 40 -17.93 2.05 -5.53
N LYS A 41 -18.36 3.29 -5.75
CA LYS A 41 -19.58 3.84 -5.19
C LYS A 41 -20.65 3.87 -6.25
N THR A 42 -21.86 3.59 -5.80
CA THR A 42 -22.93 3.08 -6.62
C THR A 42 -24.20 3.48 -5.87
N GLY A 43 -24.56 4.77 -6.00
CA GLY A 43 -25.71 5.37 -5.35
C GLY A 43 -25.60 5.30 -3.84
N ASN A 44 -26.18 4.26 -3.24
CA ASN A 44 -26.24 4.09 -1.78
C ASN A 44 -25.44 2.89 -1.29
N SER A 45 -24.64 2.26 -2.15
CA SER A 45 -23.83 1.11 -1.80
C SER A 45 -22.41 1.25 -2.34
N THR A 46 -21.47 0.58 -1.68
CA THR A 46 -20.02 0.74 -1.86
C THR A 46 -19.33 -0.63 -1.82
N LYS A 47 -19.14 -1.26 -2.98
CA LYS A 47 -18.44 -2.56 -3.04
C LYS A 47 -16.96 -2.25 -2.89
N ALA A 48 -16.33 -2.71 -1.82
CA ALA A 48 -14.89 -2.61 -1.73
C ALA A 48 -14.27 -3.56 -2.76
N LEU A 49 -13.07 -3.23 -3.22
CA LEU A 49 -12.29 -4.06 -4.11
C LEU A 49 -10.99 -4.40 -3.41
N SER A 50 -10.43 -5.57 -3.70
CA SER A 50 -9.11 -5.97 -3.25
C SER A 50 -8.03 -5.50 -4.25
N TRP A 51 -6.77 -5.81 -3.97
CA TRP A 51 -5.65 -5.61 -4.88
C TRP A 51 -4.66 -6.76 -4.73
N ASN A 52 -3.91 -6.99 -5.80
CA ASN A 52 -2.66 -7.72 -5.80
C ASN A 52 -1.52 -6.74 -5.55
N ALA A 53 -0.37 -7.26 -5.12
CA ALA A 53 0.91 -6.59 -5.03
C ALA A 53 1.94 -7.51 -5.71
N SER A 54 3.12 -7.03 -6.08
CA SER A 54 4.20 -7.84 -6.65
C SER A 54 5.47 -7.00 -6.74
N GLY A 55 6.61 -7.63 -6.47
CA GLY A 55 7.93 -7.03 -6.57
C GLY A 55 8.82 -7.50 -5.41
N ASP A 56 9.43 -6.53 -4.73
CA ASP A 56 10.37 -6.68 -3.61
C ASP A 56 9.89 -7.72 -2.58
N SER A 57 10.80 -8.58 -2.11
CA SER A 57 10.55 -9.82 -1.37
C SER A 57 10.05 -9.68 0.08
N TRP A 58 9.79 -8.47 0.56
CA TRP A 58 9.71 -8.16 1.99
C TRP A 58 8.57 -7.20 2.31
N ILE A 59 7.61 -7.02 1.41
CA ILE A 59 6.57 -5.99 1.52
C ILE A 59 5.26 -6.76 1.45
N HIS A 60 4.81 -7.20 2.61
CA HIS A 60 3.51 -7.82 2.80
C HIS A 60 2.46 -6.72 2.72
N VAL A 61 1.47 -6.87 1.86
CA VAL A 61 0.33 -5.96 1.79
C VAL A 61 -0.93 -6.80 1.64
N ASN A 62 -1.46 -7.25 2.78
CA ASN A 62 -2.58 -8.17 2.86
C ASN A 62 -3.89 -7.37 2.93
N GLY A 63 -4.14 -6.55 1.91
CA GLY A 63 -5.24 -5.59 1.89
C GLY A 63 -5.11 -4.61 3.04
N SER A 64 -6.06 -4.62 3.96
CA SER A 64 -6.07 -3.84 5.20
C SER A 64 -5.12 -4.42 6.27
N SER A 65 -3.94 -4.90 5.89
CA SER A 65 -2.83 -5.19 6.77
C SER A 65 -1.56 -5.03 5.94
N VAL A 66 -0.45 -4.64 6.56
CA VAL A 66 0.80 -4.35 5.86
C VAL A 66 1.97 -4.66 6.79
N SER A 67 3.05 -5.26 6.29
CA SER A 67 4.31 -5.40 7.00
C SER A 67 5.44 -5.25 5.99
N TYR A 68 6.14 -4.13 6.05
CA TYR A 68 7.42 -3.97 5.37
C TYR A 68 8.49 -4.54 6.31
N ASP A 69 9.03 -5.70 5.99
CA ASP A 69 10.08 -6.39 6.75
C ASP A 69 11.39 -5.60 6.70
N GLU A 70 12.36 -5.97 7.54
CA GLU A 70 13.71 -5.43 7.46
C GLU A 70 14.53 -6.23 6.43
N ASN A 71 15.81 -5.91 6.29
CA ASN A 71 16.74 -6.51 5.32
C ASN A 71 17.79 -7.31 6.11
N PRO A 72 18.50 -8.26 5.47
CA PRO A 72 19.49 -9.10 6.14
C PRO A 72 20.88 -8.47 6.22
N ALA A 73 21.13 -7.36 5.51
CA ALA A 73 22.43 -6.67 5.46
C ALA A 73 22.29 -5.22 5.91
N LYS A 74 23.41 -4.54 6.16
CA LYS A 74 23.40 -3.17 6.69
C LYS A 74 23.64 -2.10 5.63
N GLU A 75 23.54 -2.47 4.35
CA GLU A 75 23.43 -1.47 3.29
C GLU A 75 22.00 -0.92 3.28
N ARG A 76 21.73 0.13 2.49
CA ARG A 76 20.43 0.80 2.46
C ARG A 76 19.74 0.48 1.14
N ARG A 77 18.42 0.33 1.15
CA ARG A 77 17.61 0.10 -0.06
C ARG A 77 16.51 1.13 -0.13
N THR A 78 15.90 1.22 -1.31
CA THR A 78 14.58 1.78 -1.52
C THR A 78 13.76 0.61 -2.04
N GLY A 79 12.72 0.19 -1.32
CA GLY A 79 11.78 -0.80 -1.82
C GLY A 79 10.87 -0.17 -2.87
N LEU A 80 10.26 -0.98 -3.74
CA LEU A 80 9.27 -0.50 -4.71
C LEU A 80 8.34 -1.65 -5.10
N VAL A 81 7.06 -1.59 -4.71
CA VAL A 81 6.07 -2.62 -5.05
C VAL A 81 4.84 -1.91 -5.61
N THR A 82 4.41 -2.27 -6.81
CA THR A 82 3.20 -1.74 -7.40
C THR A 82 2.02 -2.61 -6.96
N LEU A 83 0.91 -1.99 -6.57
CA LEU A 83 -0.37 -2.66 -6.39
C LEU A 83 -1.34 -2.19 -7.46
N LYS A 84 -2.21 -3.10 -7.90
CA LYS A 84 -3.31 -2.81 -8.82
C LYS A 84 -4.54 -3.51 -8.26
N GLN A 85 -5.67 -2.82 -8.34
CA GLN A 85 -6.95 -3.30 -7.83
C GLN A 85 -7.45 -4.43 -8.72
N ASP A 86 -8.37 -5.24 -8.17
CA ASP A 86 -9.17 -6.23 -8.90
C ASP A 86 -9.85 -5.67 -10.15
N GLU A 87 -10.26 -4.40 -10.12
CA GLU A 87 -11.07 -3.79 -11.17
C GLU A 87 -10.49 -2.48 -11.72
N SER A 88 -9.88 -1.67 -10.87
CA SER A 88 -9.34 -0.36 -11.25
C SER A 88 -7.91 -0.51 -11.75
N GLY A 89 -7.13 0.57 -11.68
CA GLY A 89 -5.81 0.64 -12.28
C GLY A 89 -4.97 1.85 -11.88
N LYS A 90 -5.38 2.65 -10.89
CA LYS A 90 -4.52 3.67 -10.33
C LYS A 90 -3.42 2.97 -9.54
N THR A 91 -2.29 2.72 -10.16
CA THR A 91 -1.27 1.90 -9.52
C THR A 91 -0.62 2.71 -8.39
N LEU A 92 -0.82 2.29 -7.14
CA LEU A 92 -0.17 2.93 -5.99
C LEU A 92 1.27 2.48 -6.02
N SER A 93 2.16 3.45 -5.92
CA SER A 93 3.57 3.24 -5.69
C SER A 93 3.76 3.20 -4.17
N LEU A 94 4.79 2.49 -3.72
CA LEU A 94 5.02 2.20 -2.32
C LEU A 94 6.53 2.11 -2.17
N LYS A 95 7.15 3.19 -1.71
CA LYS A 95 8.58 3.27 -1.48
C LYS A 95 8.76 3.21 0.04
N ILE A 96 9.87 2.66 0.50
CA ILE A 96 10.33 2.72 1.88
C ILE A 96 11.84 2.93 1.73
N VAL A 97 12.45 3.85 2.49
CA VAL A 97 13.89 4.04 2.51
C VAL A 97 14.35 3.81 3.96
N GLN A 98 14.47 2.55 4.35
CA GLN A 98 14.87 2.12 5.68
C GLN A 98 16.39 2.08 5.81
N PRO A 99 16.96 2.03 7.03
CA PRO A 99 18.33 1.60 7.27
C PRO A 99 18.47 0.10 6.99
N GLY A 100 19.69 -0.41 7.16
CA GLY A 100 19.97 -1.82 7.08
C GLY A 100 20.47 -2.41 8.39
N LYS A 101 20.13 -3.67 8.61
CA LYS A 101 20.24 -4.38 9.88
C LYS A 101 21.63 -4.99 10.06
N THR A 102 22.21 -4.83 11.25
CA THR A 102 23.23 -5.72 11.78
C THR A 102 23.03 -5.86 13.27
N SER A 103 22.21 -6.83 13.68
CA SER A 103 21.78 -7.00 15.04
C SER A 103 21.93 -8.47 15.44
N ILE A 104 21.82 -8.82 16.73
CA ILE A 104 21.81 -10.23 17.16
C ILE A 104 20.35 -10.67 17.05
N ASP A 105 19.91 -10.75 15.80
CA ASP A 105 18.54 -10.87 15.34
C ASP A 105 18.30 -12.33 15.04
N GLY A 1 -33.40 -2.72 -15.76
CA GLY A 1 -34.46 -1.81 -15.28
C GLY A 1 -34.08 -0.39 -15.65
N HIS A 2 -34.67 0.62 -14.98
CA HIS A 2 -34.15 1.99 -15.04
C HIS A 2 -32.73 1.96 -14.45
N MET A 3 -31.72 2.21 -15.28
CA MET A 3 -30.31 2.16 -14.94
C MET A 3 -29.61 3.22 -15.78
N GLY A 4 -28.40 3.63 -15.37
CA GLY A 4 -27.70 4.77 -15.95
C GLY A 4 -27.57 5.83 -14.86
N SER A 5 -26.37 5.99 -14.32
CA SER A 5 -26.10 6.90 -13.22
C SER A 5 -24.58 7.10 -13.10
N PRO A 6 -24.09 8.21 -12.52
CA PRO A 6 -22.67 8.43 -12.28
C PRO A 6 -22.16 7.50 -11.17
N VAL A 7 -21.26 6.60 -11.55
CA VAL A 7 -20.64 5.66 -10.66
C VAL A 7 -19.31 6.28 -10.24
N SER A 8 -19.17 6.55 -8.94
CA SER A 8 -18.03 7.24 -8.38
C SER A 8 -17.08 6.18 -7.85
N TYR A 9 -16.03 5.86 -8.60
CA TYR A 9 -14.98 5.01 -8.07
C TYR A 9 -14.05 5.82 -7.19
N TYR A 10 -13.37 5.10 -6.30
CA TYR A 10 -12.40 5.62 -5.36
C TYR A 10 -11.19 4.70 -5.51
N PHE A 11 -10.14 5.21 -6.12
CA PHE A 11 -8.83 4.59 -6.32
C PHE A 11 -7.81 5.64 -5.88
N SER A 12 -7.74 5.93 -4.58
CA SER A 12 -6.63 6.65 -3.98
C SER A 12 -6.59 6.50 -2.45
N TYR A 13 -5.68 7.20 -1.75
CA TYR A 13 -5.82 7.42 -0.32
C TYR A 13 -7.06 8.30 -0.06
N ALA A 14 -7.40 8.49 1.22
CA ALA A 14 -8.45 9.42 1.63
C ALA A 14 -7.92 10.61 2.42
N ASP A 15 -6.63 10.60 2.78
CA ASP A 15 -6.01 11.70 3.52
C ASP A 15 -4.51 11.67 3.28
N GLY A 16 -4.11 11.76 2.02
CA GLY A 16 -2.70 11.77 1.66
C GLY A 16 -2.50 12.02 0.18
N GLY A 17 -2.41 10.96 -0.62
CA GLY A 17 -1.95 11.07 -2.00
C GLY A 17 -2.00 9.75 -2.74
N THR A 18 -0.84 9.34 -3.28
CA THR A 18 -0.70 8.23 -4.20
C THR A 18 0.51 7.35 -3.94
N SER A 19 1.17 7.48 -2.79
CA SER A 19 2.17 6.49 -2.45
C SER A 19 2.42 6.44 -0.97
N HIS A 20 2.72 5.23 -0.54
CA HIS A 20 3.38 4.98 0.71
C HIS A 20 4.87 5.10 0.47
N THR A 21 5.52 5.75 1.41
CA THR A 21 6.95 5.87 1.58
C THR A 21 7.15 5.64 3.08
N GLU A 22 8.35 5.32 3.54
CA GLU A 22 8.69 5.53 4.93
C GLU A 22 10.19 5.73 4.98
N TYR A 23 10.66 6.43 6.02
CA TYR A 23 12.07 6.72 6.21
C TYR A 23 12.52 6.32 7.64
N PRO A 24 12.30 5.06 8.08
CA PRO A 24 12.72 4.65 9.41
C PRO A 24 14.25 4.57 9.51
N ASP A 25 14.73 4.32 10.72
CA ASP A 25 16.15 4.31 11.06
C ASP A 25 16.29 3.50 12.34
N ASP A 26 17.51 3.15 12.75
CA ASP A 26 17.85 2.37 13.93
C ASP A 26 17.33 0.94 13.81
N SER A 27 16.03 0.73 14.06
CA SER A 27 15.21 -0.39 13.65
C SER A 27 13.75 0.01 13.94
N SER A 28 12.93 0.25 12.90
CA SER A 28 11.49 0.46 13.06
C SER A 28 10.63 -0.24 11.99
N ALA A 29 11.15 -1.31 11.39
CA ALA A 29 10.38 -2.14 10.44
C ALA A 29 9.31 -2.95 11.18
N GLY A 30 8.17 -3.19 10.55
CA GLY A 30 7.06 -3.89 11.16
C GLY A 30 5.86 -3.89 10.23
N SER A 31 4.68 -4.10 10.80
CA SER A 31 3.41 -4.18 10.09
C SER A 31 2.44 -3.13 10.62
N PHE A 32 2.07 -2.20 9.75
CA PHE A 32 1.09 -1.15 10.01
C PHE A 32 -0.06 -1.22 8.99
N ILE A 33 -1.00 -0.28 9.11
CA ILE A 33 -2.20 -0.14 8.30
C ILE A 33 -2.26 1.33 7.87
N LEU A 34 -2.95 1.64 6.78
CA LEU A 34 -3.06 2.98 6.18
C LEU A 34 -4.53 3.26 5.84
N ASP A 35 -4.83 4.44 5.30
CA ASP A 35 -6.18 4.86 4.88
C ASP A 35 -6.24 4.92 3.36
N ILE A 36 -6.22 3.74 2.73
CA ILE A 36 -6.34 3.57 1.29
C ILE A 36 -7.81 3.24 1.00
N THR A 37 -8.33 3.83 -0.06
CA THR A 37 -9.73 3.74 -0.48
C THR A 37 -9.78 2.80 -1.68
N SER A 38 -10.70 1.83 -1.66
CA SER A 38 -10.88 0.92 -2.78
C SER A 38 -12.36 0.52 -2.81
N TYR A 39 -13.23 1.37 -3.38
CA TYR A 39 -14.64 1.04 -3.58
C TYR A 39 -15.24 1.82 -4.75
N LYS A 40 -16.48 1.50 -5.12
CA LYS A 40 -17.31 2.25 -6.05
C LYS A 40 -18.63 2.59 -5.36
N LYS A 41 -19.12 3.81 -5.52
CA LYS A 41 -20.33 4.35 -4.92
C LYS A 41 -21.30 4.64 -6.06
N THR A 42 -22.55 4.25 -5.90
CA THR A 42 -23.62 4.41 -6.89
C THR A 42 -24.91 3.94 -6.24
N GLY A 43 -26.06 4.39 -6.75
CA GLY A 43 -27.35 4.13 -6.16
C GLY A 43 -27.31 4.46 -4.67
N ASN A 44 -27.39 3.41 -3.85
CA ASN A 44 -27.49 3.51 -2.40
C ASN A 44 -26.53 2.51 -1.75
N SER A 45 -25.39 2.24 -2.38
CA SER A 45 -24.44 1.21 -1.96
C SER A 45 -23.00 1.65 -2.22
N THR A 46 -22.07 0.99 -1.54
CA THR A 46 -20.64 1.05 -1.82
C THR A 46 -20.13 -0.40 -1.95
N LYS A 47 -19.90 -0.86 -3.18
CA LYS A 47 -19.19 -2.13 -3.38
C LYS A 47 -17.72 -1.84 -3.18
N ALA A 48 -17.12 -2.44 -2.15
CA ALA A 48 -15.68 -2.40 -2.01
C ALA A 48 -15.05 -3.28 -3.08
N LEU A 49 -13.86 -2.93 -3.55
CA LEU A 49 -13.09 -3.73 -4.47
C LEU A 49 -11.86 -4.24 -3.77
N SER A 50 -11.47 -5.47 -4.09
CA SER A 50 -10.18 -6.01 -3.75
C SER A 50 -9.07 -5.30 -4.54
N TRP A 51 -7.83 -5.46 -4.07
CA TRP A 51 -6.62 -5.15 -4.81
C TRP A 51 -5.59 -6.24 -4.56
N ASN A 52 -4.59 -6.39 -5.44
CA ASN A 52 -3.57 -7.42 -5.34
C ASN A 52 -2.23 -6.78 -5.70
N ALA A 53 -1.14 -7.29 -5.15
CA ALA A 53 0.16 -6.62 -5.10
C ALA A 53 1.29 -7.62 -5.32
N SER A 54 2.49 -7.13 -5.67
CA SER A 54 3.68 -7.94 -5.88
C SER A 54 4.90 -7.02 -5.99
N GLY A 55 6.09 -7.51 -5.63
CA GLY A 55 7.29 -6.70 -5.62
C GLY A 55 8.42 -7.37 -4.85
N ASP A 56 9.14 -6.57 -4.07
CA ASP A 56 10.28 -7.00 -3.26
C ASP A 56 9.89 -8.14 -2.30
N SER A 57 10.76 -9.15 -2.20
CA SER A 57 10.57 -10.43 -1.52
C SER A 57 10.49 -10.38 0.02
N TRP A 58 10.52 -9.19 0.63
CA TRP A 58 10.59 -8.98 2.07
C TRP A 58 9.49 -8.06 2.57
N ILE A 59 8.55 -7.68 1.69
CA ILE A 59 7.48 -6.74 1.95
C ILE A 59 6.17 -7.52 1.80
N HIS A 60 5.70 -8.06 2.91
CA HIS A 60 4.53 -8.91 2.99
C HIS A 60 3.29 -8.02 2.90
N VAL A 61 2.58 -8.12 1.79
CA VAL A 61 1.34 -7.40 1.55
C VAL A 61 0.16 -8.32 1.95
N ASN A 62 -0.90 -7.75 2.52
CA ASN A 62 -2.08 -8.50 2.94
C ASN A 62 -3.37 -7.72 2.67
N GLY A 63 -3.47 -7.14 1.47
CA GLY A 63 -4.53 -6.23 1.11
C GLY A 63 -4.39 -4.95 1.92
N SER A 64 -5.32 -4.67 2.82
CA SER A 64 -5.34 -3.47 3.64
C SER A 64 -4.27 -3.42 4.73
N SER A 65 -3.52 -4.50 4.98
CA SER A 65 -2.47 -4.53 5.98
C SER A 65 -1.10 -4.60 5.29
N VAL A 66 -0.11 -3.93 5.89
CA VAL A 66 1.26 -3.80 5.38
C VAL A 66 2.18 -4.64 6.27
N SER A 67 3.34 -5.04 5.77
CA SER A 67 4.47 -5.52 6.57
C SER A 67 5.74 -5.35 5.75
N TYR A 68 6.88 -5.18 6.41
CA TYR A 68 8.20 -5.43 5.85
C TYR A 68 9.17 -5.76 6.97
N ASP A 69 10.39 -6.14 6.57
CA ASP A 69 11.55 -6.23 7.44
C ASP A 69 12.62 -5.22 7.02
N GLU A 70 13.66 -5.08 7.84
CA GLU A 70 14.91 -4.41 7.48
C GLU A 70 15.77 -5.39 6.69
N ASN A 71 16.70 -4.83 5.93
CA ASN A 71 17.72 -5.52 5.14
C ASN A 71 18.68 -6.35 6.03
N PRO A 72 19.49 -7.23 5.45
CA PRO A 72 20.46 -8.07 6.15
C PRO A 72 21.88 -7.48 6.28
N ALA A 73 22.24 -6.40 5.58
CA ALA A 73 23.59 -5.84 5.56
C ALA A 73 23.52 -4.32 5.48
N LYS A 74 24.41 -3.62 6.16
CA LYS A 74 24.31 -2.26 6.67
C LYS A 74 24.39 -1.19 5.58
N GLU A 75 24.36 -1.61 4.33
CA GLU A 75 24.09 -0.72 3.22
C GLU A 75 22.67 -0.12 3.38
N ARG A 76 22.31 0.93 2.62
CA ARG A 76 21.04 1.64 2.70
C ARG A 76 20.36 1.69 1.33
N ARG A 77 19.17 1.12 1.19
CA ARG A 77 18.44 1.04 -0.08
C ARG A 77 16.96 1.34 0.15
N THR A 78 16.13 1.10 -0.86
CA THR A 78 14.69 0.98 -0.71
C THR A 78 14.21 -0.27 -1.42
N GLY A 79 13.06 -0.78 -0.98
CA GLY A 79 12.24 -1.69 -1.75
C GLY A 79 11.19 -0.90 -2.54
N LEU A 80 10.36 -1.62 -3.28
CA LEU A 80 9.06 -1.16 -3.76
C LEU A 80 8.12 -2.36 -3.83
N VAL A 81 6.83 -2.08 -3.86
CA VAL A 81 5.80 -3.04 -4.26
C VAL A 81 4.86 -2.23 -5.16
N THR A 82 4.22 -2.94 -6.09
CA THR A 82 3.27 -2.39 -7.04
C THR A 82 1.99 -3.21 -6.86
N LEU A 83 0.84 -2.64 -7.21
CA LEU A 83 -0.47 -3.24 -6.98
C LEU A 83 -1.41 -2.88 -8.12
N LYS A 84 -2.55 -3.56 -8.21
CA LYS A 84 -3.68 -3.18 -9.06
C LYS A 84 -4.96 -3.39 -8.24
N GLN A 85 -6.05 -2.72 -8.63
CA GLN A 85 -7.35 -2.75 -7.97
C GLN A 85 -8.31 -3.38 -8.97
N ASP A 86 -9.22 -4.25 -8.53
CA ASP A 86 -10.02 -5.17 -9.35
C ASP A 86 -10.63 -4.51 -10.61
N GLU A 87 -11.63 -3.67 -10.43
CA GLU A 87 -12.42 -3.02 -11.46
C GLU A 87 -11.82 -1.69 -11.92
N SER A 88 -10.80 -1.22 -11.21
CA SER A 88 -9.98 -0.05 -11.49
C SER A 88 -8.67 -0.56 -12.08
N GLY A 89 -7.56 0.19 -11.93
CA GLY A 89 -6.30 -0.31 -12.46
C GLY A 89 -5.06 0.41 -11.99
N LYS A 90 -5.19 1.43 -11.13
CA LYS A 90 -4.16 2.23 -10.60
C LYS A 90 -3.14 1.39 -9.86
N THR A 91 -1.92 1.90 -9.81
CA THR A 91 -0.81 1.34 -9.09
C THR A 91 -0.31 2.41 -8.11
N LEU A 92 0.18 1.96 -6.94
CA LEU A 92 0.80 2.78 -5.91
C LEU A 92 2.25 2.29 -5.78
N SER A 93 2.97 2.76 -4.76
CA SER A 93 4.35 2.43 -4.47
C SER A 93 4.54 2.34 -2.95
N LEU A 94 5.61 1.68 -2.50
CA LEU A 94 6.00 1.50 -1.11
C LEU A 94 7.51 1.73 -0.98
N LYS A 95 7.95 2.99 -0.98
CA LYS A 95 9.37 3.32 -0.89
C LYS A 95 9.83 3.29 0.57
N ILE A 96 10.26 2.13 1.05
CA ILE A 96 10.82 1.95 2.38
C ILE A 96 12.30 2.34 2.29
N VAL A 97 12.68 3.59 2.55
CA VAL A 97 14.10 3.93 2.62
C VAL A 97 14.53 3.67 4.07
N GLN A 98 14.95 2.44 4.39
CA GLN A 98 15.36 2.08 5.75
C GLN A 98 16.86 1.75 5.77
N PRO A 99 17.52 1.77 6.93
CA PRO A 99 18.93 1.45 7.01
C PRO A 99 19.11 -0.05 6.97
N GLY A 100 20.38 -0.42 6.86
CA GLY A 100 20.73 -1.79 7.00
C GLY A 100 21.02 -2.14 8.45
N LYS A 101 21.04 -3.44 8.70
CA LYS A 101 20.94 -3.98 10.06
C LYS A 101 22.29 -4.58 10.42
N THR A 102 22.76 -4.30 11.62
CA THR A 102 24.04 -4.76 12.13
C THR A 102 23.96 -4.78 13.65
N SER A 103 23.54 -5.92 14.19
CA SER A 103 23.40 -6.12 15.62
C SER A 103 24.17 -7.38 16.06
N ILE A 104 24.05 -7.77 17.33
CA ILE A 104 24.67 -8.97 17.92
C ILE A 104 23.58 -9.99 18.22
N ASP A 105 22.65 -10.15 17.25
CA ASP A 105 21.34 -10.73 17.50
C ASP A 105 21.30 -12.23 17.27
N GLY A 1 -31.36 10.55 2.90
CA GLY A 1 -31.08 9.72 1.71
C GLY A 1 -31.01 10.61 0.47
N HIS A 2 -30.18 10.26 -0.51
CA HIS A 2 -30.00 10.98 -1.76
C HIS A 2 -29.53 9.99 -2.83
N MET A 3 -30.19 9.97 -3.98
CA MET A 3 -29.85 9.09 -5.10
C MET A 3 -30.06 9.88 -6.39
N GLY A 4 -29.37 9.49 -7.46
CA GLY A 4 -29.34 10.20 -8.73
C GLY A 4 -27.93 10.73 -8.94
N SER A 5 -26.99 9.86 -9.32
CA SER A 5 -25.63 10.22 -9.71
C SER A 5 -25.01 9.02 -10.46
N PRO A 6 -23.90 9.21 -11.20
CA PRO A 6 -23.14 8.12 -11.81
C PRO A 6 -22.38 7.30 -10.74
N VAL A 7 -21.60 6.32 -11.19
CA VAL A 7 -20.85 5.41 -10.34
C VAL A 7 -19.58 6.12 -9.85
N SER A 8 -19.49 6.39 -8.55
CA SER A 8 -18.34 7.04 -7.93
C SER A 8 -17.32 5.96 -7.56
N TYR A 9 -16.16 5.90 -8.20
CA TYR A 9 -15.03 5.16 -7.66
C TYR A 9 -14.24 6.09 -6.75
N TYR A 10 -13.35 5.50 -5.96
CA TYR A 10 -12.48 6.14 -4.99
C TYR A 10 -11.17 5.38 -5.01
N PHE A 11 -10.13 5.93 -5.66
CA PHE A 11 -8.87 5.28 -5.98
C PHE A 11 -7.71 6.17 -5.50
N SER A 12 -7.56 6.38 -4.20
CA SER A 12 -6.40 7.09 -3.63
C SER A 12 -6.07 6.54 -2.22
N TYR A 13 -4.98 6.96 -1.59
CA TYR A 13 -4.90 6.91 -0.12
C TYR A 13 -5.98 7.82 0.43
N ALA A 14 -6.51 7.50 1.60
CA ALA A 14 -7.63 8.26 2.13
C ALA A 14 -7.20 9.63 2.66
N ASP A 15 -5.94 9.78 3.05
CA ASP A 15 -5.41 10.99 3.69
C ASP A 15 -4.80 11.95 2.67
N GLY A 16 -5.12 11.78 1.38
CA GLY A 16 -4.81 12.75 0.35
C GLY A 16 -3.51 12.43 -0.38
N GLY A 17 -3.40 11.24 -0.98
CA GLY A 17 -2.25 10.99 -1.82
C GLY A 17 -2.24 9.65 -2.52
N THR A 18 -1.08 9.35 -3.10
CA THR A 18 -0.90 8.32 -4.11
C THR A 18 0.36 7.50 -3.89
N SER A 19 1.07 7.69 -2.77
CA SER A 19 2.27 6.93 -2.47
C SER A 19 2.56 7.05 -0.98
N HIS A 20 3.35 6.10 -0.49
CA HIS A 20 3.99 6.12 0.81
C HIS A 20 5.49 6.11 0.52
N THR A 21 6.25 7.03 1.12
CA THR A 21 7.70 6.96 1.16
C THR A 21 8.13 7.23 2.59
N GLU A 22 8.81 6.26 3.21
CA GLU A 22 9.35 6.38 4.55
C GLU A 22 10.85 6.32 4.45
N TYR A 23 11.50 7.08 5.34
CA TYR A 23 12.93 7.19 5.45
C TYR A 23 13.27 7.00 6.95
N PRO A 24 13.20 5.78 7.49
CA PRO A 24 13.53 5.52 8.89
C PRO A 24 15.06 5.55 9.11
N ASP A 25 15.50 5.44 10.36
CA ASP A 25 16.86 5.83 10.74
C ASP A 25 17.54 4.86 11.70
N ASP A 26 16.85 3.81 12.11
CA ASP A 26 17.39 2.83 13.05
C ASP A 26 16.89 1.44 12.68
N SER A 27 15.59 1.17 12.83
CA SER A 27 15.02 -0.16 12.73
C SER A 27 13.51 -0.14 12.39
N SER A 28 12.92 1.01 12.02
CA SER A 28 11.47 1.16 11.94
C SER A 28 10.84 0.33 10.80
N ALA A 29 10.42 -0.90 11.13
CA ALA A 29 9.72 -1.86 10.29
C ALA A 29 8.80 -2.67 11.21
N GLY A 30 7.62 -3.14 10.79
CA GLY A 30 6.68 -3.78 11.70
C GLY A 30 5.32 -3.91 11.03
N SER A 31 4.36 -4.47 11.76
CA SER A 31 3.02 -4.75 11.26
C SER A 31 2.05 -3.66 11.72
N PHE A 32 1.46 -2.92 10.78
CA PHE A 32 0.46 -1.87 11.03
C PHE A 32 -0.66 -1.92 9.98
N ILE A 33 -1.47 -0.87 9.89
CA ILE A 33 -2.58 -0.72 8.96
C ILE A 33 -2.42 0.64 8.27
N LEU A 34 -3.00 0.77 7.08
CA LEU A 34 -3.11 1.98 6.29
C LEU A 34 -4.55 2.07 5.80
N ASP A 35 -5.02 3.28 5.50
CA ASP A 35 -6.36 3.53 4.98
C ASP A 35 -6.24 3.90 3.51
N ILE A 36 -6.46 2.92 2.64
CA ILE A 36 -6.52 3.14 1.20
C ILE A 36 -8.01 3.19 0.84
N THR A 37 -8.35 4.05 -0.08
CA THR A 37 -9.66 4.11 -0.70
C THR A 37 -9.61 3.17 -1.90
N SER A 38 -10.37 2.07 -1.86
CA SER A 38 -10.31 1.03 -2.88
C SER A 38 -11.72 0.52 -3.17
N TYR A 39 -12.66 1.39 -3.54
CA TYR A 39 -14.05 0.96 -3.73
C TYR A 39 -14.81 1.80 -4.73
N LYS A 40 -15.99 1.27 -5.11
CA LYS A 40 -16.97 1.94 -5.94
C LYS A 40 -18.27 2.06 -5.17
N LYS A 41 -18.97 3.15 -5.41
CA LYS A 41 -20.28 3.49 -4.90
C LYS A 41 -21.23 3.51 -6.09
N THR A 42 -22.45 3.06 -5.85
CA THR A 42 -23.56 3.01 -6.79
C THR A 42 -24.78 2.57 -5.95
N GLY A 43 -25.98 2.60 -6.56
CA GLY A 43 -27.24 2.15 -5.98
C GLY A 43 -27.44 2.64 -4.55
N ASN A 44 -27.22 1.76 -3.58
CA ASN A 44 -27.22 2.04 -2.15
C ASN A 44 -26.20 1.14 -1.45
N SER A 45 -25.03 0.97 -2.06
CA SER A 45 -23.97 0.08 -1.57
C SER A 45 -22.59 0.66 -1.89
N THR A 46 -21.54 0.06 -1.31
CA THR A 46 -20.15 0.25 -1.72
C THR A 46 -19.42 -1.08 -1.78
N LYS A 47 -19.18 -1.61 -2.99
CA LYS A 47 -18.35 -2.81 -3.15
C LYS A 47 -16.90 -2.35 -3.09
N ALA A 48 -16.12 -2.88 -2.15
CA ALA A 48 -14.68 -2.73 -2.21
C ALA A 48 -14.17 -3.52 -3.42
N LEU A 49 -13.04 -3.07 -4.00
CA LEU A 49 -12.34 -3.71 -5.08
C LEU A 49 -10.96 -4.02 -4.59
N SER A 50 -10.70 -5.31 -4.51
CA SER A 50 -9.46 -5.83 -4.00
C SER A 50 -8.32 -5.49 -4.95
N TRP A 51 -7.13 -5.34 -4.39
CA TRP A 51 -5.92 -5.09 -5.12
C TRP A 51 -4.90 -6.20 -4.87
N ASN A 52 -3.95 -6.27 -5.78
CA ASN A 52 -2.76 -7.11 -5.71
C ASN A 52 -1.56 -6.22 -5.43
N ALA A 53 -0.41 -6.77 -5.02
CA ALA A 53 0.89 -6.08 -5.00
C ALA A 53 1.99 -7.13 -5.07
N SER A 54 3.10 -6.82 -5.75
CA SER A 54 4.30 -7.64 -5.73
C SER A 54 5.51 -6.80 -6.09
N GLY A 55 6.67 -7.21 -5.58
CA GLY A 55 7.95 -6.63 -5.93
C GLY A 55 9.07 -7.23 -5.10
N ASP A 56 9.03 -7.04 -3.78
CA ASP A 56 10.14 -7.34 -2.86
C ASP A 56 9.75 -8.45 -1.89
N SER A 57 10.73 -9.26 -1.46
CA SER A 57 10.59 -10.38 -0.53
C SER A 57 10.06 -10.02 0.85
N TRP A 58 9.97 -8.74 1.17
CA TRP A 58 9.81 -8.21 2.53
C TRP A 58 8.67 -7.19 2.58
N ILE A 59 7.81 -7.11 1.55
CA ILE A 59 6.79 -6.07 1.44
C ILE A 59 5.43 -6.73 1.22
N HIS A 60 4.75 -7.09 2.31
CA HIS A 60 3.53 -7.91 2.31
C HIS A 60 2.28 -7.06 2.57
N VAL A 61 1.17 -7.36 1.89
CA VAL A 61 -0.01 -6.51 1.84
C VAL A 61 -1.26 -7.34 2.15
N ASN A 62 -1.76 -7.28 3.38
CA ASN A 62 -2.92 -8.06 3.80
C ASN A 62 -4.17 -7.19 3.79
N GLY A 63 -4.43 -6.51 2.65
CA GLY A 63 -5.57 -5.63 2.45
C GLY A 63 -5.50 -4.46 3.42
N SER A 64 -6.44 -4.35 4.36
CA SER A 64 -6.35 -3.40 5.46
C SER A 64 -5.38 -3.89 6.54
N SER A 65 -4.15 -4.22 6.16
CA SER A 65 -2.99 -4.46 7.01
C SER A 65 -1.76 -4.45 6.11
N VAL A 66 -0.61 -4.04 6.66
CA VAL A 66 0.64 -3.87 5.95
C VAL A 66 1.74 -4.34 6.90
N SER A 67 2.76 -5.02 6.40
CA SER A 67 3.85 -5.48 7.26
C SER A 67 5.07 -5.65 6.39
N TYR A 68 5.97 -4.68 6.50
CA TYR A 68 7.22 -4.65 5.76
C TYR A 68 8.35 -4.80 6.77
N ASP A 69 9.35 -5.62 6.47
CA ASP A 69 10.45 -5.99 7.38
C ASP A 69 11.75 -5.26 7.03
N GLU A 70 12.76 -5.38 7.88
CA GLU A 70 14.15 -5.06 7.56
C GLU A 70 14.77 -6.12 6.63
N ASN A 71 15.80 -5.71 5.89
CA ASN A 71 16.74 -6.58 5.17
C ASN A 71 17.63 -7.37 6.16
N PRO A 72 18.33 -8.41 5.71
CA PRO A 72 19.12 -9.29 6.57
C PRO A 72 20.56 -8.80 6.79
N ALA A 73 21.04 -7.81 6.04
CA ALA A 73 22.42 -7.33 6.08
C ALA A 73 22.44 -5.81 6.17
N LYS A 74 23.55 -5.23 6.63
CA LYS A 74 23.65 -3.81 6.97
C LYS A 74 23.54 -2.88 5.78
N GLU A 75 23.37 -3.42 4.59
CA GLU A 75 23.37 -2.68 3.36
C GLU A 75 22.16 -1.73 3.34
N ARG A 76 22.17 -0.75 2.44
CA ARG A 76 20.97 0.05 2.17
C ARG A 76 20.20 -0.61 1.04
N ARG A 77 18.87 -0.53 1.06
CA ARG A 77 18.01 -0.88 -0.07
C ARG A 77 16.94 0.19 -0.18
N THR A 78 16.39 0.37 -1.37
CA THR A 78 15.15 1.08 -1.59
C THR A 78 14.17 0.02 -2.08
N GLY A 79 13.23 -0.39 -1.22
CA GLY A 79 12.13 -1.25 -1.63
C GLY A 79 11.30 -0.54 -2.69
N LEU A 80 10.68 -1.27 -3.61
CA LEU A 80 9.76 -0.71 -4.60
C LEU A 80 8.91 -1.82 -5.20
N VAL A 81 7.58 -1.75 -5.03
CA VAL A 81 6.64 -2.75 -5.53
C VAL A 81 5.58 -2.06 -6.38
N THR A 82 4.78 -2.80 -7.14
CA THR A 82 3.61 -2.23 -7.81
C THR A 82 2.37 -2.99 -7.34
N LEU A 83 1.26 -2.27 -7.21
CA LEU A 83 -0.07 -2.78 -6.92
C LEU A 83 -1.06 -2.32 -8.00
N LYS A 84 -2.19 -2.99 -8.13
CA LYS A 84 -3.30 -2.59 -9.01
C LYS A 84 -4.61 -3.06 -8.37
N GLN A 85 -5.63 -2.21 -8.40
CA GLN A 85 -7.01 -2.57 -8.06
C GLN A 85 -7.53 -3.55 -9.13
N ASP A 86 -8.64 -4.20 -8.81
CA ASP A 86 -9.44 -5.02 -9.69
C ASP A 86 -9.91 -4.23 -10.93
N GLU A 87 -11.00 -3.47 -10.85
CA GLU A 87 -11.63 -2.92 -12.06
C GLU A 87 -11.11 -1.52 -12.42
N SER A 88 -10.24 -0.97 -11.59
CA SER A 88 -9.50 0.27 -11.79
C SER A 88 -8.01 -0.06 -11.86
N GLY A 89 -7.14 0.89 -11.52
CA GLY A 89 -5.76 0.83 -11.97
C GLY A 89 -5.00 2.03 -11.46
N LYS A 90 -5.21 2.43 -10.22
CA LYS A 90 -4.23 3.14 -9.47
C LYS A 90 -3.10 2.15 -9.28
N THR A 91 -1.90 2.66 -9.43
CA THR A 91 -0.68 2.09 -8.92
C THR A 91 -0.27 3.05 -7.81
N LEU A 92 0.25 2.57 -6.68
CA LEU A 92 0.62 3.46 -5.57
C LEU A 92 2.10 3.24 -5.31
N SER A 93 2.92 4.25 -5.60
CA SER A 93 4.36 4.09 -5.47
C SER A 93 4.70 3.86 -4.00
N LEU A 94 5.60 2.94 -3.67
CA LEU A 94 5.90 2.62 -2.28
C LEU A 94 7.40 2.39 -2.11
N LYS A 95 8.10 3.44 -1.68
CA LYS A 95 9.52 3.36 -1.34
C LYS A 95 9.63 3.21 0.18
N ILE A 96 10.51 2.34 0.62
CA ILE A 96 11.07 2.37 1.97
C ILE A 96 12.55 2.57 1.73
N VAL A 97 13.13 3.68 2.19
CA VAL A 97 14.54 3.99 2.06
C VAL A 97 15.11 3.85 3.46
N GLN A 98 15.36 2.60 3.87
CA GLN A 98 15.73 2.26 5.24
C GLN A 98 17.23 1.91 5.33
N PRO A 99 17.83 2.00 6.53
CA PRO A 99 19.11 1.36 6.83
C PRO A 99 18.96 -0.17 6.78
N GLY A 100 20.03 -0.90 7.09
CA GLY A 100 20.00 -2.35 7.14
C GLY A 100 20.61 -2.89 8.41
N LYS A 101 20.35 -4.16 8.67
CA LYS A 101 20.45 -4.76 9.99
C LYS A 101 21.85 -5.29 10.26
N THR A 102 22.36 -5.09 11.47
CA THR A 102 23.51 -5.80 12.02
C THR A 102 23.28 -5.87 13.52
N SER A 103 22.73 -6.98 14.01
CA SER A 103 22.55 -7.26 15.41
C SER A 103 23.01 -8.70 15.70
N ILE A 104 22.64 -9.23 16.86
CA ILE A 104 22.83 -10.62 17.25
C ILE A 104 21.47 -11.35 17.30
N ASP A 105 20.42 -10.76 16.70
CA ASP A 105 19.06 -11.31 16.69
C ASP A 105 19.03 -12.59 15.90
N GLY A 1 -35.75 6.11 -10.05
CA GLY A 1 -34.69 5.11 -10.26
C GLY A 1 -33.42 5.56 -9.57
N HIS A 2 -32.38 4.73 -9.56
CA HIS A 2 -31.14 5.01 -8.82
C HIS A 2 -30.02 5.16 -9.84
N MET A 3 -29.96 6.30 -10.50
CA MET A 3 -28.85 6.81 -11.30
C MET A 3 -29.13 8.31 -11.50
N GLY A 4 -28.19 9.03 -12.11
CA GLY A 4 -28.21 10.48 -12.19
C GLY A 4 -26.82 11.10 -11.96
N SER A 5 -25.79 10.28 -11.87
CA SER A 5 -24.39 10.65 -11.84
C SER A 5 -23.61 9.50 -12.48
N PRO A 6 -22.40 9.75 -13.01
CA PRO A 6 -21.53 8.70 -13.49
C PRO A 6 -21.02 7.87 -12.30
N VAL A 7 -20.52 6.66 -12.58
CA VAL A 7 -19.84 5.90 -11.55
C VAL A 7 -18.48 6.54 -11.24
N SER A 8 -18.06 6.45 -9.98
CA SER A 8 -16.78 6.89 -9.48
C SER A 8 -16.08 5.73 -8.78
N TYR A 9 -14.76 5.66 -8.89
CA TYR A 9 -13.91 4.65 -8.28
C TYR A 9 -12.81 5.38 -7.51
N TYR A 10 -12.53 4.89 -6.30
CA TYR A 10 -11.62 5.45 -5.32
C TYR A 10 -10.55 4.41 -5.01
N PHE A 11 -9.30 4.68 -5.36
CA PHE A 11 -8.13 3.82 -5.19
C PHE A 11 -6.98 4.72 -4.75
N SER A 12 -7.00 5.15 -3.48
CA SER A 12 -6.04 6.10 -2.94
C SER A 12 -6.19 6.19 -1.41
N TYR A 13 -5.30 6.94 -0.74
CA TYR A 13 -5.36 7.15 0.70
C TYR A 13 -6.35 8.27 1.03
N ALA A 14 -6.87 8.28 2.26
CA ALA A 14 -7.57 9.43 2.78
C ALA A 14 -6.56 10.48 3.26
N ASP A 15 -5.75 10.13 4.28
CA ASP A 15 -5.01 11.06 5.13
C ASP A 15 -3.51 11.00 4.83
N GLY A 16 -3.15 10.67 3.58
CA GLY A 16 -1.78 10.79 3.13
C GLY A 16 -1.57 11.00 1.63
N GLY A 17 -2.58 10.84 0.77
CA GLY A 17 -2.50 11.17 -0.64
C GLY A 17 -2.64 9.96 -1.57
N THR A 18 -1.62 9.68 -2.37
CA THR A 18 -1.68 8.77 -3.52
C THR A 18 -0.43 7.89 -3.63
N SER A 19 0.46 7.90 -2.64
CA SER A 19 1.43 6.82 -2.47
C SER A 19 1.87 6.70 -1.02
N HIS A 20 2.86 5.85 -0.75
CA HIS A 20 3.34 5.43 0.56
C HIS A 20 4.87 5.34 0.53
N THR A 21 5.56 6.30 1.16
CA THR A 21 7.02 6.37 1.13
C THR A 21 7.49 6.54 2.57
N GLU A 22 7.73 5.42 3.24
CA GLU A 22 8.16 5.45 4.63
C GLU A 22 9.67 5.64 4.66
N TYR A 23 10.13 6.51 5.55
CA TYR A 23 11.53 6.80 5.78
C TYR A 23 11.85 6.50 7.26
N PRO A 24 11.88 5.23 7.68
CA PRO A 24 12.26 4.88 9.04
C PRO A 24 13.75 5.18 9.27
N ASP A 25 14.20 5.06 10.51
CA ASP A 25 15.57 5.30 10.93
C ASP A 25 15.84 4.48 12.18
N ASP A 26 17.12 4.21 12.43
CA ASP A 26 17.67 3.30 13.43
C ASP A 26 17.04 1.90 13.29
N SER A 27 15.88 1.66 13.89
CA SER A 27 15.11 0.44 13.81
C SER A 27 13.61 0.77 13.87
N SER A 28 12.92 0.88 12.73
CA SER A 28 11.46 0.84 12.70
C SER A 28 10.92 0.17 11.42
N ALA A 29 10.75 -1.15 11.43
CA ALA A 29 10.06 -1.92 10.37
C ALA A 29 9.09 -2.89 11.03
N GLY A 30 7.85 -3.02 10.51
CA GLY A 30 6.81 -3.75 11.20
C GLY A 30 5.54 -3.86 10.38
N SER A 31 4.51 -4.38 11.02
CA SER A 31 3.22 -4.69 10.41
C SER A 31 2.14 -3.74 10.95
N PHE A 32 1.67 -2.80 10.12
CA PHE A 32 0.72 -1.75 10.49
C PHE A 32 -0.44 -1.61 9.49
N ILE A 33 -1.31 -0.62 9.68
CA ILE A 33 -2.58 -0.45 8.96
C ILE A 33 -2.76 1.04 8.66
N LEU A 34 -2.96 1.38 7.39
CA LEU A 34 -3.08 2.76 6.90
C LEU A 34 -4.53 3.05 6.49
N ASP A 35 -4.88 4.33 6.29
CA ASP A 35 -6.23 4.74 5.88
C ASP A 35 -6.38 4.67 4.35
N ILE A 36 -6.70 3.47 3.87
CA ILE A 36 -6.70 3.13 2.45
C ILE A 36 -8.14 2.94 1.97
N THR A 37 -8.53 3.77 1.01
CA THR A 37 -9.80 3.68 0.31
C THR A 37 -9.65 2.69 -0.84
N SER A 38 -10.63 1.80 -1.01
CA SER A 38 -10.72 0.94 -2.19
C SER A 38 -12.18 0.53 -2.39
N TYR A 39 -12.94 1.33 -3.13
CA TYR A 39 -14.35 1.09 -3.44
C TYR A 39 -14.83 1.92 -4.62
N LYS A 40 -16.01 1.56 -5.16
CA LYS A 40 -16.70 2.34 -6.20
C LYS A 40 -17.96 2.95 -5.60
N LYS A 41 -18.51 3.96 -6.25
CA LYS A 41 -19.73 4.66 -5.88
C LYS A 41 -20.57 4.83 -7.13
N THR A 42 -21.81 4.36 -7.08
CA THR A 42 -22.81 4.54 -8.11
C THR A 42 -24.14 3.98 -7.60
N GLY A 43 -25.19 4.16 -8.40
CA GLY A 43 -26.55 3.75 -8.11
C GLY A 43 -26.96 4.38 -6.79
N ASN A 44 -27.03 3.55 -5.76
CA ASN A 44 -27.17 3.95 -4.37
C ASN A 44 -26.54 2.85 -3.51
N SER A 45 -25.24 2.74 -3.61
CA SER A 45 -24.36 1.91 -2.79
C SER A 45 -22.90 2.39 -2.88
N THR A 46 -22.04 1.81 -2.04
CA THR A 46 -20.59 1.82 -2.22
C THR A 46 -20.01 0.42 -1.97
N LYS A 47 -19.91 -0.44 -2.99
CA LYS A 47 -19.21 -1.71 -2.78
C LYS A 47 -17.71 -1.49 -2.83
N ALA A 48 -17.00 -2.18 -1.94
CA ALA A 48 -15.55 -2.28 -1.92
C ALA A 48 -15.02 -2.98 -3.17
N LEU A 49 -13.70 -2.87 -3.37
CA LEU A 49 -12.96 -3.74 -4.26
C LEU A 49 -11.64 -4.14 -3.60
N SER A 50 -11.31 -5.42 -3.67
CA SER A 50 -10.04 -6.00 -3.27
C SER A 50 -8.93 -5.60 -4.25
N TRP A 51 -7.69 -5.95 -3.94
CA TRP A 51 -6.51 -5.65 -4.73
C TRP A 51 -5.47 -6.79 -4.63
N ASN A 52 -4.35 -6.63 -5.32
CA ASN A 52 -3.14 -7.44 -5.25
C ASN A 52 -1.97 -6.52 -4.96
N ALA A 53 -0.84 -7.07 -4.50
CA ALA A 53 0.45 -6.38 -4.48
C ALA A 53 1.58 -7.38 -4.70
N SER A 54 2.75 -6.94 -5.18
CA SER A 54 3.99 -7.73 -5.21
C SER A 54 5.13 -7.00 -5.92
N GLY A 55 6.38 -7.34 -5.57
CA GLY A 55 7.61 -6.86 -6.18
C GLY A 55 8.80 -7.52 -5.46
N ASP A 56 9.40 -6.83 -4.48
CA ASP A 56 10.52 -7.37 -3.72
C ASP A 56 10.08 -8.55 -2.84
N SER A 57 11.04 -9.29 -2.27
CA SER A 57 10.84 -10.56 -1.56
C SER A 57 10.67 -10.42 -0.03
N TRP A 58 10.61 -9.20 0.53
CA TRP A 58 10.56 -8.91 1.96
C TRP A 58 9.36 -8.02 2.34
N ILE A 59 8.33 -7.98 1.50
CA ILE A 59 7.25 -6.98 1.54
C ILE A 59 5.94 -7.73 1.38
N HIS A 60 5.09 -7.72 2.42
CA HIS A 60 3.94 -8.60 2.54
C HIS A 60 2.67 -7.76 2.75
N VAL A 61 1.53 -8.25 2.27
CA VAL A 61 0.28 -7.49 2.23
C VAL A 61 -0.84 -8.37 2.79
N ASN A 62 -1.90 -7.75 3.31
CA ASN A 62 -3.17 -8.41 3.60
C ASN A 62 -4.31 -7.43 3.30
N GLY A 63 -5.56 -7.85 3.49
CA GLY A 63 -6.75 -7.19 2.93
C GLY A 63 -6.97 -5.73 3.31
N SER A 64 -6.33 -5.22 4.36
CA SER A 64 -6.16 -3.80 4.64
C SER A 64 -4.80 -3.52 5.31
N SER A 65 -3.91 -4.51 5.40
CA SER A 65 -2.74 -4.53 6.27
C SER A 65 -1.47 -4.42 5.41
N VAL A 66 -0.40 -3.85 5.97
CA VAL A 66 0.90 -3.70 5.31
C VAL A 66 1.97 -4.21 6.29
N SER A 67 2.96 -4.95 5.78
CA SER A 67 4.11 -5.36 6.55
C SER A 67 5.35 -5.30 5.66
N TYR A 68 6.51 -5.09 6.27
CA TYR A 68 7.81 -5.36 5.66
C TYR A 68 8.85 -5.50 6.76
N ASP A 69 10.04 -5.99 6.38
CA ASP A 69 11.16 -6.22 7.28
C ASP A 69 12.36 -5.38 6.87
N GLU A 70 13.37 -5.28 7.74
CA GLU A 70 14.65 -4.70 7.39
C GLU A 70 15.47 -5.64 6.51
N ASN A 71 16.62 -5.15 6.08
CA ASN A 71 17.52 -5.70 5.08
C ASN A 71 18.71 -6.42 5.75
N PRO A 72 19.49 -7.22 5.00
CA PRO A 72 20.58 -8.01 5.55
C PRO A 72 21.85 -7.19 5.87
N ALA A 73 22.13 -6.10 5.15
CA ALA A 73 23.44 -5.45 5.18
C ALA A 73 23.30 -3.93 5.20
N LYS A 74 24.38 -3.20 5.45
CA LYS A 74 24.31 -1.76 5.68
C LYS A 74 24.08 -0.98 4.40
N GLU A 75 23.96 -1.68 3.26
CA GLU A 75 23.60 -1.05 2.02
C GLU A 75 22.18 -0.47 2.08
N ARG A 76 21.86 0.44 1.18
CA ARG A 76 20.50 0.98 1.05
C ARG A 76 19.66 -0.04 0.29
N ARG A 77 18.49 -0.44 0.78
CA ARG A 77 17.50 -1.21 0.01
C ARG A 77 16.27 -0.33 0.00
N THR A 78 16.00 0.36 -1.10
CA THR A 78 14.69 0.92 -1.35
C THR A 78 13.92 -0.16 -2.12
N GLY A 79 12.97 -0.82 -1.47
CA GLY A 79 12.05 -1.73 -2.14
C GLY A 79 11.03 -0.93 -2.93
N LEU A 80 10.38 -1.57 -3.91
CA LEU A 80 9.38 -0.91 -4.76
C LEU A 80 8.47 -1.92 -5.46
N VAL A 81 7.32 -2.22 -4.86
CA VAL A 81 6.35 -3.13 -5.46
C VAL A 81 5.41 -2.41 -6.43
N THR A 82 4.49 -3.15 -7.06
CA THR A 82 3.28 -2.61 -7.69
C THR A 82 2.06 -3.14 -6.93
N LEU A 83 0.88 -2.53 -7.13
CA LEU A 83 -0.43 -3.06 -6.76
C LEU A 83 -1.39 -2.87 -7.92
N LYS A 84 -2.53 -3.55 -7.89
CA LYS A 84 -3.67 -3.24 -8.75
C LYS A 84 -4.94 -3.67 -8.03
N GLN A 85 -6.07 -3.03 -8.33
CA GLN A 85 -7.37 -3.46 -7.84
C GLN A 85 -7.89 -4.62 -8.70
N ASP A 86 -8.99 -5.21 -8.25
CA ASP A 86 -9.79 -6.16 -9.00
C ASP A 86 -10.25 -5.58 -10.36
N GLU A 87 -10.62 -4.30 -10.40
CA GLU A 87 -11.13 -3.64 -11.61
C GLU A 87 -10.35 -2.37 -11.94
N SER A 88 -10.09 -1.54 -10.92
CA SER A 88 -9.32 -0.31 -11.09
C SER A 88 -7.82 -0.64 -11.13
N GLY A 89 -6.97 0.38 -11.07
CA GLY A 89 -5.60 0.25 -11.54
C GLY A 89 -4.67 1.41 -11.22
N LYS A 90 -5.04 2.38 -10.37
CA LYS A 90 -4.12 3.38 -9.85
C LYS A 90 -3.04 2.69 -9.02
N THR A 91 -1.93 2.33 -9.63
CA THR A 91 -0.92 1.56 -8.93
C THR A 91 -0.26 2.50 -7.90
N LEU A 92 0.14 2.01 -6.73
CA LEU A 92 0.86 2.80 -5.72
C LEU A 92 2.35 2.43 -5.77
N SER A 93 3.18 3.03 -4.92
CA SER A 93 4.65 2.99 -5.01
C SER A 93 5.26 2.93 -3.60
N LEU A 94 5.43 1.74 -3.03
CA LEU A 94 5.80 1.54 -1.63
C LEU A 94 7.31 1.69 -1.48
N LYS A 95 7.79 2.93 -1.56
CA LYS A 95 9.21 3.23 -1.43
C LYS A 95 9.57 3.20 0.05
N ILE A 96 9.99 2.03 0.53
CA ILE A 96 10.43 1.83 1.90
C ILE A 96 11.92 2.18 1.90
N VAL A 97 12.31 3.36 2.39
CA VAL A 97 13.69 3.84 2.30
C VAL A 97 14.34 3.71 3.68
N GLN A 98 14.81 2.51 4.04
CA GLN A 98 15.28 2.20 5.39
C GLN A 98 16.79 2.37 5.46
N PRO A 99 17.38 2.62 6.64
CA PRO A 99 18.81 2.41 6.85
C PRO A 99 19.13 0.94 6.64
N GLY A 100 20.38 0.63 6.33
CA GLY A 100 20.82 -0.74 6.23
C GLY A 100 21.28 -1.26 7.59
N LYS A 101 21.20 -2.57 7.79
CA LYS A 101 21.42 -3.26 9.07
C LYS A 101 22.86 -3.76 9.17
N THR A 102 23.37 -3.94 10.39
CA THR A 102 24.66 -4.53 10.69
C THR A 102 24.65 -4.89 12.18
N SER A 103 24.45 -6.16 12.51
CA SER A 103 24.37 -6.64 13.88
C SER A 103 24.93 -8.06 14.00
N ILE A 104 24.92 -8.61 15.21
CA ILE A 104 25.02 -10.06 15.41
C ILE A 104 23.61 -10.56 15.10
N ASP A 105 23.33 -10.79 13.82
CA ASP A 105 22.06 -11.29 13.32
C ASP A 105 21.95 -12.78 13.56
N GLY A 1 -37.68 11.07 -12.58
CA GLY A 1 -36.37 10.41 -12.70
C GLY A 1 -35.64 11.02 -13.87
N HIS A 2 -34.47 11.60 -13.64
CA HIS A 2 -33.76 12.54 -14.53
C HIS A 2 -32.50 12.95 -13.76
N MET A 3 -31.67 11.96 -13.42
CA MET A 3 -30.39 12.09 -12.74
C MET A 3 -29.67 10.77 -12.98
N GLY A 4 -28.35 10.81 -13.04
CA GLY A 4 -27.47 9.65 -13.18
C GLY A 4 -26.06 10.17 -13.41
N SER A 5 -25.06 9.30 -13.30
CA SER A 5 -23.67 9.65 -13.55
C SER A 5 -22.87 8.38 -13.88
N PRO A 6 -21.64 8.50 -14.41
CA PRO A 6 -20.70 7.41 -14.42
C PRO A 6 -20.46 6.87 -12.99
N VAL A 7 -19.94 5.65 -12.92
CA VAL A 7 -19.61 4.97 -11.69
C VAL A 7 -18.32 5.58 -11.13
N SER A 8 -18.44 6.23 -9.97
CA SER A 8 -17.37 6.98 -9.34
C SER A 8 -16.48 6.00 -8.56
N TYR A 9 -15.28 5.69 -9.06
CA TYR A 9 -14.34 4.81 -8.36
C TYR A 9 -13.43 5.63 -7.45
N TYR A 10 -13.04 5.05 -6.31
CA TYR A 10 -12.22 5.67 -5.28
C TYR A 10 -11.11 4.71 -4.89
N PHE A 11 -9.87 5.07 -5.21
CA PHE A 11 -8.69 4.35 -4.79
C PHE A 11 -7.56 5.36 -4.52
N SER A 12 -7.43 5.80 -3.28
CA SER A 12 -6.32 6.65 -2.83
C SER A 12 -6.30 6.72 -1.31
N TYR A 13 -5.21 7.23 -0.72
CA TYR A 13 -5.06 7.32 0.73
C TYR A 13 -5.96 8.42 1.30
N ALA A 14 -6.04 8.51 2.64
CA ALA A 14 -6.68 9.61 3.33
C ALA A 14 -5.77 10.85 3.38
N ASP A 15 -4.45 10.65 3.25
CA ASP A 15 -3.40 11.67 3.38
C ASP A 15 -3.28 12.54 2.12
N GLY A 16 -4.31 12.58 1.28
CA GLY A 16 -4.35 13.38 0.08
C GLY A 16 -3.28 12.97 -0.93
N GLY A 17 -3.22 11.68 -1.26
CA GLY A 17 -2.26 11.19 -2.24
C GLY A 17 -2.43 9.71 -2.57
N THR A 18 -1.48 9.18 -3.34
CA THR A 18 -1.51 7.89 -4.03
C THR A 18 -0.23 7.09 -3.80
N SER A 19 0.59 7.42 -2.81
CA SER A 19 1.89 6.78 -2.63
C SER A 19 2.25 6.81 -1.14
N HIS A 20 2.77 5.71 -0.61
CA HIS A 20 3.35 5.67 0.72
C HIS A 20 4.85 5.57 0.58
N THR A 21 5.60 6.48 1.18
CA THR A 21 7.05 6.47 1.20
C THR A 21 7.47 6.65 2.66
N GLU A 22 7.70 5.54 3.37
CA GLU A 22 8.16 5.63 4.74
C GLU A 22 9.67 5.86 4.77
N TYR A 23 10.11 6.66 5.75
CA TYR A 23 11.51 6.95 6.01
C TYR A 23 11.88 6.56 7.45
N PRO A 24 11.86 5.27 7.82
CA PRO A 24 12.27 4.83 9.15
C PRO A 24 13.80 4.87 9.28
N ASP A 25 14.33 4.44 10.42
CA ASP A 25 15.72 4.61 10.82
C ASP A 25 16.01 3.61 11.94
N ASP A 26 17.29 3.39 12.25
CA ASP A 26 17.82 2.49 13.29
C ASP A 26 17.39 1.03 13.09
N SER A 27 16.15 0.68 13.43
CA SER A 27 15.36 -0.37 12.78
C SER A 27 13.89 -0.12 13.11
N SER A 28 13.02 0.01 12.12
CA SER A 28 11.57 0.08 12.31
C SER A 28 10.79 -0.78 11.31
N ALA A 29 11.39 -1.89 10.89
CA ALA A 29 10.76 -2.94 10.10
C ALA A 29 9.73 -3.72 10.95
N GLY A 30 8.48 -3.84 10.51
CA GLY A 30 7.45 -4.58 11.21
C GLY A 30 6.21 -4.74 10.34
N SER A 31 5.07 -5.01 10.98
CA SER A 31 3.79 -5.20 10.32
C SER A 31 2.78 -4.21 10.91
N PHE A 32 2.28 -3.31 10.06
CA PHE A 32 1.32 -2.26 10.43
C PHE A 32 0.14 -2.24 9.45
N ILE A 33 -0.80 -1.30 9.62
CA ILE A 33 -2.01 -1.18 8.82
C ILE A 33 -2.16 0.31 8.49
N LEU A 34 -2.73 0.61 7.31
CA LEU A 34 -2.89 1.96 6.80
C LEU A 34 -4.34 2.18 6.40
N ASP A 35 -4.75 3.45 6.30
CA ASP A 35 -6.07 3.89 5.83
C ASP A 35 -6.01 4.10 4.31
N ILE A 36 -6.65 3.22 3.54
CA ILE A 36 -6.78 3.31 2.09
C ILE A 36 -8.27 3.37 1.76
N THR A 37 -8.64 4.22 0.81
CA THR A 37 -9.95 4.16 0.17
C THR A 37 -9.92 3.05 -0.89
N SER A 38 -10.88 2.11 -0.91
CA SER A 38 -10.88 1.02 -1.88
C SER A 38 -12.30 0.58 -2.23
N TYR A 39 -13.04 1.41 -2.99
CA TYR A 39 -14.41 1.10 -3.40
C TYR A 39 -14.80 1.79 -4.70
N LYS A 40 -15.97 1.42 -5.24
CA LYS A 40 -16.66 2.11 -6.34
C LYS A 40 -18.06 2.48 -5.88
N LYS A 41 -18.58 3.61 -6.32
CA LYS A 41 -19.82 4.20 -5.86
C LYS A 41 -20.75 4.27 -7.06
N THR A 42 -21.99 3.85 -6.85
CA THR A 42 -23.06 3.76 -7.83
C THR A 42 -24.24 3.09 -7.09
N GLY A 43 -25.31 2.73 -7.81
CA GLY A 43 -26.56 2.27 -7.22
C GLY A 43 -27.05 3.32 -6.25
N ASN A 44 -26.97 3.05 -4.96
CA ASN A 44 -27.14 4.04 -3.90
C ASN A 44 -26.17 3.74 -2.73
N SER A 45 -25.04 3.08 -3.01
CA SER A 45 -24.06 2.63 -2.02
C SER A 45 -22.65 2.59 -2.62
N THR A 46 -21.74 1.91 -1.93
CA THR A 46 -20.32 1.83 -2.21
C THR A 46 -19.91 0.36 -2.20
N LYS A 47 -19.79 -0.28 -3.38
CA LYS A 47 -19.29 -1.65 -3.48
C LYS A 47 -17.79 -1.61 -3.21
N ALA A 48 -17.33 -2.37 -2.22
CA ALA A 48 -15.91 -2.55 -1.93
C ALA A 48 -15.23 -3.25 -3.12
N LEU A 49 -13.90 -3.14 -3.18
CA LEU A 49 -13.06 -3.91 -4.09
C LEU A 49 -11.82 -4.37 -3.35
N SER A 50 -11.22 -5.48 -3.79
CA SER A 50 -10.04 -6.10 -3.18
C SER A 50 -8.86 -6.05 -4.17
N TRP A 51 -7.63 -6.28 -3.70
CA TRP A 51 -6.43 -6.02 -4.49
C TRP A 51 -5.27 -6.99 -4.28
N ASN A 52 -4.30 -6.92 -5.21
CA ASN A 52 -3.05 -7.66 -5.23
C ASN A 52 -1.88 -6.67 -5.27
N ALA A 53 -0.72 -7.09 -4.77
CA ALA A 53 0.56 -6.41 -4.89
C ALA A 53 1.66 -7.47 -4.94
N SER A 54 2.76 -7.20 -5.67
CA SER A 54 3.98 -8.01 -5.62
C SER A 54 5.15 -7.29 -6.28
N GLY A 55 6.37 -7.61 -5.90
CA GLY A 55 7.57 -7.11 -6.57
C GLY A 55 8.86 -7.67 -5.97
N ASP A 56 9.15 -7.23 -4.75
CA ASP A 56 10.33 -7.58 -3.96
C ASP A 56 10.15 -9.00 -3.38
N SER A 57 11.06 -9.46 -2.50
CA SER A 57 10.92 -10.66 -1.68
C SER A 57 10.95 -10.39 -0.15
N TRP A 58 10.64 -9.17 0.29
CA TRP A 58 10.57 -8.79 1.72
C TRP A 58 9.35 -7.97 2.12
N ILE A 59 8.47 -7.58 1.19
CA ILE A 59 7.41 -6.58 1.34
C ILE A 59 6.06 -7.28 1.09
N HIS A 60 5.15 -7.24 2.05
CA HIS A 60 3.92 -8.04 2.03
C HIS A 60 2.68 -7.14 2.13
N VAL A 61 1.52 -7.72 1.82
CA VAL A 61 0.23 -7.04 1.86
C VAL A 61 -0.83 -8.04 2.28
N ASN A 62 -1.78 -7.60 3.11
CA ASN A 62 -2.91 -8.39 3.56
C ASN A 62 -4.16 -7.52 3.48
N GLY A 63 -4.56 -7.17 2.24
CA GLY A 63 -5.52 -6.11 2.02
C GLY A 63 -4.96 -4.84 2.64
N SER A 64 -5.67 -4.26 3.61
CA SER A 64 -5.34 -3.04 4.33
C SER A 64 -3.96 -3.07 5.01
N SER A 65 -3.48 -4.26 5.34
CA SER A 65 -2.34 -4.47 6.22
C SER A 65 -1.07 -4.58 5.37
N VAL A 66 0.07 -4.11 5.89
CA VAL A 66 1.33 -4.01 5.15
C VAL A 66 2.49 -4.35 6.09
N SER A 67 3.52 -4.99 5.56
CA SER A 67 4.73 -5.30 6.29
C SER A 67 5.93 -5.16 5.35
N TYR A 68 7.10 -4.88 5.89
CA TYR A 68 8.36 -4.97 5.18
C TYR A 68 9.46 -5.27 6.19
N ASP A 69 10.20 -6.34 5.92
CA ASP A 69 11.22 -6.84 6.84
C ASP A 69 12.58 -6.46 6.26
N GLU A 70 13.30 -5.59 6.97
CA GLU A 70 14.46 -4.93 6.42
C GLU A 70 15.69 -5.84 6.33
N ASN A 71 16.68 -5.38 5.57
CA ASN A 71 17.84 -6.21 5.29
C ASN A 71 18.66 -6.42 6.57
N PRO A 72 19.34 -7.56 6.70
CA PRO A 72 19.97 -7.97 7.94
C PRO A 72 21.25 -7.18 8.27
N ALA A 73 21.75 -6.39 7.33
CA ALA A 73 22.95 -5.59 7.49
C ALA A 73 22.62 -4.10 7.33
N LYS A 74 23.67 -3.28 7.44
CA LYS A 74 23.62 -1.84 7.50
C LYS A 74 23.78 -1.18 6.14
N GLU A 75 23.66 -1.94 5.05
CA GLU A 75 23.63 -1.36 3.72
C GLU A 75 22.22 -0.82 3.47
N ARG A 76 22.09 0.20 2.63
CA ARG A 76 20.83 0.88 2.32
C ARG A 76 20.10 0.06 1.25
N ARG A 77 18.78 -0.15 1.32
CA ARG A 77 18.04 -0.86 0.28
C ARG A 77 16.65 -0.27 0.06
N THR A 78 16.53 0.67 -0.87
CA THR A 78 15.24 1.20 -1.26
C THR A 78 14.41 0.13 -2.00
N GLY A 79 13.27 -0.31 -1.45
CA GLY A 79 12.38 -1.30 -2.06
C GLY A 79 11.30 -0.67 -2.94
N LEU A 80 10.68 -1.48 -3.82
CA LEU A 80 9.56 -1.06 -4.68
C LEU A 80 8.81 -2.27 -5.23
N VAL A 81 7.54 -2.43 -4.85
CA VAL A 81 6.58 -3.31 -5.50
C VAL A 81 5.61 -2.48 -6.36
N THR A 82 4.66 -3.12 -7.05
CA THR A 82 3.50 -2.44 -7.63
C THR A 82 2.24 -3.21 -7.19
N LEU A 83 1.06 -2.55 -7.31
CA LEU A 83 -0.24 -3.10 -6.95
C LEU A 83 -1.34 -2.63 -7.90
N LYS A 84 -2.46 -3.35 -7.99
CA LYS A 84 -3.69 -2.92 -8.67
C LYS A 84 -4.91 -3.55 -7.99
N GLN A 85 -6.10 -2.96 -8.19
CA GLN A 85 -7.36 -3.37 -7.57
C GLN A 85 -8.23 -4.13 -8.58
N ASP A 86 -9.24 -4.83 -8.08
CA ASP A 86 -10.09 -5.74 -8.87
C ASP A 86 -10.72 -5.08 -10.09
N GLU A 87 -11.47 -4.00 -9.88
CA GLU A 87 -12.16 -3.27 -10.95
C GLU A 87 -11.68 -1.82 -11.08
N SER A 88 -10.84 -1.36 -10.14
CA SER A 88 -10.21 -0.03 -10.20
C SER A 88 -8.99 -0.10 -11.14
N GLY A 89 -8.02 0.78 -10.94
CA GLY A 89 -6.78 0.69 -11.69
C GLY A 89 -5.68 1.66 -11.27
N LYS A 90 -5.91 2.55 -10.30
CA LYS A 90 -4.85 3.36 -9.73
C LYS A 90 -3.87 2.42 -9.05
N THR A 91 -2.71 2.22 -9.64
CA THR A 91 -1.61 1.66 -8.89
C THR A 91 -1.26 2.65 -7.76
N LEU A 92 -0.67 2.17 -6.67
CA LEU A 92 -0.03 3.07 -5.73
C LEU A 92 1.48 3.00 -6.00
N SER A 93 2.28 3.51 -5.08
CA SER A 93 3.69 3.17 -4.99
C SER A 93 4.02 3.22 -3.51
N LEU A 94 4.29 2.05 -2.96
CA LEU A 94 4.94 1.86 -1.68
C LEU A 94 6.45 1.96 -1.93
N LYS A 95 7.13 2.88 -1.28
CA LYS A 95 8.58 2.87 -1.17
C LYS A 95 8.94 2.80 0.31
N ILE A 96 10.12 2.26 0.58
CA ILE A 96 10.73 2.23 1.90
C ILE A 96 12.15 2.73 1.65
N VAL A 97 12.57 3.81 2.29
CA VAL A 97 13.90 4.38 2.16
C VAL A 97 14.46 4.52 3.58
N GLN A 98 15.38 3.66 3.98
CA GLN A 98 15.94 3.62 5.33
C GLN A 98 17.43 3.27 5.29
N PRO A 99 18.17 3.48 6.39
CA PRO A 99 19.40 2.74 6.66
C PRO A 99 19.13 1.25 6.81
N GLY A 100 20.19 0.50 7.10
CA GLY A 100 20.09 -0.91 7.40
C GLY A 100 20.36 -1.19 8.88
N LYS A 101 20.20 -2.45 9.29
CA LYS A 101 20.27 -2.90 10.68
C LYS A 101 21.71 -2.97 11.18
N THR A 102 21.92 -2.49 12.40
CA THR A 102 23.18 -2.53 13.16
C THR A 102 22.97 -2.33 14.66
N SER A 103 21.71 -2.31 15.07
CA SER A 103 21.29 -1.79 16.36
C SER A 103 21.41 -2.86 17.43
N ILE A 104 20.92 -2.58 18.64
CA ILE A 104 20.63 -3.62 19.61
C ILE A 104 19.34 -4.29 19.11
N ASP A 105 19.47 -5.07 18.04
CA ASP A 105 18.43 -5.92 17.47
C ASP A 105 18.84 -7.35 17.74
N GLY A 1 -21.74 1.35 -21.51
CA GLY A 1 -22.69 1.13 -20.42
C GLY A 1 -23.98 1.88 -20.67
N HIS A 2 -25.05 1.56 -19.93
CA HIS A 2 -26.25 2.37 -19.97
C HIS A 2 -25.95 3.72 -19.32
N MET A 3 -26.80 4.71 -19.59
CA MET A 3 -26.93 5.87 -18.71
C MET A 3 -27.49 5.35 -17.38
N GLY A 4 -27.05 5.93 -16.26
CA GLY A 4 -27.59 5.60 -14.95
C GLY A 4 -27.24 6.71 -13.99
N SER A 5 -26.03 6.65 -13.44
CA SER A 5 -25.52 7.62 -12.47
C SER A 5 -24.04 7.91 -12.76
N PRO A 6 -23.46 8.98 -12.20
CA PRO A 6 -22.01 9.08 -12.12
C PRO A 6 -21.49 7.92 -11.28
N VAL A 7 -20.41 7.30 -11.74
CA VAL A 7 -19.62 6.39 -10.92
C VAL A 7 -18.33 7.12 -10.58
N SER A 8 -17.92 7.02 -9.32
CA SER A 8 -16.62 7.42 -8.86
C SER A 8 -15.91 6.18 -8.34
N TYR A 9 -14.74 5.83 -8.87
CA TYR A 9 -13.86 4.88 -8.20
C TYR A 9 -13.01 5.65 -7.21
N TYR A 10 -12.54 4.94 -6.19
CA TYR A 10 -11.69 5.41 -5.11
C TYR A 10 -10.61 4.36 -4.96
N PHE A 11 -9.40 4.64 -5.46
CA PHE A 11 -8.22 3.83 -5.20
C PHE A 11 -7.04 4.77 -4.98
N SER A 12 -6.88 5.19 -3.73
CA SER A 12 -5.76 5.96 -3.20
C SER A 12 -5.52 5.42 -1.78
N TYR A 13 -4.67 6.05 -0.94
CA TYR A 13 -4.70 5.69 0.48
C TYR A 13 -5.93 6.40 1.08
N ALA A 14 -5.81 7.63 1.58
CA ALA A 14 -6.94 8.43 2.03
C ALA A 14 -6.62 9.91 1.96
N ASP A 15 -5.62 10.31 2.70
CA ASP A 15 -5.26 11.68 3.02
C ASP A 15 -3.79 11.93 2.71
N GLY A 16 -3.10 10.93 2.17
CA GLY A 16 -1.75 11.05 1.62
C GLY A 16 -1.89 11.30 0.13
N GLY A 17 -2.25 10.27 -0.62
CA GLY A 17 -2.45 10.36 -2.05
C GLY A 17 -2.55 8.97 -2.64
N THR A 18 -2.21 8.85 -3.90
CA THR A 18 -2.05 7.61 -4.65
C THR A 18 -0.69 6.96 -4.35
N SER A 19 -0.04 7.32 -3.25
CA SER A 19 1.35 7.03 -3.01
C SER A 19 1.61 7.10 -1.50
N HIS A 20 2.67 6.43 -1.02
CA HIS A 20 3.32 6.76 0.24
C HIS A 20 4.82 6.67 0.02
N THR A 21 5.57 7.37 0.88
CA THR A 21 6.98 7.08 1.15
C THR A 21 7.13 7.04 2.67
N GLU A 22 8.09 6.30 3.19
CA GLU A 22 8.49 6.33 4.58
C GLU A 22 10.01 6.38 4.62
N TYR A 23 10.54 7.01 5.67
CA TYR A 23 11.96 7.09 5.99
C TYR A 23 12.13 6.62 7.44
N PRO A 24 12.04 5.31 7.71
CA PRO A 24 12.44 4.74 9.00
C PRO A 24 13.97 4.91 9.17
N ASP A 25 14.49 4.52 10.33
CA ASP A 25 15.88 4.76 10.69
C ASP A 25 16.27 3.82 11.83
N ASP A 26 17.55 3.82 12.20
CA ASP A 26 18.21 2.94 13.16
C ASP A 26 18.02 1.47 12.79
N SER A 27 16.89 0.88 13.19
CA SER A 27 16.14 -0.18 12.53
C SER A 27 14.67 0.12 12.82
N SER A 28 13.80 0.23 11.81
CA SER A 28 12.35 0.17 12.00
C SER A 28 11.68 -0.45 10.76
N ALA A 29 11.11 -1.64 10.91
CA ALA A 29 10.12 -2.23 10.01
C ALA A 29 9.06 -2.94 10.87
N GLY A 30 8.04 -3.53 10.23
CA GLY A 30 7.03 -4.34 10.89
C GLY A 30 5.74 -4.38 10.10
N SER A 31 4.73 -5.03 10.66
CA SER A 31 3.41 -5.17 10.09
C SER A 31 2.41 -4.33 10.87
N PHE A 32 2.05 -3.17 10.33
CA PHE A 32 1.09 -2.20 10.88
C PHE A 32 -0.14 -2.06 9.99
N ILE A 33 -0.94 -1.01 10.18
CA ILE A 33 -2.17 -0.73 9.45
C ILE A 33 -2.08 0.71 8.94
N LEU A 34 -2.69 0.96 7.78
CA LEU A 34 -2.77 2.24 7.09
C LEU A 34 -4.23 2.45 6.69
N ASP A 35 -4.60 3.67 6.32
CA ASP A 35 -5.99 4.05 6.07
C ASP A 35 -6.14 4.29 4.58
N ILE A 36 -6.79 3.35 3.91
CA ILE A 36 -6.77 3.17 2.46
C ILE A 36 -8.22 2.99 1.99
N THR A 37 -8.57 3.56 0.84
CA THR A 37 -9.90 3.51 0.25
C THR A 37 -9.83 2.65 -1.02
N SER A 38 -10.72 1.68 -1.17
CA SER A 38 -10.68 0.75 -2.29
C SER A 38 -12.10 0.33 -2.67
N TYR A 39 -12.85 1.17 -3.38
CA TYR A 39 -14.23 0.88 -3.80
C TYR A 39 -14.65 1.70 -5.01
N LYS A 40 -15.85 1.47 -5.56
CA LYS A 40 -16.53 2.42 -6.44
C LYS A 40 -17.87 2.81 -5.81
N LYS A 41 -18.32 4.04 -6.06
CA LYS A 41 -19.55 4.62 -5.54
C LYS A 41 -20.48 4.85 -6.71
N THR A 42 -21.67 4.28 -6.63
CA THR A 42 -22.78 4.46 -7.57
C THR A 42 -23.99 3.72 -6.99
N GLY A 43 -25.03 3.52 -7.78
CA GLY A 43 -26.27 2.84 -7.43
C GLY A 43 -26.85 3.47 -6.17
N ASN A 44 -26.68 2.78 -5.05
CA ASN A 44 -27.00 3.30 -3.72
C ASN A 44 -26.04 2.72 -2.67
N SER A 45 -24.85 2.22 -3.07
CA SER A 45 -23.91 1.59 -2.15
C SER A 45 -22.48 1.65 -2.69
N THR A 46 -21.53 1.21 -1.87
CA THR A 46 -20.12 1.10 -2.18
C THR A 46 -19.68 -0.32 -1.78
N LYS A 47 -19.46 -1.23 -2.73
CA LYS A 47 -18.79 -2.51 -2.45
C LYS A 47 -17.29 -2.27 -2.48
N ALA A 48 -16.53 -2.86 -1.57
CA ALA A 48 -15.08 -2.79 -1.65
C ALA A 48 -14.55 -3.68 -2.78
N LEU A 49 -13.48 -3.24 -3.43
CA LEU A 49 -12.65 -4.06 -4.31
C LEU A 49 -11.40 -4.47 -3.54
N SER A 50 -11.06 -5.75 -3.61
CA SER A 50 -9.81 -6.30 -3.11
C SER A 50 -8.66 -5.88 -4.03
N TRP A 51 -7.42 -6.06 -3.60
CA TRP A 51 -6.21 -5.75 -4.36
C TRP A 51 -5.06 -6.69 -4.02
N ASN A 52 -3.92 -6.50 -4.69
CA ASN A 52 -2.66 -7.20 -4.46
C ASN A 52 -1.47 -6.23 -4.61
N ALA A 53 -0.27 -6.70 -4.27
CA ALA A 53 1.02 -6.07 -4.54
C ALA A 53 1.99 -7.08 -5.16
N SER A 54 3.04 -6.60 -5.80
CA SER A 54 4.19 -7.40 -6.15
C SER A 54 5.44 -6.52 -6.26
N GLY A 55 6.57 -7.01 -5.77
CA GLY A 55 7.86 -6.35 -5.86
C GLY A 55 8.85 -6.98 -4.87
N ASP A 56 9.61 -6.12 -4.21
CA ASP A 56 10.62 -6.42 -3.18
C ASP A 56 10.09 -7.45 -2.18
N SER A 57 10.87 -8.51 -1.89
CA SER A 57 10.46 -9.65 -1.07
C SER A 57 10.53 -9.39 0.45
N TRP A 58 10.31 -8.14 0.87
CA TRP A 58 10.18 -7.73 2.26
C TRP A 58 8.97 -6.79 2.42
N ILE A 59 7.96 -6.85 1.54
CA ILE A 59 6.86 -5.88 1.49
C ILE A 59 5.60 -6.66 1.08
N HIS A 60 4.65 -6.86 2.00
CA HIS A 60 3.41 -7.61 1.78
C HIS A 60 2.22 -6.68 2.03
N VAL A 61 1.02 -7.05 1.58
CA VAL A 61 -0.17 -6.24 1.78
C VAL A 61 -1.41 -7.12 1.96
N ASN A 62 -2.40 -6.59 2.66
CA ASN A 62 -3.76 -7.05 2.78
C ASN A 62 -4.70 -5.83 2.85
N GLY A 63 -6.01 -6.06 2.73
CA GLY A 63 -7.00 -4.98 2.72
C GLY A 63 -6.96 -4.11 3.98
N SER A 64 -6.64 -4.70 5.14
CA SER A 64 -6.60 -3.99 6.42
C SER A 64 -5.26 -4.10 7.14
N SER A 65 -4.20 -4.58 6.48
CA SER A 65 -2.96 -4.91 7.17
C SER A 65 -1.82 -4.80 6.19
N VAL A 66 -0.70 -4.31 6.68
CA VAL A 66 0.49 -3.94 5.94
C VAL A 66 1.61 -4.80 6.50
N SER A 67 2.62 -5.12 5.69
CA SER A 67 3.86 -5.66 6.20
C SER A 67 5.01 -5.03 5.44
N TYR A 68 6.03 -4.59 6.15
CA TYR A 68 7.37 -4.45 5.62
C TYR A 68 8.28 -5.22 6.58
N ASP A 69 9.25 -5.97 6.07
CA ASP A 69 10.30 -6.60 6.85
C ASP A 69 11.56 -5.72 6.74
N GLU A 70 12.69 -6.18 7.25
CA GLU A 70 13.96 -5.52 7.02
C GLU A 70 14.73 -6.29 5.95
N ASN A 71 15.81 -5.69 5.45
CA ASN A 71 16.83 -6.35 4.65
C ASN A 71 17.72 -7.20 5.55
N PRO A 72 18.44 -8.18 4.99
CA PRO A 72 19.39 -8.98 5.76
C PRO A 72 20.66 -8.18 6.05
N ALA A 73 21.22 -7.50 5.05
CA ALA A 73 22.51 -6.86 5.16
C ALA A 73 22.36 -5.41 5.58
N LYS A 74 23.48 -4.80 6.01
CA LYS A 74 23.50 -3.48 6.61
C LYS A 74 23.61 -2.35 5.58
N GLU A 75 23.62 -2.68 4.28
CA GLU A 75 23.57 -1.64 3.28
C GLU A 75 22.18 -1.01 3.24
N ARG A 76 22.12 0.28 2.89
CA ARG A 76 20.88 1.00 2.70
C ARG A 76 20.10 0.36 1.55
N ARG A 77 18.77 0.23 1.67
CA ARG A 77 17.89 -0.27 0.61
C ARG A 77 16.73 0.67 0.40
N THR A 78 16.21 0.72 -0.81
CA THR A 78 15.03 1.47 -1.18
C THR A 78 14.00 0.48 -1.73
N GLY A 79 13.02 0.12 -0.90
CA GLY A 79 11.93 -0.75 -1.32
C GLY A 79 11.04 0.02 -2.28
N LEU A 80 10.55 -0.64 -3.33
CA LEU A 80 9.60 -0.04 -4.27
C LEU A 80 8.76 -1.15 -4.90
N VAL A 81 7.51 -1.33 -4.45
CA VAL A 81 6.62 -2.33 -5.06
C VAL A 81 5.54 -1.65 -5.90
N THR A 82 4.89 -2.43 -6.76
CA THR A 82 3.70 -1.99 -7.48
C THR A 82 2.50 -2.73 -6.86
N LEU A 83 1.31 -2.17 -7.05
CA LEU A 83 0.05 -2.67 -6.53
C LEU A 83 -1.02 -2.54 -7.63
N LYS A 84 -2.12 -3.30 -7.55
CA LYS A 84 -3.24 -3.16 -8.49
C LYS A 84 -4.54 -3.69 -7.85
N GLN A 85 -5.65 -3.00 -8.15
CA GLN A 85 -7.02 -3.31 -7.77
C GLN A 85 -7.59 -4.42 -8.66
N ASP A 86 -8.72 -4.98 -8.22
CA ASP A 86 -9.62 -5.86 -8.96
C ASP A 86 -10.05 -5.27 -10.31
N GLU A 87 -11.10 -4.44 -10.36
CA GLU A 87 -11.73 -4.03 -11.62
C GLU A 87 -11.09 -2.77 -12.20
N SER A 88 -10.22 -2.13 -11.43
CA SER A 88 -9.44 -0.94 -11.76
C SER A 88 -8.02 -1.16 -11.25
N GLY A 89 -7.24 -0.11 -10.94
CA GLY A 89 -5.80 -0.22 -11.07
C GLY A 89 -5.11 1.12 -11.27
N LYS A 90 -5.51 2.12 -10.50
CA LYS A 90 -4.58 3.17 -10.10
C LYS A 90 -3.46 2.44 -9.36
N THR A 91 -2.32 2.24 -9.99
CA THR A 91 -1.20 1.60 -9.34
C THR A 91 -0.70 2.59 -8.28
N LEU A 92 -0.46 2.13 -7.05
CA LEU A 92 0.05 3.03 -6.02
C LEU A 92 1.57 3.03 -6.13
N SER A 93 2.23 4.10 -5.66
CA SER A 93 3.63 3.98 -5.27
C SER A 93 3.66 3.58 -3.80
N LEU A 94 4.72 2.89 -3.40
CA LEU A 94 5.01 2.62 -2.01
C LEU A 94 6.53 2.51 -1.93
N LYS A 95 7.18 3.47 -1.27
CA LYS A 95 8.64 3.53 -1.15
C LYS A 95 8.99 3.48 0.32
N ILE A 96 10.05 2.75 0.68
CA ILE A 96 10.66 2.83 2.00
C ILE A 96 12.15 3.06 1.75
N VAL A 97 12.73 4.07 2.38
CA VAL A 97 14.17 4.28 2.43
C VAL A 97 14.56 3.99 3.87
N GLN A 98 15.01 2.77 4.14
CA GLN A 98 15.48 2.36 5.45
C GLN A 98 17.01 2.21 5.41
N PRO A 99 17.70 2.12 6.56
CA PRO A 99 19.09 1.65 6.72
C PRO A 99 19.29 0.23 6.15
N GLY A 100 20.37 -0.44 6.55
CA GLY A 100 20.24 -1.88 6.66
C GLY A 100 20.51 -2.38 8.06
N LYS A 101 20.19 -3.66 8.25
CA LYS A 101 20.12 -4.31 9.56
C LYS A 101 21.34 -5.21 9.78
N THR A 102 21.64 -5.52 11.04
CA THR A 102 22.52 -6.57 11.51
C THR A 102 22.22 -6.72 13.01
N SER A 103 21.48 -7.75 13.42
CA SER A 103 21.38 -8.14 14.83
C SER A 103 21.16 -9.66 14.94
N ILE A 104 20.98 -10.15 16.16
CA ILE A 104 20.69 -11.55 16.45
C ILE A 104 19.16 -11.67 16.35
N ASP A 105 18.65 -11.79 15.13
CA ASP A 105 17.20 -11.98 14.87
C ASP A 105 16.72 -13.26 15.53
N GLY A 1 -30.33 -5.00 -7.62
CA GLY A 1 -31.03 -3.77 -7.20
C GLY A 1 -31.29 -2.88 -8.41
N HIS A 2 -31.57 -1.60 -8.20
CA HIS A 2 -31.63 -0.62 -9.30
C HIS A 2 -30.27 -0.59 -10.02
N MET A 3 -30.27 -0.18 -11.28
CA MET A 3 -29.09 0.02 -12.12
C MET A 3 -29.33 1.28 -12.94
N GLY A 4 -28.49 1.54 -13.95
CA GLY A 4 -28.61 2.70 -14.83
C GLY A 4 -27.87 3.89 -14.24
N SER A 5 -28.01 4.12 -12.93
CA SER A 5 -27.29 5.14 -12.18
C SER A 5 -25.79 5.08 -12.47
N PRO A 6 -25.08 6.23 -12.52
CA PRO A 6 -23.65 6.27 -12.78
C PRO A 6 -22.85 5.69 -11.59
N VAL A 7 -21.53 5.64 -11.73
CA VAL A 7 -20.64 5.08 -10.74
C VAL A 7 -19.54 6.10 -10.42
N SER A 8 -18.87 5.89 -9.29
CA SER A 8 -17.70 6.59 -8.81
C SER A 8 -16.76 5.55 -8.19
N TYR A 9 -15.68 5.20 -8.87
CA TYR A 9 -14.59 4.37 -8.35
C TYR A 9 -13.58 5.24 -7.60
N TYR A 10 -12.87 4.65 -6.64
CA TYR A 10 -11.98 5.34 -5.71
C TYR A 10 -10.66 4.58 -5.67
N PHE A 11 -9.53 5.27 -5.76
CA PHE A 11 -8.22 4.65 -5.86
C PHE A 11 -7.12 5.56 -5.30
N SER A 12 -7.18 5.86 -4.00
CA SER A 12 -6.13 6.65 -3.36
C SER A 12 -6.02 6.30 -1.88
N TYR A 13 -5.27 7.08 -1.12
CA TYR A 13 -5.43 7.18 0.32
C TYR A 13 -6.67 8.01 0.65
N ALA A 14 -6.99 8.15 1.93
CA ALA A 14 -8.04 9.05 2.43
C ALA A 14 -7.46 10.30 3.03
N ASP A 15 -6.19 10.28 3.47
CA ASP A 15 -5.55 11.39 4.18
C ASP A 15 -4.08 11.50 3.86
N GLY A 16 -3.57 10.65 2.95
CA GLY A 16 -2.19 10.65 2.52
C GLY A 16 -2.08 11.41 1.20
N GLY A 17 -2.45 10.74 0.13
CA GLY A 17 -2.30 11.17 -1.25
C GLY A 17 -2.43 9.95 -2.16
N THR A 18 -1.43 9.72 -3.01
CA THR A 18 -1.46 8.77 -4.11
C THR A 18 -0.18 7.94 -4.18
N SER A 19 0.63 7.89 -3.11
CA SER A 19 1.69 6.91 -2.99
C SER A 19 2.14 6.78 -1.54
N HIS A 20 3.05 5.84 -1.32
CA HIS A 20 3.55 5.40 -0.03
C HIS A 20 5.07 5.45 -0.11
N THR A 21 5.73 6.21 0.78
CA THR A 21 7.17 6.32 0.80
C THR A 21 7.63 6.58 2.23
N GLU A 22 7.85 5.50 2.98
CA GLU A 22 8.33 5.57 4.35
C GLU A 22 9.83 5.84 4.32
N TYR A 23 10.30 6.70 5.23
CA TYR A 23 11.71 6.92 5.46
C TYR A 23 11.97 6.68 6.96
N PRO A 24 11.97 5.42 7.43
CA PRO A 24 12.25 5.07 8.82
C PRO A 24 13.74 5.31 9.13
N ASP A 25 14.14 5.16 10.39
CA ASP A 25 15.47 5.58 10.83
C ASP A 25 15.93 4.79 12.04
N ASP A 26 17.26 4.59 12.08
CA ASP A 26 17.97 3.62 12.92
C ASP A 26 17.53 2.21 12.54
N SER A 27 16.34 1.83 12.97
CA SER A 27 15.62 0.63 12.65
C SER A 27 14.16 0.97 13.02
N SER A 28 13.26 1.02 12.04
CA SER A 28 11.82 1.11 12.30
C SER A 28 11.10 0.18 11.32
N ALA A 29 10.49 -0.90 11.82
CA ALA A 29 9.86 -1.95 11.04
C ALA A 29 8.60 -2.44 11.76
N GLY A 30 7.65 -3.04 11.06
CA GLY A 30 6.62 -3.89 11.64
C GLY A 30 5.39 -3.91 10.75
N SER A 31 4.36 -4.64 11.19
CA SER A 31 3.14 -4.89 10.44
C SER A 31 2.01 -3.99 10.96
N PHE A 32 1.56 -3.08 10.11
CA PHE A 32 0.54 -2.07 10.44
C PHE A 32 -0.60 -1.99 9.40
N ILE A 33 -1.45 -0.96 9.52
CA ILE A 33 -2.63 -0.69 8.71
C ILE A 33 -2.55 0.78 8.29
N LEU A 34 -3.15 1.11 7.13
CA LEU A 34 -3.30 2.47 6.60
C LEU A 34 -4.74 2.66 6.16
N ASP A 35 -5.22 3.92 6.14
CA ASP A 35 -6.60 4.29 5.86
C ASP A 35 -6.82 4.43 4.34
N ILE A 36 -6.50 3.37 3.60
CA ILE A 36 -6.57 3.34 2.14
C ILE A 36 -8.03 3.34 1.66
N THR A 37 -8.26 3.79 0.43
CA THR A 37 -9.56 4.08 -0.16
C THR A 37 -9.69 3.34 -1.49
N SER A 38 -10.50 2.29 -1.53
CA SER A 38 -10.62 1.42 -2.70
C SER A 38 -12.02 0.81 -2.77
N TYR A 39 -12.97 1.52 -3.38
CA TYR A 39 -14.35 1.05 -3.48
C TYR A 39 -15.06 1.69 -4.66
N LYS A 40 -16.21 1.15 -5.07
CA LYS A 40 -17.09 1.67 -6.13
C LYS A 40 -18.46 2.01 -5.55
N LYS A 41 -18.95 3.22 -5.85
CA LYS A 41 -20.13 3.83 -5.27
C LYS A 41 -21.13 4.00 -6.39
N THR A 42 -22.35 3.52 -6.18
CA THR A 42 -23.41 3.65 -7.16
C THR A 42 -24.74 3.24 -6.50
N GLY A 43 -25.82 3.93 -6.85
CA GLY A 43 -27.14 3.74 -6.29
C GLY A 43 -27.09 4.05 -4.79
N ASN A 44 -27.11 3.02 -3.95
CA ASN A 44 -27.28 3.15 -2.50
C ASN A 44 -26.26 2.29 -1.74
N SER A 45 -25.15 1.90 -2.38
CA SER A 45 -24.14 1.07 -1.75
C SER A 45 -22.76 1.38 -2.31
N THR A 46 -21.78 0.95 -1.53
CA THR A 46 -20.35 1.16 -1.63
C THR A 46 -19.72 -0.21 -1.48
N LYS A 47 -19.07 -0.68 -2.54
CA LYS A 47 -18.56 -2.03 -2.67
C LYS A 47 -17.04 -1.93 -2.72
N ALA A 48 -16.36 -2.40 -1.69
CA ALA A 48 -14.90 -2.30 -1.62
C ALA A 48 -14.24 -3.27 -2.59
N LEU A 49 -13.00 -2.96 -2.96
CA LEU A 49 -12.19 -3.71 -3.92
C LEU A 49 -10.80 -3.94 -3.36
N SER A 50 -10.35 -5.20 -3.43
CA SER A 50 -9.03 -5.65 -3.02
C SER A 50 -7.96 -5.15 -3.99
N TRP A 51 -6.70 -5.47 -3.71
CA TRP A 51 -5.57 -5.30 -4.61
C TRP A 51 -4.54 -6.41 -4.38
N ASN A 52 -3.48 -6.42 -5.18
CA ASN A 52 -2.25 -7.19 -4.95
C ASN A 52 -1.04 -6.35 -5.31
N ALA A 53 0.17 -6.77 -4.92
CA ALA A 53 1.45 -6.13 -5.21
C ALA A 53 2.51 -7.21 -5.42
N SER A 54 3.59 -6.90 -6.15
CA SER A 54 4.75 -7.79 -6.32
C SER A 54 5.99 -6.98 -6.66
N GLY A 55 7.16 -7.40 -6.15
CA GLY A 55 8.46 -6.92 -6.57
C GLY A 55 9.51 -7.32 -5.53
N ASP A 56 9.71 -6.52 -4.48
CA ASP A 56 10.74 -6.76 -3.45
C ASP A 56 10.39 -7.99 -2.60
N SER A 57 11.39 -8.55 -1.93
CA SER A 57 11.27 -9.79 -1.16
C SER A 57 10.70 -9.61 0.26
N TRP A 58 10.51 -8.38 0.75
CA TRP A 58 10.37 -8.06 2.18
C TRP A 58 9.15 -7.20 2.46
N ILE A 59 8.09 -7.27 1.67
CA ILE A 59 6.97 -6.34 1.73
C ILE A 59 5.69 -7.18 1.71
N HIS A 60 5.08 -7.36 2.88
CA HIS A 60 3.79 -8.00 3.03
C HIS A 60 2.68 -7.04 2.58
N VAL A 61 1.75 -7.54 1.77
CA VAL A 61 0.61 -6.80 1.25
C VAL A 61 -0.69 -7.53 1.60
N ASN A 62 -1.74 -6.77 1.92
CA ASN A 62 -3.09 -7.24 2.23
C ASN A 62 -4.07 -6.16 1.79
N GLY A 63 -5.32 -6.50 1.51
CA GLY A 63 -6.36 -5.56 1.09
C GLY A 63 -6.73 -4.52 2.14
N SER A 64 -6.27 -4.68 3.39
CA SER A 64 -6.43 -3.70 4.45
C SER A 64 -5.17 -3.45 5.26
N SER A 65 -4.06 -4.17 5.04
CA SER A 65 -2.91 -4.17 5.95
C SER A 65 -1.60 -4.17 5.16
N VAL A 66 -0.49 -3.86 5.81
CA VAL A 66 0.83 -3.74 5.19
C VAL A 66 1.87 -4.21 6.21
N SER A 67 3.04 -4.68 5.76
CA SER A 67 4.25 -4.72 6.57
C SER A 67 5.42 -4.45 5.63
N TYR A 68 6.55 -4.02 6.18
CA TYR A 68 7.82 -4.02 5.47
C TYR A 68 8.81 -4.65 6.43
N ASP A 69 9.22 -5.88 6.12
CA ASP A 69 10.20 -6.61 6.92
C ASP A 69 11.57 -5.95 6.78
N GLU A 70 12.49 -6.33 7.64
CA GLU A 70 13.83 -5.78 7.68
C GLU A 70 14.78 -6.71 6.93
N ASN A 71 16.03 -6.28 6.76
CA ASN A 71 16.99 -6.91 5.86
C ASN A 71 18.08 -7.66 6.66
N PRO A 72 18.85 -8.56 6.01
CA PRO A 72 19.90 -9.36 6.65
C PRO A 72 21.29 -8.69 6.66
N ALA A 73 21.47 -7.61 5.90
CA ALA A 73 22.76 -6.97 5.66
C ALA A 73 22.55 -5.48 5.75
N LYS A 74 23.38 -4.79 6.52
CA LYS A 74 23.19 -3.44 7.01
C LYS A 74 23.49 -2.39 5.94
N GLU A 75 23.43 -2.80 4.68
CA GLU A 75 23.29 -1.86 3.61
C GLU A 75 21.91 -1.19 3.73
N ARG A 76 21.72 -0.10 2.99
CA ARG A 76 20.38 0.42 2.76
C ARG A 76 19.81 -0.32 1.55
N ARG A 77 18.49 -0.39 1.44
CA ARG A 77 17.76 -0.75 0.25
C ARG A 77 16.62 0.26 0.13
N THR A 78 16.11 0.41 -1.08
CA THR A 78 15.08 1.38 -1.42
C THR A 78 14.08 0.63 -2.28
N GLY A 79 12.99 0.15 -1.69
CA GLY A 79 12.08 -0.79 -2.36
C GLY A 79 11.33 -0.17 -3.54
N LEU A 80 10.75 -0.98 -4.42
CA LEU A 80 9.67 -0.62 -5.32
C LEU A 80 8.85 -1.86 -5.67
N VAL A 81 7.54 -1.81 -5.45
CA VAL A 81 6.55 -2.67 -6.07
C VAL A 81 5.53 -1.76 -6.77
N THR A 82 4.86 -2.31 -7.79
CA THR A 82 3.60 -1.79 -8.28
C THR A 82 2.48 -2.67 -7.71
N LEU A 83 1.27 -2.11 -7.63
CA LEU A 83 0.04 -2.77 -7.20
C LEU A 83 -1.03 -2.47 -8.25
N LYS A 84 -2.12 -3.26 -8.29
CA LYS A 84 -3.36 -2.92 -9.00
C LYS A 84 -4.53 -3.36 -8.13
N GLN A 85 -5.65 -2.61 -8.13
CA GLN A 85 -6.91 -3.01 -7.55
C GLN A 85 -7.51 -4.13 -8.42
N ASP A 86 -8.58 -4.74 -7.95
CA ASP A 86 -9.36 -5.71 -8.71
C ASP A 86 -9.87 -5.11 -10.04
N GLU A 87 -10.74 -4.10 -9.98
CA GLU A 87 -11.51 -3.59 -11.13
C GLU A 87 -11.18 -2.11 -11.43
N SER A 88 -10.21 -1.56 -10.73
CA SER A 88 -9.50 -0.33 -11.09
C SER A 88 -8.01 -0.56 -10.86
N GLY A 89 -7.24 0.51 -10.70
CA GLY A 89 -5.81 0.53 -10.68
C GLY A 89 -5.41 1.58 -9.66
N LYS A 90 -5.61 1.26 -8.38
CA LYS A 90 -4.72 1.77 -7.35
C LYS A 90 -3.32 1.25 -7.65
N THR A 91 -2.62 1.99 -8.49
CA THR A 91 -1.23 1.85 -8.81
C THR A 91 -0.54 2.88 -7.92
N LEU A 92 0.26 2.40 -6.98
CA LEU A 92 1.00 3.19 -5.99
C LEU A 92 2.44 2.63 -6.05
N SER A 93 3.46 3.39 -5.63
CA SER A 93 4.88 3.01 -5.77
C SER A 93 5.51 2.94 -4.38
N LEU A 94 5.93 1.76 -3.92
CA LEU A 94 6.20 1.52 -2.50
C LEU A 94 7.67 1.73 -2.13
N LYS A 95 8.13 2.98 -2.13
CA LYS A 95 9.54 3.27 -1.85
C LYS A 95 9.74 3.37 -0.35
N ILE A 96 9.91 2.24 0.33
CA ILE A 96 10.46 2.28 1.69
C ILE A 96 11.95 2.56 1.51
N VAL A 97 12.48 3.60 2.15
CA VAL A 97 13.89 3.95 2.07
C VAL A 97 14.51 3.69 3.45
N GLN A 98 14.58 2.42 3.87
CA GLN A 98 14.96 2.03 5.23
C GLN A 98 16.43 1.61 5.33
N PRO A 99 17.07 1.78 6.51
CA PRO A 99 18.38 1.20 6.83
C PRO A 99 18.36 -0.33 6.89
N GLY A 100 19.47 -0.92 7.33
CA GLY A 100 19.60 -2.35 7.43
C GLY A 100 20.12 -2.77 8.80
N LYS A 101 20.03 -4.07 9.09
CA LYS A 101 20.14 -4.63 10.44
C LYS A 101 21.23 -5.71 10.42
N THR A 102 21.98 -5.85 11.52
CA THR A 102 23.02 -6.86 11.69
C THR A 102 23.19 -7.20 13.17
N SER A 103 22.15 -7.76 13.78
CA SER A 103 22.08 -7.80 15.23
C SER A 103 21.55 -9.14 15.71
N ILE A 104 21.28 -9.28 17.01
CA ILE A 104 20.74 -10.50 17.61
C ILE A 104 19.22 -10.32 17.61
N ASP A 105 18.60 -10.36 16.43
CA ASP A 105 17.17 -10.18 16.24
C ASP A 105 16.72 -11.39 15.44
N GLY A 1 -35.90 16.17 -13.87
CA GLY A 1 -35.10 16.80 -12.80
C GLY A 1 -33.67 16.98 -13.29
N HIS A 2 -32.73 17.35 -12.41
CA HIS A 2 -31.31 17.45 -12.75
C HIS A 2 -30.54 16.65 -11.71
N MET A 3 -30.63 15.33 -11.83
CA MET A 3 -29.78 14.32 -11.21
C MET A 3 -29.74 13.16 -12.20
N GLY A 4 -28.74 12.29 -12.09
CA GLY A 4 -28.45 11.29 -13.11
C GLY A 4 -26.99 11.49 -13.50
N SER A 5 -26.10 10.76 -12.86
CA SER A 5 -24.67 10.99 -12.88
C SER A 5 -23.94 9.64 -12.83
N PRO A 6 -22.67 9.58 -13.27
CA PRO A 6 -21.93 8.33 -13.34
C PRO A 6 -21.64 7.77 -11.95
N VAL A 7 -21.09 6.56 -11.92
CA VAL A 7 -20.53 5.93 -10.74
C VAL A 7 -19.27 6.69 -10.31
N SER A 8 -19.07 6.87 -9.01
CA SER A 8 -17.78 7.30 -8.46
C SER A 8 -17.00 6.04 -8.11
N TYR A 9 -15.76 5.93 -8.55
CA TYR A 9 -14.77 5.00 -8.01
C TYR A 9 -13.77 5.81 -7.20
N TYR A 10 -13.24 5.19 -6.16
CA TYR A 10 -12.38 5.79 -5.16
C TYR A 10 -11.11 4.96 -5.07
N PHE A 11 -10.03 5.50 -5.63
CA PHE A 11 -8.80 4.80 -5.94
C PHE A 11 -7.60 5.67 -5.55
N SER A 12 -7.54 6.07 -4.28
CA SER A 12 -6.37 6.71 -3.67
C SER A 12 -6.47 6.57 -2.14
N TYR A 13 -5.53 7.17 -1.41
CA TYR A 13 -5.61 7.24 0.05
C TYR A 13 -6.80 8.10 0.44
N ALA A 14 -7.25 7.96 1.68
CA ALA A 14 -8.29 8.78 2.28
C ALA A 14 -7.73 9.98 3.03
N ASP A 15 -6.44 9.98 3.36
CA ASP A 15 -5.87 10.99 4.25
C ASP A 15 -4.43 11.31 3.89
N GLY A 16 -4.13 11.40 2.59
CA GLY A 16 -2.78 11.75 2.14
C GLY A 16 -2.74 12.02 0.66
N GLY A 17 -2.62 10.96 -0.15
CA GLY A 17 -2.38 11.12 -1.58
C GLY A 17 -2.55 9.82 -2.36
N THR A 18 -1.53 9.43 -3.13
CA THR A 18 -1.64 8.42 -4.18
C THR A 18 -0.43 7.49 -4.21
N SER A 19 0.43 7.53 -3.20
CA SER A 19 1.59 6.71 -3.00
C SER A 19 1.95 6.66 -1.51
N HIS A 20 2.92 5.82 -1.18
CA HIS A 20 3.56 5.65 0.13
C HIS A 20 5.08 5.73 -0.05
N THR A 21 5.78 6.33 0.90
CA THR A 21 7.24 6.36 0.97
C THR A 21 7.66 6.53 2.43
N GLU A 22 7.86 5.42 3.15
CA GLU A 22 8.37 5.49 4.52
C GLU A 22 9.91 5.50 4.49
N TYR A 23 10.51 6.15 5.51
CA TYR A 23 11.96 6.30 5.64
C TYR A 23 12.37 5.97 7.09
N PRO A 24 12.29 4.72 7.55
CA PRO A 24 12.59 4.38 8.95
C PRO A 24 14.10 4.49 9.22
N ASP A 25 14.49 4.30 10.49
CA ASP A 25 15.89 4.22 10.92
C ASP A 25 15.93 3.29 12.14
N ASP A 26 17.14 2.95 12.59
CA ASP A 26 17.47 2.09 13.70
C ASP A 26 16.90 0.69 13.47
N SER A 27 15.65 0.43 13.82
CA SER A 27 15.01 -0.86 13.72
C SER A 27 13.53 -0.80 13.29
N SER A 28 12.99 0.39 12.98
CA SER A 28 11.55 0.61 12.90
C SER A 28 10.89 0.10 11.61
N ALA A 29 10.86 -1.22 11.44
CA ALA A 29 10.28 -1.95 10.33
C ALA A 29 9.40 -3.06 10.91
N GLY A 30 8.10 -3.03 10.62
CA GLY A 30 7.11 -3.85 11.30
C GLY A 30 5.76 -3.67 10.62
N SER A 31 4.68 -4.04 11.28
CA SER A 31 3.40 -4.28 10.62
C SER A 31 2.32 -3.31 11.13
N PHE A 32 1.84 -2.44 10.25
CA PHE A 32 0.77 -1.48 10.53
C PHE A 32 -0.27 -1.48 9.39
N ILE A 33 -1.20 -0.52 9.39
CA ILE A 33 -2.37 -0.46 8.52
C ILE A 33 -2.59 1.02 8.16
N LEU A 34 -3.08 1.32 6.95
CA LEU A 34 -3.18 2.67 6.40
C LEU A 34 -4.61 2.98 5.93
N ASP A 35 -4.84 4.21 5.49
CA ASP A 35 -6.19 4.78 5.31
C ASP A 35 -6.43 4.93 3.82
N ILE A 36 -7.01 3.91 3.20
CA ILE A 36 -7.01 3.72 1.76
C ILE A 36 -8.45 3.56 1.28
N THR A 37 -8.73 3.97 0.05
CA THR A 37 -10.04 3.85 -0.58
C THR A 37 -9.94 2.84 -1.73
N SER A 38 -10.91 1.92 -1.82
CA SER A 38 -10.89 0.79 -2.74
C SER A 38 -12.32 0.36 -3.06
N TYR A 39 -13.21 1.33 -3.34
CA TYR A 39 -14.64 1.04 -3.51
C TYR A 39 -15.24 1.86 -4.65
N LYS A 40 -16.47 1.51 -5.03
CA LYS A 40 -17.30 2.31 -5.93
C LYS A 40 -18.56 2.74 -5.18
N LYS A 41 -19.21 3.80 -5.66
CA LYS A 41 -20.43 4.36 -5.11
C LYS A 41 -21.35 4.74 -6.28
N THR A 42 -22.63 4.40 -6.16
CA THR A 42 -23.65 4.68 -7.16
C THR A 42 -24.99 4.22 -6.60
N GLY A 43 -26.07 4.89 -7.01
CA GLY A 43 -27.44 4.57 -6.64
C GLY A 43 -27.64 4.65 -5.13
N ASN A 44 -27.66 3.51 -4.46
CA ASN A 44 -28.02 3.38 -3.05
C ASN A 44 -27.14 2.33 -2.36
N SER A 45 -25.88 2.21 -2.76
CA SER A 45 -24.89 1.36 -2.09
C SER A 45 -23.47 1.93 -2.29
N THR A 46 -22.52 1.30 -1.63
CA THR A 46 -21.11 1.27 -1.97
C THR A 46 -20.80 -0.21 -2.13
N LYS A 47 -19.76 -0.52 -2.91
CA LYS A 47 -19.22 -1.87 -3.06
C LYS A 47 -17.71 -1.75 -3.09
N ALA A 48 -17.01 -2.44 -2.20
CA ALA A 48 -15.56 -2.58 -2.27
C ALA A 48 -15.19 -3.41 -3.50
N LEU A 49 -13.93 -3.29 -3.92
CA LEU A 49 -13.24 -4.22 -4.79
C LEU A 49 -12.24 -5.00 -3.92
N SER A 50 -11.22 -5.59 -4.53
CA SER A 50 -10.06 -6.19 -3.89
C SER A 50 -8.79 -5.65 -4.58
N TRP A 51 -7.60 -5.98 -4.08
CA TRP A 51 -6.35 -5.63 -4.73
C TRP A 51 -5.25 -6.62 -4.41
N ASN A 52 -4.10 -6.45 -5.08
CA ASN A 52 -2.86 -7.18 -4.81
C ASN A 52 -1.66 -6.26 -5.02
N ALA A 53 -0.48 -6.75 -4.64
CA ALA A 53 0.79 -6.03 -4.66
C ALA A 53 1.93 -7.05 -4.75
N SER A 54 3.11 -6.61 -5.19
CA SER A 54 4.29 -7.47 -5.34
C SER A 54 5.50 -6.69 -5.89
N GLY A 55 6.70 -7.24 -5.71
CA GLY A 55 7.94 -6.61 -6.14
C GLY A 55 9.12 -7.40 -5.60
N ASP A 56 9.41 -7.18 -4.32
CA ASP A 56 10.63 -7.65 -3.63
C ASP A 56 10.34 -8.88 -2.75
N SER A 57 11.17 -9.21 -1.77
CA SER A 57 10.99 -10.35 -0.84
C SER A 57 10.99 -9.96 0.65
N TRP A 58 10.87 -8.68 0.98
CA TRP A 58 10.91 -8.17 2.34
C TRP A 58 9.77 -7.17 2.59
N ILE A 59 8.66 -7.34 1.86
CA ILE A 59 7.57 -6.39 1.86
C ILE A 59 6.28 -7.20 1.97
N HIS A 60 5.91 -7.52 3.21
CA HIS A 60 4.64 -8.15 3.54
C HIS A 60 3.53 -7.20 3.07
N VAL A 61 2.61 -7.69 2.25
CA VAL A 61 1.34 -7.00 2.03
C VAL A 61 0.26 -7.97 2.50
N ASN A 62 -0.88 -7.46 2.94
CA ASN A 62 -2.12 -8.23 3.01
C ASN A 62 -3.24 -7.36 2.45
N GLY A 63 -4.44 -7.94 2.30
CA GLY A 63 -5.57 -7.27 1.67
C GLY A 63 -5.75 -5.86 2.20
N SER A 64 -5.78 -5.69 3.53
CA SER A 64 -5.90 -4.40 4.18
C SER A 64 -4.77 -4.18 5.20
N SER A 65 -3.53 -4.56 4.88
CA SER A 65 -2.39 -4.46 5.80
C SER A 65 -1.12 -4.12 5.03
N VAL A 66 -0.10 -3.67 5.76
CA VAL A 66 1.21 -3.30 5.26
C VAL A 66 2.24 -3.75 6.29
N SER A 67 3.40 -4.23 5.84
CA SER A 67 4.58 -4.36 6.70
C SER A 67 5.82 -4.35 5.82
N TYR A 68 6.99 -4.22 6.44
CA TYR A 68 8.26 -4.36 5.76
C TYR A 68 9.20 -4.99 6.77
N ASP A 69 10.22 -5.69 6.30
CA ASP A 69 11.24 -6.28 7.15
C ASP A 69 12.58 -5.64 6.85
N GLU A 70 13.45 -5.59 7.86
CA GLU A 70 14.80 -5.09 7.71
C GLU A 70 15.67 -6.07 6.93
N ASN A 71 16.86 -5.61 6.56
CA ASN A 71 17.83 -6.36 5.76
C ASN A 71 19.06 -6.72 6.60
N PRO A 72 19.77 -7.80 6.25
CA PRO A 72 20.78 -8.40 7.12
C PRO A 72 22.16 -7.74 7.02
N ALA A 73 22.34 -6.78 6.11
CA ALA A 73 23.59 -6.05 5.93
C ALA A 73 23.40 -4.58 6.26
N LYS A 74 24.50 -3.83 6.39
CA LYS A 74 24.48 -2.42 6.74
C LYS A 74 24.11 -1.54 5.55
N GLU A 75 23.83 -2.15 4.40
CA GLU A 75 23.40 -1.47 3.20
C GLU A 75 22.10 -0.75 3.49
N ARG A 76 21.92 0.42 2.89
CA ARG A 76 20.60 1.01 2.76
C ARG A 76 19.87 0.28 1.64
N ARG A 77 18.60 -0.05 1.84
CA ARG A 77 17.80 -0.82 0.91
C ARG A 77 16.57 -0.02 0.53
N THR A 78 16.29 0.00 -0.77
CA THR A 78 15.22 0.78 -1.37
C THR A 78 14.31 -0.17 -2.13
N GLY A 79 13.13 -0.45 -1.56
CA GLY A 79 12.15 -1.34 -2.17
C GLY A 79 11.39 -0.61 -3.26
N LEU A 80 10.64 -1.36 -4.09
CA LEU A 80 9.79 -0.75 -5.12
C LEU A 80 8.63 -1.63 -5.55
N VAL A 81 7.75 -1.96 -4.60
CA VAL A 81 6.56 -2.74 -4.91
C VAL A 81 5.55 -1.86 -5.66
N THR A 82 4.78 -2.48 -6.55
CA THR A 82 3.61 -1.85 -7.19
C THR A 82 2.34 -2.53 -6.70
N LEU A 83 1.18 -1.94 -7.04
CA LEU A 83 -0.14 -2.47 -6.76
C LEU A 83 -1.03 -2.30 -8.00
N LYS A 84 -2.18 -3.00 -8.09
CA LYS A 84 -3.32 -2.74 -9.00
C LYS A 84 -4.58 -3.17 -8.24
N GLN A 85 -5.79 -2.93 -8.77
CA GLN A 85 -7.05 -3.13 -8.07
C GLN A 85 -7.92 -4.02 -8.97
N ASP A 86 -8.97 -4.63 -8.41
CA ASP A 86 -9.70 -5.73 -9.04
C ASP A 86 -10.23 -5.34 -10.43
N GLU A 87 -11.06 -4.30 -10.48
CA GLU A 87 -11.61 -3.75 -11.72
C GLU A 87 -10.85 -2.49 -12.16
N SER A 88 -10.26 -1.77 -11.20
CA SER A 88 -9.59 -0.49 -11.43
C SER A 88 -8.05 -0.65 -11.46
N GLY A 89 -7.32 0.44 -11.30
CA GLY A 89 -5.87 0.46 -11.31
C GLY A 89 -5.43 1.54 -10.34
N LYS A 90 -5.66 1.34 -9.04
CA LYS A 90 -4.79 1.96 -8.04
C LYS A 90 -3.42 1.35 -8.27
N THR A 91 -2.61 2.02 -9.08
CA THR A 91 -1.19 1.77 -9.15
C THR A 91 -0.57 2.77 -8.22
N LEU A 92 -0.18 2.27 -7.06
CA LEU A 92 0.58 2.99 -6.05
C LEU A 92 2.01 2.51 -6.21
N SER A 93 2.96 3.30 -5.73
CA SER A 93 4.37 2.97 -5.73
C SER A 93 4.79 2.92 -4.26
N LEU A 94 5.38 1.80 -3.84
CA LEU A 94 5.82 1.54 -2.47
C LEU A 94 7.33 1.57 -2.45
N LYS A 95 7.87 2.74 -2.09
CA LYS A 95 9.29 2.97 -1.96
C LYS A 95 9.60 3.11 -0.48
N ILE A 96 9.92 2.00 0.19
CA ILE A 96 10.62 2.11 1.46
C ILE A 96 12.04 2.54 1.11
N VAL A 97 12.64 3.42 1.90
CA VAL A 97 14.08 3.68 1.87
C VAL A 97 14.60 3.54 3.30
N GLN A 98 15.07 2.34 3.69
CA GLN A 98 15.52 2.05 5.05
C GLN A 98 17.03 1.83 5.09
N PRO A 99 17.73 2.19 6.18
CA PRO A 99 19.13 1.84 6.44
C PRO A 99 19.28 0.33 6.67
N GLY A 100 20.44 -0.09 7.16
CA GLY A 100 20.72 -1.48 7.44
C GLY A 100 21.54 -1.65 8.71
N LYS A 101 21.48 -2.86 9.25
CA LYS A 101 22.02 -3.29 10.55
C LYS A 101 22.73 -4.63 10.36
N THR A 102 23.32 -5.15 11.41
CA THR A 102 24.03 -6.43 11.45
C THR A 102 23.81 -6.93 12.86
N SER A 103 22.83 -7.79 13.03
CA SER A 103 22.52 -8.47 14.27
C SER A 103 22.39 -9.97 13.98
N ILE A 104 21.82 -10.74 14.90
CA ILE A 104 21.45 -12.13 14.64
C ILE A 104 19.93 -12.15 14.51
N ASP A 105 19.44 -11.50 13.45
CA ASP A 105 18.06 -11.43 13.00
C ASP A 105 18.15 -11.80 11.54
N GLY A 1 -29.22 16.23 -2.59
CA GLY A 1 -28.15 16.23 -3.59
C GLY A 1 -28.70 15.87 -4.96
N HIS A 2 -27.84 15.86 -5.97
CA HIS A 2 -28.22 15.80 -7.39
C HIS A 2 -27.41 14.67 -8.01
N MET A 3 -27.90 13.43 -7.91
CA MET A 3 -27.24 12.27 -8.50
C MET A 3 -27.39 12.31 -10.02
N GLY A 4 -26.37 11.86 -10.75
CA GLY A 4 -26.33 11.91 -12.20
C GLY A 4 -24.89 11.87 -12.70
N SER A 5 -24.19 10.75 -12.52
CA SER A 5 -22.85 10.53 -13.04
C SER A 5 -22.65 9.03 -13.35
N PRO A 6 -21.60 8.65 -14.10
CA PRO A 6 -21.30 7.24 -14.33
C PRO A 6 -20.74 6.58 -13.06
N VAL A 7 -20.37 5.32 -13.19
CA VAL A 7 -19.85 4.44 -12.14
C VAL A 7 -18.50 4.99 -11.69
N SER A 8 -18.56 5.76 -10.61
CA SER A 8 -17.43 6.41 -9.97
C SER A 8 -16.61 5.35 -9.21
N TYR A 9 -15.30 5.51 -9.17
CA TYR A 9 -14.39 4.67 -8.40
C TYR A 9 -13.51 5.56 -7.52
N TYR A 10 -13.05 5.00 -6.40
CA TYR A 10 -12.25 5.63 -5.38
C TYR A 10 -11.13 4.65 -5.05
N PHE A 11 -9.88 5.03 -5.33
CA PHE A 11 -8.72 4.20 -4.99
C PHE A 11 -7.54 5.12 -4.61
N SER A 12 -7.53 5.65 -3.39
CA SER A 12 -6.41 6.42 -2.89
C SER A 12 -6.38 6.35 -1.35
N TYR A 13 -5.46 7.08 -0.71
CA TYR A 13 -5.64 7.45 0.68
C TYR A 13 -6.86 8.37 0.79
N ALA A 14 -7.34 8.55 2.01
CA ALA A 14 -8.32 9.56 2.35
C ALA A 14 -7.65 10.78 2.98
N ASP A 15 -6.54 10.60 3.69
CA ASP A 15 -5.78 11.65 4.33
C ASP A 15 -4.32 11.43 3.93
N GLY A 16 -4.01 11.75 2.68
CA GLY A 16 -2.62 11.95 2.33
C GLY A 16 -2.43 12.21 0.85
N GLY A 17 -2.90 11.29 0.01
CA GLY A 17 -2.54 11.31 -1.40
C GLY A 17 -2.72 9.96 -2.07
N THR A 18 -1.74 9.57 -2.89
CA THR A 18 -1.84 8.46 -3.82
C THR A 18 -0.57 7.59 -3.85
N SER A 19 0.23 7.60 -2.77
CA SER A 19 1.40 6.75 -2.61
C SER A 19 1.90 6.78 -1.16
N HIS A 20 2.77 5.83 -0.86
CA HIS A 20 3.53 5.65 0.37
C HIS A 20 5.03 5.80 0.18
N THR A 21 5.67 6.52 1.10
CA THR A 21 7.12 6.67 1.17
C THR A 21 7.52 6.79 2.63
N GLU A 22 7.69 5.66 3.30
CA GLU A 22 8.13 5.63 4.68
C GLU A 22 9.66 5.76 4.69
N TYR A 23 10.19 6.52 5.64
CA TYR A 23 11.61 6.70 5.87
C TYR A 23 11.89 6.25 7.30
N PRO A 24 11.94 4.95 7.60
CA PRO A 24 12.50 4.50 8.86
C PRO A 24 14.03 4.63 8.83
N ASP A 25 14.65 4.49 9.99
CA ASP A 25 16.09 4.50 10.22
C ASP A 25 16.33 3.86 11.58
N ASP A 26 17.54 3.41 11.86
CA ASP A 26 17.90 2.55 12.99
C ASP A 26 17.15 1.22 12.94
N SER A 27 15.89 1.16 13.37
CA SER A 27 15.09 -0.05 13.47
C SER A 27 13.63 0.36 13.64
N SER A 28 12.92 0.60 12.54
CA SER A 28 11.47 0.85 12.54
C SER A 28 10.71 0.11 11.42
N ALA A 29 11.29 -0.99 10.94
CA ALA A 29 10.67 -1.96 10.04
C ALA A 29 9.63 -2.76 10.84
N GLY A 30 8.35 -2.76 10.43
CA GLY A 30 7.32 -3.42 11.20
C GLY A 30 6.03 -3.57 10.38
N SER A 31 5.02 -4.08 11.05
CA SER A 31 3.68 -4.27 10.52
C SER A 31 2.82 -3.09 10.92
N PHE A 32 2.17 -2.46 9.95
CA PHE A 32 1.13 -1.46 10.18
C PHE A 32 -0.16 -1.75 9.40
N ILE A 33 -1.13 -0.84 9.54
CA ILE A 33 -2.46 -0.80 8.93
C ILE A 33 -2.69 0.68 8.54
N LEU A 34 -3.35 0.96 7.41
CA LEU A 34 -3.57 2.30 6.85
C LEU A 34 -5.08 2.56 6.71
N ASP A 35 -5.47 3.63 6.01
CA ASP A 35 -6.86 4.04 5.79
C ASP A 35 -7.08 4.29 4.29
N ILE A 36 -6.70 3.32 3.44
CA ILE A 36 -6.77 3.42 1.99
C ILE A 36 -8.19 3.09 1.55
N THR A 37 -8.80 4.01 0.80
CA THR A 37 -10.12 3.88 0.20
C THR A 37 -10.05 2.87 -0.95
N SER A 38 -11.02 1.96 -1.01
CA SER A 38 -11.28 1.07 -2.13
C SER A 38 -12.78 0.91 -2.22
N TYR A 39 -13.41 1.50 -3.24
CA TYR A 39 -14.74 1.11 -3.68
C TYR A 39 -15.07 1.73 -5.04
N LYS A 40 -16.18 1.27 -5.61
CA LYS A 40 -16.92 1.93 -6.68
C LYS A 40 -18.28 2.35 -6.13
N LYS A 41 -18.74 3.58 -6.40
CA LYS A 41 -19.98 4.17 -5.88
C LYS A 41 -20.95 4.40 -7.02
N THR A 42 -22.14 3.82 -6.93
CA THR A 42 -23.13 3.98 -8.00
C THR A 42 -24.53 3.68 -7.45
N GLY A 43 -25.54 4.27 -8.07
CA GLY A 43 -26.94 4.21 -7.68
C GLY A 43 -27.16 4.86 -6.33
N ASN A 44 -26.89 4.10 -5.27
CA ASN A 44 -27.07 4.51 -3.88
C ASN A 44 -26.00 3.89 -2.96
N SER A 45 -25.09 3.07 -3.47
CA SER A 45 -24.27 2.17 -2.69
C SER A 45 -22.79 2.21 -3.10
N THR A 46 -21.96 1.52 -2.33
CA THR A 46 -20.51 1.43 -2.45
C THR A 46 -20.16 -0.06 -2.39
N LYS A 47 -19.47 -0.52 -3.43
CA LYS A 47 -18.96 -1.89 -3.57
C LYS A 47 -17.44 -1.81 -3.41
N ALA A 48 -16.89 -2.30 -2.30
CA ALA A 48 -15.45 -2.32 -2.07
C ALA A 48 -14.80 -3.33 -3.00
N LEU A 49 -13.52 -3.13 -3.30
CA LEU A 49 -12.72 -4.04 -4.12
C LEU A 49 -11.52 -4.57 -3.36
N SER A 50 -11.11 -5.81 -3.64
CA SER A 50 -9.83 -6.33 -3.17
C SER A 50 -8.71 -5.82 -4.06
N TRP A 51 -7.47 -5.84 -3.57
CA TRP A 51 -6.29 -5.47 -4.33
C TRP A 51 -5.12 -6.42 -4.04
N ASN A 52 -4.03 -6.24 -4.78
CA ASN A 52 -2.91 -7.14 -4.84
C ASN A 52 -1.62 -6.36 -5.10
N ALA A 53 -0.51 -6.87 -4.57
CA ALA A 53 0.82 -6.29 -4.66
C ALA A 53 1.87 -7.39 -4.60
N SER A 54 3.09 -7.12 -5.04
CA SER A 54 4.16 -8.11 -5.10
C SER A 54 5.41 -7.52 -5.77
N GLY A 55 6.58 -7.94 -5.32
CA GLY A 55 7.86 -7.71 -5.94
C GLY A 55 8.97 -8.16 -4.99
N ASP A 56 9.45 -7.24 -4.15
CA ASP A 56 10.53 -7.44 -3.16
C ASP A 56 10.16 -8.54 -2.15
N SER A 57 11.15 -9.06 -1.40
CA SER A 57 11.01 -10.16 -0.44
C SER A 57 10.70 -9.75 0.99
N TRP A 58 10.61 -8.44 1.24
CA TRP A 58 10.45 -7.85 2.56
C TRP A 58 9.29 -6.86 2.51
N ILE A 59 8.30 -7.11 1.65
CA ILE A 59 7.16 -6.22 1.44
C ILE A 59 5.96 -7.14 1.23
N HIS A 60 5.31 -7.52 2.31
CA HIS A 60 4.11 -8.35 2.30
C HIS A 60 2.88 -7.42 2.18
N VAL A 61 1.69 -8.00 1.98
CA VAL A 61 0.42 -7.32 2.12
C VAL A 61 -0.67 -8.36 2.37
N ASN A 62 -1.78 -7.93 2.96
CA ASN A 62 -3.02 -8.64 3.19
C ASN A 62 -4.18 -7.65 3.02
N GLY A 63 -5.42 -8.11 3.21
CA GLY A 63 -6.64 -7.32 3.00
C GLY A 63 -6.58 -5.92 3.62
N SER A 64 -6.21 -5.82 4.90
CA SER A 64 -6.07 -4.54 5.60
C SER A 64 -4.71 -4.33 6.23
N SER A 65 -3.83 -5.34 6.25
CA SER A 65 -2.60 -5.29 7.02
C SER A 65 -1.39 -5.45 6.11
N VAL A 66 -0.25 -4.93 6.57
CA VAL A 66 0.98 -4.87 5.79
C VAL A 66 2.13 -5.28 6.73
N SER A 67 3.29 -5.65 6.18
CA SER A 67 4.56 -5.72 6.89
C SER A 67 5.65 -5.38 5.88
N TYR A 68 6.63 -4.57 6.28
CA TYR A 68 7.85 -4.33 5.52
C TYR A 68 9.03 -4.69 6.43
N ASP A 69 9.65 -5.84 6.21
CA ASP A 69 10.78 -6.31 7.04
C ASP A 69 12.08 -5.54 6.76
N GLU A 70 13.10 -5.80 7.56
CA GLU A 70 14.46 -5.29 7.44
C GLU A 70 15.26 -6.12 6.42
N ASN A 71 16.58 -5.97 6.40
CA ASN A 71 17.50 -6.56 5.43
C ASN A 71 18.63 -7.29 6.16
N PRO A 72 19.42 -8.14 5.48
CA PRO A 72 20.55 -8.85 6.08
C PRO A 72 21.89 -8.12 5.91
N ALA A 73 21.94 -7.07 5.08
CA ALA A 73 23.16 -6.40 4.66
C ALA A 73 22.99 -4.90 4.88
N LYS A 74 24.05 -4.23 5.36
CA LYS A 74 23.94 -2.91 5.99
C LYS A 74 23.95 -1.78 4.98
N GLU A 75 23.81 -2.12 3.71
CA GLU A 75 23.60 -1.12 2.70
C GLU A 75 22.20 -0.54 2.91
N ARG A 76 21.97 0.66 2.41
CA ARG A 76 20.62 1.22 2.34
C ARG A 76 19.85 0.40 1.31
N ARG A 77 18.52 0.43 1.36
CA ARG A 77 17.67 -0.26 0.41
C ARG A 77 16.57 0.68 -0.07
N THR A 78 16.19 0.55 -1.34
CA THR A 78 15.11 1.28 -1.97
C THR A 78 14.05 0.26 -2.43
N GLY A 79 13.25 -0.22 -1.48
CA GLY A 79 12.22 -1.24 -1.75
C GLY A 79 11.08 -0.60 -2.52
N LEU A 80 10.62 -1.23 -3.60
CA LEU A 80 9.75 -0.57 -4.57
C LEU A 80 8.78 -1.53 -5.24
N VAL A 81 7.81 -2.00 -4.48
CA VAL A 81 6.76 -2.86 -5.03
C VAL A 81 5.77 -2.03 -5.85
N THR A 82 4.96 -2.71 -6.67
CA THR A 82 3.80 -2.13 -7.34
C THR A 82 2.55 -2.76 -6.76
N LEU A 83 1.45 -2.04 -6.92
CA LEU A 83 0.15 -2.32 -6.38
C LEU A 83 -0.88 -2.04 -7.47
N LYS A 84 -2.00 -2.79 -7.54
CA LYS A 84 -3.12 -2.55 -8.44
C LYS A 84 -4.36 -3.22 -7.83
N GLN A 85 -5.57 -2.96 -8.35
CA GLN A 85 -6.82 -3.39 -7.73
C GLN A 85 -7.60 -4.33 -8.65
N ASP A 86 -8.59 -5.03 -8.10
CA ASP A 86 -9.49 -5.96 -8.78
C ASP A 86 -10.01 -5.38 -10.10
N GLU A 87 -10.62 -4.20 -9.97
CA GLU A 87 -11.40 -3.53 -11.00
C GLU A 87 -10.90 -2.10 -11.23
N SER A 88 -9.90 -1.69 -10.46
CA SER A 88 -9.27 -0.37 -10.50
C SER A 88 -7.77 -0.49 -10.72
N GLY A 89 -7.08 0.65 -10.75
CA GLY A 89 -5.88 0.74 -11.56
C GLY A 89 -4.94 1.87 -11.23
N LYS A 90 -5.18 2.60 -10.13
CA LYS A 90 -4.30 3.64 -9.64
C LYS A 90 -3.14 2.93 -8.95
N THR A 91 -2.04 2.75 -9.65
CA THR A 91 -0.96 1.88 -9.21
C THR A 91 -0.16 2.61 -8.14
N LEU A 92 -0.18 2.13 -6.89
CA LEU A 92 0.53 2.84 -5.82
C LEU A 92 2.00 2.51 -5.95
N SER A 93 2.84 3.54 -5.94
CA SER A 93 4.27 3.40 -5.75
C SER A 93 4.51 3.34 -4.24
N LEU A 94 5.19 2.30 -3.76
CA LEU A 94 5.46 2.04 -2.34
C LEU A 94 6.97 2.04 -2.19
N LYS A 95 7.54 3.12 -1.62
CA LYS A 95 8.98 3.40 -1.64
C LYS A 95 9.51 3.46 -0.22
N ILE A 96 10.05 2.37 0.31
CA ILE A 96 10.60 2.34 1.67
C ILE A 96 12.09 2.63 1.56
N VAL A 97 12.55 3.75 2.10
CA VAL A 97 13.94 4.16 2.07
C VAL A 97 14.49 3.89 3.47
N GLN A 98 15.22 2.78 3.67
CA GLN A 98 15.73 2.43 4.99
C GLN A 98 17.22 2.03 4.92
N PRO A 99 17.96 2.14 6.05
CA PRO A 99 19.34 1.67 6.23
C PRO A 99 19.40 0.15 6.27
N GLY A 100 20.50 -0.43 6.76
CA GLY A 100 20.55 -1.86 6.95
C GLY A 100 21.36 -2.29 8.17
N LYS A 101 21.21 -3.57 8.50
CA LYS A 101 21.94 -4.26 9.57
C LYS A 101 22.91 -5.28 8.97
N THR A 102 23.74 -5.90 9.80
CA THR A 102 24.59 -7.04 9.48
C THR A 102 24.66 -7.84 10.78
N SER A 103 23.76 -8.80 10.93
CA SER A 103 23.71 -9.69 12.06
C SER A 103 23.43 -11.12 11.58
N ILE A 104 23.25 -12.04 12.53
CA ILE A 104 22.94 -13.43 12.25
C ILE A 104 21.43 -13.49 12.02
N ASP A 105 21.00 -13.05 10.83
CA ASP A 105 19.62 -13.09 10.35
C ASP A 105 19.35 -14.47 9.77
N GLY A 1 -24.08 -3.24 -12.99
CA GLY A 1 -25.50 -3.61 -13.05
C GLY A 1 -26.25 -2.58 -13.87
N HIS A 2 -27.13 -3.04 -14.77
CA HIS A 2 -27.82 -2.21 -15.75
C HIS A 2 -28.77 -1.21 -15.06
N MET A 3 -28.24 -0.04 -14.73
CA MET A 3 -28.97 1.14 -14.31
C MET A 3 -28.27 2.34 -14.96
N GLY A 4 -28.98 3.45 -15.11
CA GLY A 4 -28.42 4.70 -15.60
C GLY A 4 -27.79 5.56 -14.51
N SER A 5 -27.79 5.09 -13.25
CA SER A 5 -27.28 5.84 -12.11
C SER A 5 -25.83 6.25 -12.37
N PRO A 6 -25.38 7.44 -11.91
CA PRO A 6 -23.98 7.84 -12.04
C PRO A 6 -23.12 6.92 -11.19
N VAL A 7 -21.85 6.79 -11.55
CA VAL A 7 -20.86 6.01 -10.82
C VAL A 7 -19.69 6.93 -10.49
N SER A 8 -19.03 6.70 -9.36
CA SER A 8 -17.74 7.25 -9.01
C SER A 8 -16.93 6.11 -8.40
N TYR A 9 -15.90 5.64 -9.11
CA TYR A 9 -14.89 4.83 -8.47
C TYR A 9 -13.94 5.75 -7.72
N TYR A 10 -13.31 5.20 -6.68
CA TYR A 10 -12.32 5.84 -5.84
C TYR A 10 -11.08 4.96 -5.94
N PHE A 11 -9.98 5.51 -6.45
CA PHE A 11 -8.73 4.78 -6.66
C PHE A 11 -7.53 5.61 -6.24
N SER A 12 -7.50 5.99 -4.96
CA SER A 12 -6.43 6.76 -4.36
C SER A 12 -6.40 6.47 -2.85
N TYR A 13 -5.65 7.26 -2.08
CA TYR A 13 -5.69 7.21 -0.62
C TYR A 13 -7.06 7.66 -0.09
N ALA A 14 -7.22 7.67 1.23
CA ALA A 14 -8.30 8.39 1.91
C ALA A 14 -7.81 9.69 2.52
N ASP A 15 -6.52 9.77 2.91
CA ASP A 15 -6.00 10.82 3.79
C ASP A 15 -4.62 11.30 3.33
N GLY A 16 -4.20 10.92 2.13
CA GLY A 16 -2.78 10.78 1.81
C GLY A 16 -2.37 11.53 0.56
N GLY A 17 -2.85 11.09 -0.59
CA GLY A 17 -2.16 11.30 -1.85
C GLY A 17 -2.33 10.08 -2.72
N THR A 18 -1.23 9.51 -3.20
CA THR A 18 -1.24 8.46 -4.20
C THR A 18 -0.14 7.42 -4.01
N SER A 19 0.68 7.49 -2.95
CA SER A 19 1.69 6.48 -2.63
C SER A 19 2.16 6.62 -1.18
N HIS A 20 3.00 5.69 -0.73
CA HIS A 20 3.61 5.58 0.59
C HIS A 20 5.14 5.52 0.57
N THR A 21 5.77 6.13 1.57
CA THR A 21 7.22 6.18 1.73
C THR A 21 7.53 6.06 3.22
N GLU A 22 8.65 5.42 3.57
CA GLU A 22 9.25 5.68 4.87
C GLU A 22 10.76 5.83 4.74
N TYR A 23 11.33 6.40 5.79
CA TYR A 23 12.75 6.58 5.99
C TYR A 23 13.01 6.18 7.45
N PRO A 24 13.04 4.88 7.77
CA PRO A 24 13.29 4.42 9.13
C PRO A 24 14.73 4.76 9.52
N ASP A 25 15.07 4.56 10.78
CA ASP A 25 16.16 5.34 11.37
C ASP A 25 16.76 4.70 12.62
N ASP A 26 16.24 3.55 13.03
CA ASP A 26 16.59 2.86 14.26
C ASP A 26 16.05 1.45 14.17
N SER A 27 14.73 1.27 14.28
CA SER A 27 13.97 0.06 13.97
C SER A 27 12.50 0.46 13.91
N SER A 28 11.97 0.70 12.69
CA SER A 28 10.54 0.85 12.44
C SER A 28 10.00 -0.12 11.38
N ALA A 29 10.66 -1.26 11.19
CA ALA A 29 10.10 -2.38 10.43
C ALA A 29 8.99 -3.04 11.25
N GLY A 30 8.03 -3.72 10.62
CA GLY A 30 6.99 -4.47 11.29
C GLY A 30 5.80 -4.64 10.36
N SER A 31 4.59 -4.75 10.89
CA SER A 31 3.38 -5.06 10.14
C SER A 31 2.19 -4.17 10.51
N PHE A 32 1.85 -3.17 9.71
CA PHE A 32 0.76 -2.20 9.98
C PHE A 32 -0.29 -2.15 8.85
N ILE A 33 -1.15 -1.13 8.81
CA ILE A 33 -2.16 -0.84 7.78
C ILE A 33 -2.12 0.69 7.52
N LEU A 34 -2.61 1.17 6.36
CA LEU A 34 -2.67 2.57 5.97
C LEU A 34 -4.05 2.92 5.40
N ASP A 35 -4.31 4.20 5.13
CA ASP A 35 -5.68 4.75 5.07
C ASP A 35 -6.04 5.09 3.63
N ILE A 36 -6.60 4.12 2.90
CA ILE A 36 -6.70 4.13 1.45
C ILE A 36 -8.15 3.81 1.03
N THR A 37 -8.56 4.19 -0.20
CA THR A 37 -9.94 4.10 -0.66
C THR A 37 -10.00 3.26 -1.95
N SER A 38 -11.04 2.44 -2.12
CA SER A 38 -11.00 1.33 -3.06
C SER A 38 -12.40 0.84 -3.47
N TYR A 39 -13.38 1.74 -3.60
CA TYR A 39 -14.78 1.37 -3.78
C TYR A 39 -15.38 2.08 -4.99
N LYS A 40 -16.58 1.67 -5.38
CA LYS A 40 -17.40 2.34 -6.39
C LYS A 40 -18.70 2.73 -5.73
N LYS A 41 -18.99 4.03 -5.75
CA LYS A 41 -20.23 4.63 -5.32
C LYS A 41 -21.09 4.69 -6.55
N THR A 42 -22.37 4.40 -6.41
CA THR A 42 -23.34 4.61 -7.46
C THR A 42 -24.72 4.54 -6.82
N GLY A 43 -25.58 5.51 -7.16
CA GLY A 43 -26.90 5.70 -6.57
C GLY A 43 -26.83 5.69 -5.05
N ASN A 44 -27.13 4.54 -4.44
CA ASN A 44 -27.42 4.42 -3.02
C ASN A 44 -26.61 3.30 -2.35
N SER A 45 -25.47 2.85 -2.92
CA SER A 45 -24.54 1.98 -2.21
C SER A 45 -23.10 2.21 -2.67
N THR A 46 -22.18 1.51 -2.01
CA THR A 46 -20.73 1.63 -2.16
C THR A 46 -20.10 0.23 -2.20
N LYS A 47 -19.93 -0.33 -3.40
CA LYS A 47 -19.30 -1.65 -3.54
C LYS A 47 -17.80 -1.48 -3.29
N ALA A 48 -17.30 -1.89 -2.13
CA ALA A 48 -15.87 -1.92 -1.84
C ALA A 48 -15.24 -3.08 -2.59
N LEU A 49 -13.99 -2.90 -3.03
CA LEU A 49 -13.26 -3.85 -3.85
C LEU A 49 -12.03 -4.37 -3.10
N SER A 50 -11.67 -5.61 -3.40
CA SER A 50 -10.39 -6.19 -3.08
C SER A 50 -9.28 -5.48 -3.87
N TRP A 51 -8.03 -5.68 -3.45
CA TRP A 51 -6.83 -5.22 -4.12
C TRP A 51 -5.70 -6.24 -3.95
N ASN A 52 -4.56 -6.03 -4.62
CA ASN A 52 -3.40 -6.93 -4.56
C ASN A 52 -2.12 -6.10 -4.41
N ALA A 53 -0.97 -6.76 -4.23
CA ALA A 53 0.35 -6.15 -4.22
C ALA A 53 1.36 -7.12 -4.84
N SER A 54 2.41 -6.59 -5.42
CA SER A 54 3.47 -7.39 -6.02
C SER A 54 4.72 -6.55 -6.21
N GLY A 55 5.89 -7.13 -5.95
CA GLY A 55 7.18 -6.49 -6.11
C GLY A 55 8.23 -7.34 -5.37
N ASP A 56 9.00 -6.68 -4.50
CA ASP A 56 10.13 -7.24 -3.76
C ASP A 56 9.70 -8.38 -2.82
N SER A 57 10.68 -9.17 -2.39
CA SER A 57 10.52 -10.45 -1.71
C SER A 57 10.13 -10.33 -0.22
N TRP A 58 10.35 -9.16 0.39
CA TRP A 58 10.34 -8.92 1.84
C TRP A 58 9.29 -7.88 2.24
N ILE A 59 8.36 -7.58 1.34
CA ILE A 59 7.30 -6.60 1.54
C ILE A 59 6.02 -7.41 1.43
N HIS A 60 5.64 -8.00 2.55
CA HIS A 60 4.51 -8.92 2.66
C HIS A 60 3.25 -8.07 2.80
N VAL A 61 2.17 -8.42 2.12
CA VAL A 61 1.00 -7.56 2.06
C VAL A 61 -0.23 -8.42 2.24
N ASN A 62 -0.65 -8.60 3.50
CA ASN A 62 -1.71 -9.52 3.84
C ASN A 62 -3.07 -8.93 3.52
N GLY A 63 -3.52 -9.11 2.27
CA GLY A 63 -4.74 -8.52 1.75
C GLY A 63 -4.60 -7.01 1.75
N SER A 64 -5.24 -6.33 2.69
CA SER A 64 -5.19 -4.88 2.85
C SER A 64 -4.18 -4.42 3.90
N SER A 65 -3.56 -5.33 4.67
CA SER A 65 -2.50 -5.01 5.62
C SER A 65 -1.16 -4.95 4.89
N VAL A 66 -0.13 -4.37 5.52
CA VAL A 66 1.23 -4.26 5.02
C VAL A 66 2.18 -4.84 6.06
N SER A 67 3.37 -5.24 5.63
CA SER A 67 4.51 -5.56 6.44
C SER A 67 5.75 -5.38 5.59
N TYR A 68 6.88 -5.20 6.25
CA TYR A 68 8.19 -5.35 5.66
C TYR A 68 9.18 -5.62 6.79
N ASP A 69 10.40 -6.02 6.41
CA ASP A 69 11.47 -6.40 7.31
C ASP A 69 12.75 -5.72 6.82
N GLU A 70 13.74 -5.57 7.69
CA GLU A 70 14.96 -4.83 7.38
C GLU A 70 15.87 -5.57 6.40
N ASN A 71 16.82 -4.83 5.82
CA ASN A 71 17.94 -5.35 5.05
C ASN A 71 19.00 -5.90 6.03
N PRO A 72 19.70 -6.98 5.67
CA PRO A 72 20.74 -7.61 6.49
C PRO A 72 22.14 -7.05 6.23
N ALA A 73 22.31 -6.15 5.25
CA ALA A 73 23.57 -5.47 5.02
C ALA A 73 23.57 -4.10 5.71
N LYS A 74 24.75 -3.53 5.90
CA LYS A 74 24.97 -2.19 6.44
C LYS A 74 25.31 -1.27 5.28
N GLU A 75 24.33 -1.16 4.39
CA GLU A 75 24.25 -0.17 3.34
C GLU A 75 22.84 0.43 3.36
N ARG A 76 22.56 1.42 2.52
CA ARG A 76 21.18 1.85 2.32
C ARG A 76 20.51 0.82 1.42
N ARG A 77 19.18 0.73 1.46
CA ARG A 77 18.41 -0.03 0.48
C ARG A 77 17.04 0.62 0.33
N THR A 78 16.25 0.13 -0.61
CA THR A 78 14.82 0.29 -0.62
C THR A 78 14.22 -0.92 -1.31
N GLY A 79 12.91 -1.11 -1.14
CA GLY A 79 12.05 -1.86 -2.05
C GLY A 79 11.18 -0.87 -2.81
N LEU A 80 10.36 -1.35 -3.76
CA LEU A 80 9.44 -0.49 -4.52
C LEU A 80 8.25 -1.25 -5.11
N VAL A 81 7.36 -1.80 -4.28
CA VAL A 81 6.31 -2.68 -4.80
C VAL A 81 5.20 -1.86 -5.46
N THR A 82 4.26 -2.54 -6.13
CA THR A 82 3.11 -1.95 -6.81
C THR A 82 1.84 -2.60 -6.24
N LEU A 83 0.67 -2.00 -6.49
CA LEU A 83 -0.65 -2.55 -6.13
C LEU A 83 -1.53 -2.59 -7.39
N LYS A 84 -2.69 -3.23 -7.30
CA LYS A 84 -3.80 -3.05 -8.24
C LYS A 84 -5.13 -3.37 -7.54
N GLN A 85 -6.28 -3.12 -8.18
CA GLN A 85 -7.60 -3.32 -7.59
C GLN A 85 -8.34 -4.49 -8.28
N ASP A 86 -9.49 -4.89 -7.74
CA ASP A 86 -10.33 -5.95 -8.30
C ASP A 86 -10.74 -5.67 -9.74
N GLU A 87 -11.27 -4.48 -10.00
CA GLU A 87 -11.62 -4.01 -11.34
C GLU A 87 -10.68 -2.87 -11.74
N SER A 88 -10.42 -1.96 -10.81
CA SER A 88 -9.71 -0.72 -11.02
C SER A 88 -8.20 -0.97 -11.26
N GLY A 89 -7.42 0.10 -11.28
CA GLY A 89 -5.99 0.10 -11.51
C GLY A 89 -5.32 0.94 -10.43
N LYS A 90 -5.74 0.81 -9.16
CA LYS A 90 -5.12 1.46 -8.03
C LYS A 90 -3.66 1.04 -7.96
N THR A 91 -2.79 1.87 -8.49
CA THR A 91 -1.38 1.66 -8.50
C THR A 91 -0.83 2.73 -7.54
N LEU A 92 -0.33 2.28 -6.40
CA LEU A 92 0.46 3.05 -5.44
C LEU A 92 1.86 2.44 -5.51
N SER A 93 2.86 3.13 -4.96
CA SER A 93 4.24 2.68 -4.86
C SER A 93 4.66 2.80 -3.39
N LEU A 94 5.50 1.87 -2.91
CA LEU A 94 5.86 1.70 -1.51
C LEU A 94 7.37 1.70 -1.38
N LYS A 95 7.94 2.81 -0.89
CA LYS A 95 9.38 3.05 -0.91
C LYS A 95 9.91 3.15 0.52
N ILE A 96 10.52 2.08 1.02
CA ILE A 96 11.06 1.97 2.37
C ILE A 96 12.56 2.28 2.25
N VAL A 97 12.98 3.54 2.31
CA VAL A 97 14.38 3.90 2.13
C VAL A 97 15.08 3.72 3.48
N GLN A 98 15.57 2.51 3.71
CA GLN A 98 16.01 2.05 5.02
C GLN A 98 17.49 2.34 5.26
N PRO A 99 17.93 2.38 6.54
CA PRO A 99 19.32 2.25 6.93
C PRO A 99 19.78 0.80 6.68
N GLY A 100 20.90 0.39 7.27
CA GLY A 100 21.32 -0.98 7.25
C GLY A 100 22.11 -1.31 8.51
N LYS A 101 22.34 -2.60 8.76
CA LYS A 101 23.02 -3.11 9.96
C LYS A 101 23.64 -4.47 9.67
N THR A 102 24.34 -5.03 10.66
CA THR A 102 24.73 -6.42 10.71
C THR A 102 24.78 -6.79 12.19
N SER A 103 23.71 -7.37 12.74
CA SER A 103 23.68 -7.83 14.13
C SER A 103 23.03 -9.20 14.24
N ILE A 104 23.05 -9.81 15.42
CA ILE A 104 22.26 -10.98 15.81
C ILE A 104 20.86 -10.54 16.26
N ASP A 105 20.36 -9.46 15.64
CA ASP A 105 18.97 -9.07 15.66
C ASP A 105 18.21 -10.01 14.75
N GLY A 1 -32.51 7.53 -4.09
CA GLY A 1 -32.60 6.06 -4.18
C GLY A 1 -31.61 5.63 -5.23
N HIS A 2 -32.07 5.35 -6.45
CA HIS A 2 -31.28 5.74 -7.61
C HIS A 2 -31.18 7.26 -7.62
N MET A 3 -30.25 7.81 -8.41
CA MET A 3 -30.06 9.24 -8.65
C MET A 3 -29.34 9.34 -9.99
N GLY A 4 -29.47 10.47 -10.68
CA GLY A 4 -28.65 10.79 -11.83
C GLY A 4 -27.31 11.27 -11.30
N SER A 5 -26.31 10.38 -11.24
CA SER A 5 -24.92 10.74 -10.96
C SER A 5 -23.99 9.73 -11.61
N PRO A 6 -22.77 10.12 -12.04
CA PRO A 6 -21.73 9.17 -12.40
C PRO A 6 -21.31 8.39 -11.16
N VAL A 7 -20.81 7.18 -11.37
CA VAL A 7 -20.26 6.39 -10.28
C VAL A 7 -18.96 7.04 -9.80
N SER A 8 -18.85 7.25 -8.49
CA SER A 8 -17.60 7.63 -7.85
C SER A 8 -16.80 6.34 -7.71
N TYR A 9 -15.56 6.30 -8.19
CA TYR A 9 -14.60 5.29 -7.75
C TYR A 9 -13.55 5.93 -6.87
N TYR A 10 -12.99 5.10 -5.99
CA TYR A 10 -11.98 5.45 -5.03
C TYR A 10 -10.86 4.42 -5.18
N PHE A 11 -9.65 4.90 -5.39
CA PHE A 11 -8.47 4.15 -5.78
C PHE A 11 -7.18 4.88 -5.33
N SER A 12 -7.30 5.73 -4.31
CA SER A 12 -6.18 6.52 -3.78
C SER A 12 -6.37 6.79 -2.28
N TYR A 13 -5.39 7.39 -1.62
CA TYR A 13 -5.40 7.62 -0.17
C TYR A 13 -6.31 8.78 0.22
N ALA A 14 -6.69 8.80 1.50
CA ALA A 14 -7.47 9.89 2.08
C ALA A 14 -6.60 11.13 2.34
N ASP A 15 -5.48 10.92 3.01
CA ASP A 15 -4.50 11.95 3.39
C ASP A 15 -3.13 11.32 3.19
N GLY A 16 -2.91 10.84 1.97
CA GLY A 16 -1.67 10.17 1.57
C GLY A 16 -1.38 10.27 0.07
N GLY A 17 -2.22 10.97 -0.70
CA GLY A 17 -2.01 11.18 -2.14
C GLY A 17 -2.30 9.91 -2.92
N THR A 18 -1.30 9.37 -3.64
CA THR A 18 -1.48 8.23 -4.54
C THR A 18 -0.36 7.20 -4.44
N SER A 19 0.57 7.36 -3.50
CA SER A 19 1.57 6.36 -3.17
C SER A 19 2.08 6.57 -1.75
N HIS A 20 2.71 5.55 -1.20
CA HIS A 20 3.20 5.49 0.17
C HIS A 20 4.72 5.46 0.13
N THR A 21 5.36 6.17 1.04
CA THR A 21 6.80 6.38 1.14
C THR A 21 7.11 6.49 2.62
N GLU A 22 7.38 5.36 3.26
CA GLU A 22 7.62 5.32 4.69
C GLU A 22 9.12 5.47 4.93
N TYR A 23 9.51 6.30 5.90
CA TYR A 23 10.92 6.58 6.17
C TYR A 23 11.29 6.14 7.59
N PRO A 24 11.25 4.83 7.92
CA PRO A 24 11.67 4.34 9.24
C PRO A 24 13.19 4.40 9.40
N ASP A 25 13.68 3.87 10.52
CA ASP A 25 15.04 3.96 11.03
C ASP A 25 15.67 2.57 11.09
N ASP A 26 16.77 2.44 11.84
CA ASP A 26 17.59 1.24 11.93
C ASP A 26 16.84 0.04 12.52
N SER A 27 15.70 0.24 13.21
CA SER A 27 14.88 -0.84 13.76
C SER A 27 13.40 -0.45 13.90
N SER A 28 12.70 -0.21 12.79
CA SER A 28 11.28 0.16 12.82
C SER A 28 10.49 -0.28 11.57
N ALA A 29 10.95 -1.31 10.89
CA ALA A 29 10.14 -2.12 9.96
C ALA A 29 9.00 -2.82 10.73
N GLY A 30 8.01 -3.40 10.03
CA GLY A 30 6.93 -4.14 10.68
C GLY A 30 5.72 -4.26 9.78
N SER A 31 4.53 -4.37 10.37
CA SER A 31 3.27 -4.62 9.67
C SER A 31 2.17 -3.71 10.22
N PHE A 32 1.87 -2.63 9.49
CA PHE A 32 0.85 -1.63 9.84
C PHE A 32 -0.27 -1.53 8.80
N ILE A 33 -1.24 -0.61 8.98
CA ILE A 33 -2.36 -0.39 8.08
C ILE A 33 -2.39 1.11 7.73
N LEU A 34 -2.84 1.44 6.51
CA LEU A 34 -2.87 2.77 5.92
C LEU A 34 -4.31 3.15 5.58
N ASP A 35 -4.54 4.39 5.15
CA ASP A 35 -5.87 4.95 4.81
C ASP A 35 -6.07 4.96 3.29
N ILE A 36 -5.82 3.79 2.70
CA ILE A 36 -6.04 3.50 1.30
C ILE A 36 -7.55 3.40 1.09
N THR A 37 -8.05 3.93 -0.02
CA THR A 37 -9.47 3.89 -0.36
C THR A 37 -9.65 3.02 -1.60
N SER A 38 -10.62 2.10 -1.58
CA SER A 38 -10.74 1.03 -2.57
C SER A 38 -12.22 0.62 -2.67
N TYR A 39 -13.09 1.44 -3.27
CA TYR A 39 -14.50 1.10 -3.48
C TYR A 39 -15.12 1.92 -4.62
N LYS A 40 -16.36 1.60 -5.01
CA LYS A 40 -17.20 2.47 -5.84
C LYS A 40 -18.45 2.89 -5.08
N LYS A 41 -18.95 4.11 -5.32
CA LYS A 41 -20.16 4.67 -4.74
C LYS A 41 -21.10 5.08 -5.86
N THR A 42 -22.36 4.69 -5.74
CA THR A 42 -23.45 5.04 -6.63
C THR A 42 -24.73 4.64 -5.88
N GLY A 43 -25.89 5.02 -6.41
CA GLY A 43 -27.21 4.73 -5.85
C GLY A 43 -27.27 4.97 -4.35
N ASN A 44 -27.24 3.88 -3.58
CA ASN A 44 -27.46 3.86 -2.14
C ASN A 44 -26.46 2.92 -1.41
N SER A 45 -25.35 2.54 -2.05
CA SER A 45 -24.41 1.55 -1.50
C SER A 45 -22.96 1.90 -1.87
N THR A 46 -22.02 1.10 -1.39
CA THR A 46 -20.63 1.08 -1.83
C THR A 46 -20.16 -0.37 -1.95
N LYS A 47 -19.70 -0.77 -3.13
CA LYS A 47 -19.10 -2.09 -3.36
C LYS A 47 -17.59 -1.91 -3.20
N ALA A 48 -16.98 -2.61 -2.23
CA ALA A 48 -15.54 -2.49 -1.96
C ALA A 48 -14.72 -3.30 -2.95
N LEU A 49 -13.44 -2.94 -3.13
CA LEU A 49 -12.51 -3.62 -4.02
C LEU A 49 -11.30 -4.14 -3.27
N SER A 50 -10.93 -5.40 -3.55
CA SER A 50 -9.65 -5.96 -3.19
C SER A 50 -8.54 -5.30 -4.01
N TRP A 51 -7.28 -5.55 -3.64
CA TRP A 51 -6.12 -5.24 -4.44
C TRP A 51 -5.07 -6.35 -4.22
N ASN A 52 -4.05 -6.38 -5.10
CA ASN A 52 -2.99 -7.38 -5.13
C ASN A 52 -1.66 -6.64 -5.27
N ALA A 53 -0.54 -7.25 -4.86
CA ALA A 53 0.76 -6.60 -4.68
C ALA A 53 1.90 -7.57 -4.99
N SER A 54 2.99 -7.11 -5.62
CA SER A 54 4.26 -7.84 -5.60
C SER A 54 5.42 -7.00 -6.16
N GLY A 55 6.65 -7.37 -5.79
CA GLY A 55 7.90 -6.80 -6.29
C GLY A 55 9.10 -7.40 -5.55
N ASP A 56 9.65 -6.68 -4.57
CA ASP A 56 10.70 -7.17 -3.65
C ASP A 56 10.23 -8.46 -2.96
N SER A 57 11.14 -9.28 -2.45
CA SER A 57 10.84 -10.47 -1.66
C SER A 57 10.50 -10.16 -0.21
N TRP A 58 11.06 -9.08 0.34
CA TRP A 58 11.02 -8.79 1.77
C TRP A 58 9.80 -7.94 2.15
N ILE A 59 8.80 -7.85 1.26
CA ILE A 59 7.67 -6.94 1.35
C ILE A 59 6.45 -7.75 0.96
N HIS A 60 5.41 -7.72 1.81
CA HIS A 60 4.21 -8.51 1.66
C HIS A 60 3.01 -7.62 1.97
N VAL A 61 1.85 -7.89 1.37
CA VAL A 61 0.67 -7.06 1.55
C VAL A 61 -0.50 -8.01 1.71
N ASN A 62 -1.26 -7.86 2.80
CA ASN A 62 -2.50 -8.60 3.04
C ASN A 62 -3.67 -7.87 2.36
N GLY A 63 -4.90 -8.38 2.49
CA GLY A 63 -6.07 -7.79 1.84
C GLY A 63 -6.44 -6.39 2.36
N SER A 64 -5.82 -5.92 3.45
CA SER A 64 -5.86 -4.52 3.87
C SER A 64 -4.55 -4.03 4.49
N SER A 65 -3.67 -4.90 4.98
CA SER A 65 -2.51 -4.51 5.80
C SER A 65 -1.21 -4.56 5.01
N VAL A 66 -0.22 -3.80 5.47
CA VAL A 66 1.15 -3.74 4.93
C VAL A 66 2.01 -4.69 5.77
N SER A 67 3.14 -5.12 5.21
CA SER A 67 4.22 -5.74 5.96
C SER A 67 5.52 -5.57 5.17
N TYR A 68 6.63 -5.34 5.86
CA TYR A 68 7.95 -5.54 5.30
C TYR A 68 8.90 -5.94 6.41
N ASP A 69 9.88 -6.75 6.04
CA ASP A 69 10.98 -7.19 6.86
C ASP A 69 12.04 -6.09 6.92
N GLU A 70 13.15 -6.34 7.60
CA GLU A 70 14.23 -5.38 7.79
C GLU A 70 15.53 -5.90 7.19
N ASN A 71 16.51 -5.01 7.04
CA ASN A 71 17.77 -5.28 6.39
C ASN A 71 18.78 -5.88 7.39
N PRO A 72 19.64 -6.81 6.94
CA PRO A 72 20.63 -7.50 7.76
C PRO A 72 21.91 -6.68 7.95
N ALA A 73 22.05 -5.54 7.28
CA ALA A 73 23.32 -4.87 7.12
C ALA A 73 23.16 -3.36 7.09
N LYS A 74 24.29 -2.66 7.16
CA LYS A 74 24.35 -1.21 7.00
C LYS A 74 24.22 -0.80 5.54
N GLU A 75 24.02 -1.74 4.63
CA GLU A 75 23.58 -1.39 3.29
C GLU A 75 22.12 -0.97 3.39
N ARG A 76 21.79 0.13 2.71
CA ARG A 76 20.44 0.69 2.66
C ARG A 76 19.55 -0.21 1.79
N ARG A 77 18.24 0.01 1.84
CA ARG A 77 17.31 -0.53 0.86
C ARG A 77 16.39 0.58 0.37
N THR A 78 15.76 0.34 -0.78
CA THR A 78 14.77 1.21 -1.37
C THR A 78 13.66 0.28 -1.88
N GLY A 79 12.72 -0.10 -1.01
CA GLY A 79 11.63 -1.01 -1.38
C GLY A 79 10.78 -0.37 -2.48
N LEU A 80 10.30 -1.15 -3.46
CA LEU A 80 9.39 -0.64 -4.49
C LEU A 80 8.60 -1.75 -5.16
N VAL A 81 7.63 -2.34 -4.46
CA VAL A 81 6.64 -3.20 -5.10
C VAL A 81 5.69 -2.35 -5.96
N THR A 82 4.82 -3.03 -6.71
CA THR A 82 3.65 -2.42 -7.33
C THR A 82 2.41 -3.10 -6.74
N LEU A 83 1.26 -2.41 -6.71
CA LEU A 83 -0.06 -2.95 -6.43
C LEU A 83 -1.02 -2.61 -7.57
N LYS A 84 -2.19 -3.25 -7.65
CA LYS A 84 -3.28 -2.95 -8.59
C LYS A 84 -4.59 -3.50 -8.01
N GLN A 85 -5.74 -3.02 -8.48
CA GLN A 85 -7.05 -3.18 -7.85
C GLN A 85 -7.88 -4.22 -8.62
N ASP A 86 -9.01 -4.65 -8.05
CA ASP A 86 -9.92 -5.57 -8.76
C ASP A 86 -10.60 -4.92 -9.96
N GLU A 87 -11.18 -3.73 -9.81
CA GLU A 87 -11.95 -3.06 -10.88
C GLU A 87 -11.39 -1.73 -11.33
N SER A 88 -10.55 -1.14 -10.49
CA SER A 88 -9.64 -0.06 -10.85
C SER A 88 -8.26 -0.66 -11.13
N GLY A 89 -7.25 0.18 -11.23
CA GLY A 89 -5.91 -0.26 -11.56
C GLY A 89 -4.90 0.85 -11.37
N LYS A 90 -5.15 1.76 -10.42
CA LYS A 90 -4.15 2.72 -10.00
C LYS A 90 -2.99 1.91 -9.47
N THR A 91 -1.85 1.93 -10.15
CA THR A 91 -0.69 1.23 -9.66
C THR A 91 -0.05 2.07 -8.57
N LEU A 92 -0.06 1.58 -7.33
CA LEU A 92 0.64 2.17 -6.19
C LEU A 92 2.06 1.61 -6.13
N SER A 93 2.90 2.26 -5.33
CA SER A 93 4.26 1.86 -5.00
C SER A 93 4.49 2.12 -3.52
N LEU A 94 4.91 1.11 -2.76
CA LEU A 94 5.21 1.18 -1.32
C LEU A 94 6.70 1.48 -1.18
N LYS A 95 7.13 2.74 -1.23
CA LYS A 95 8.52 3.08 -0.99
C LYS A 95 8.82 2.88 0.48
N ILE A 96 9.98 2.29 0.73
CA ILE A 96 10.66 2.33 2.02
C ILE A 96 12.10 2.73 1.73
N VAL A 97 12.54 3.88 2.24
CA VAL A 97 13.90 4.40 2.09
C VAL A 97 14.51 4.45 3.50
N GLN A 98 14.83 3.30 4.10
CA GLN A 98 15.24 3.24 5.49
C GLN A 98 16.75 3.00 5.60
N PRO A 99 17.39 3.41 6.71
CA PRO A 99 18.84 3.39 6.86
C PRO A 99 19.41 1.97 6.91
N GLY A 100 20.74 1.94 6.94
CA GLY A 100 21.52 0.73 7.08
C GLY A 100 21.57 0.33 8.54
N LYS A 101 20.96 -0.82 8.89
CA LYS A 101 20.95 -1.33 10.26
C LYS A 101 22.37 -1.64 10.70
N THR A 102 22.80 -1.06 11.82
CA THR A 102 23.99 -1.46 12.54
C THR A 102 23.81 -1.09 14.01
N SER A 103 23.27 -2.01 14.82
CA SER A 103 23.18 -1.90 16.28
C SER A 103 23.51 -3.23 16.93
N ILE A 104 23.71 -3.21 18.26
CA ILE A 104 24.00 -4.38 19.09
C ILE A 104 22.66 -5.08 19.40
N ASP A 105 22.03 -5.64 18.36
CA ASP A 105 20.66 -6.12 18.42
C ASP A 105 20.56 -7.45 17.69
N GLY A 1 -38.33 12.38 -5.96
CA GLY A 1 -37.02 12.83 -6.45
C GLY A 1 -36.53 11.85 -7.51
N HIS A 2 -35.51 12.23 -8.29
CA HIS A 2 -34.86 11.36 -9.27
C HIS A 2 -33.39 11.80 -9.35
N MET A 3 -32.54 11.06 -10.08
CA MET A 3 -31.14 11.40 -10.36
C MET A 3 -30.74 10.70 -11.67
N GLY A 4 -29.46 10.74 -12.05
CA GLY A 4 -28.99 10.19 -13.32
C GLY A 4 -27.50 10.42 -13.36
N SER A 5 -26.75 9.49 -12.76
CA SER A 5 -25.42 9.81 -12.25
C SER A 5 -24.41 8.72 -12.63
N PRO A 6 -23.11 9.05 -12.68
CA PRO A 6 -22.02 8.09 -12.87
C PRO A 6 -21.71 7.33 -11.58
N VAL A 7 -20.64 6.53 -11.60
CA VAL A 7 -20.05 5.90 -10.43
C VAL A 7 -19.04 6.88 -9.80
N SER A 8 -18.79 6.69 -8.52
CA SER A 8 -17.65 7.26 -7.81
C SER A 8 -16.78 6.08 -7.44
N TYR A 9 -15.72 5.84 -8.21
CA TYR A 9 -14.62 5.03 -7.70
C TYR A 9 -13.83 5.87 -6.71
N TYR A 10 -13.19 5.17 -5.79
CA TYR A 10 -12.29 5.67 -4.79
C TYR A 10 -11.06 4.80 -4.94
N PHE A 11 -9.94 5.42 -5.30
CA PHE A 11 -8.71 4.77 -5.69
C PHE A 11 -7.53 5.61 -5.22
N SER A 12 -7.56 6.08 -3.98
CA SER A 12 -6.51 6.89 -3.38
C SER A 12 -6.52 6.73 -1.85
N TYR A 13 -5.63 7.45 -1.16
CA TYR A 13 -5.65 7.55 0.30
C TYR A 13 -6.81 8.48 0.72
N ALA A 14 -6.84 8.83 2.01
CA ALA A 14 -7.88 9.59 2.68
C ALA A 14 -7.25 10.84 3.33
N ASP A 15 -6.31 11.49 2.65
CA ASP A 15 -5.35 12.43 3.25
C ASP A 15 -4.76 13.46 2.28
N GLY A 16 -5.12 13.41 1.00
CA GLY A 16 -4.71 14.35 -0.04
C GLY A 16 -3.64 13.83 -1.01
N GLY A 17 -3.03 12.65 -0.79
CA GLY A 17 -2.00 12.09 -1.66
C GLY A 17 -2.38 10.75 -2.30
N THR A 18 -1.52 10.24 -3.19
CA THR A 18 -1.72 9.01 -3.98
C THR A 18 -0.45 8.16 -4.01
N SER A 19 0.23 8.00 -2.88
CA SER A 19 1.27 6.99 -2.68
C SER A 19 1.63 6.95 -1.20
N HIS A 20 2.33 5.88 -0.80
CA HIS A 20 3.03 5.77 0.47
C HIS A 20 4.52 5.81 0.19
N THR A 21 5.29 6.48 1.04
CA THR A 21 6.74 6.34 1.11
C THR A 21 7.13 6.54 2.56
N GLU A 22 8.16 5.85 3.02
CA GLU A 22 8.71 6.06 4.35
C GLU A 22 10.22 5.98 4.31
N TYR A 23 10.83 6.60 5.32
CA TYR A 23 12.27 6.74 5.48
C TYR A 23 12.62 6.36 6.92
N PRO A 24 12.44 5.08 7.31
CA PRO A 24 12.71 4.59 8.66
C PRO A 24 14.20 4.68 9.02
N ASP A 25 14.53 4.35 10.26
CA ASP A 25 15.91 4.28 10.75
C ASP A 25 16.22 2.86 11.23
N ASP A 26 17.38 2.71 11.85
CA ASP A 26 18.11 1.47 12.10
C ASP A 26 17.45 0.52 13.12
N SER A 27 16.20 0.78 13.47
CA SER A 27 15.33 -0.10 14.26
C SER A 27 13.82 0.06 13.94
N SER A 28 13.43 0.85 12.94
CA SER A 28 12.04 1.26 12.76
C SER A 28 11.29 0.33 11.78
N ALA A 29 10.73 -0.77 12.27
CA ALA A 29 10.02 -1.75 11.43
C ALA A 29 8.83 -2.40 12.15
N GLY A 30 7.85 -2.95 11.41
CA GLY A 30 6.89 -3.91 11.92
C GLY A 30 5.73 -4.06 10.96
N SER A 31 4.53 -4.34 11.48
CA SER A 31 3.31 -4.54 10.73
C SER A 31 2.22 -3.59 11.22
N PHE A 32 1.80 -2.62 10.42
CA PHE A 32 0.73 -1.68 10.73
C PHE A 32 -0.47 -1.81 9.78
N ILE A 33 -1.38 -0.83 9.81
CA ILE A 33 -2.58 -0.67 9.02
C ILE A 33 -2.59 0.78 8.49
N LEU A 34 -3.31 1.01 7.39
CA LEU A 34 -3.46 2.30 6.70
C LEU A 34 -4.94 2.55 6.45
N ASP A 35 -5.30 3.74 5.97
CA ASP A 35 -6.69 4.19 5.79
C ASP A 35 -7.03 4.44 4.32
N ILE A 36 -6.39 3.66 3.44
CA ILE A 36 -6.56 3.66 1.99
C ILE A 36 -8.04 3.49 1.63
N THR A 37 -8.46 4.10 0.52
CA THR A 37 -9.79 4.03 -0.03
C THR A 37 -9.71 3.27 -1.37
N SER A 38 -10.37 2.11 -1.44
CA SER A 38 -10.44 1.28 -2.64
C SER A 38 -11.84 0.71 -2.75
N TYR A 39 -12.79 1.49 -3.30
CA TYR A 39 -14.14 0.98 -3.55
C TYR A 39 -14.81 1.74 -4.70
N LYS A 40 -15.95 1.26 -5.19
CA LYS A 40 -16.80 1.91 -6.18
C LYS A 40 -18.18 2.07 -5.58
N LYS A 41 -18.75 3.27 -5.63
CA LYS A 41 -20.02 3.63 -5.01
C LYS A 41 -20.96 4.04 -6.13
N THR A 42 -22.15 3.45 -6.15
CA THR A 42 -23.17 3.74 -7.14
C THR A 42 -24.46 3.09 -6.65
N GLY A 43 -25.61 3.71 -6.97
CA GLY A 43 -26.93 3.35 -6.48
C GLY A 43 -26.92 3.31 -4.96
N ASN A 44 -26.97 2.12 -4.38
CA ASN A 44 -27.16 1.87 -2.96
C ASN A 44 -26.18 0.79 -2.47
N SER A 45 -25.02 0.66 -3.12
CA SER A 45 -23.99 -0.29 -2.75
C SER A 45 -22.60 0.28 -2.92
N THR A 46 -21.65 -0.30 -2.21
CA THR A 46 -20.23 -0.11 -2.34
C THR A 46 -19.63 -1.49 -2.58
N LYS A 47 -18.89 -1.64 -3.68
CA LYS A 47 -18.02 -2.78 -3.94
C LYS A 47 -16.63 -2.33 -3.53
N ALA A 48 -16.04 -2.94 -2.51
CA ALA A 48 -14.61 -2.79 -2.26
C ALA A 48 -13.90 -3.37 -3.48
N LEU A 49 -12.95 -2.63 -4.05
CA LEU A 49 -12.06 -3.20 -5.04
C LEU A 49 -10.91 -3.81 -4.27
N SER A 50 -10.76 -5.11 -4.41
CA SER A 50 -9.55 -5.81 -4.02
C SER A 50 -8.40 -5.39 -4.96
N TRP A 51 -7.19 -5.76 -4.58
CA TRP A 51 -5.96 -5.59 -5.35
C TRP A 51 -5.02 -6.72 -4.98
N ASN A 52 -3.88 -6.79 -5.66
CA ASN A 52 -2.71 -7.52 -5.20
C ASN A 52 -1.51 -6.58 -5.35
N ALA A 53 -0.35 -6.97 -4.83
CA ALA A 53 0.85 -6.16 -4.82
C ALA A 53 2.06 -7.07 -5.08
N SER A 54 3.12 -6.52 -5.68
CA SER A 54 4.26 -7.33 -6.12
C SER A 54 5.49 -6.44 -6.27
N GLY A 55 6.66 -6.96 -5.88
CA GLY A 55 7.92 -6.23 -5.88
C GLY A 55 8.93 -7.03 -5.08
N ASP A 56 9.23 -6.59 -3.86
CA ASP A 56 10.21 -7.21 -2.96
C ASP A 56 9.60 -8.36 -2.16
N SER A 57 10.45 -9.22 -1.60
CA SER A 57 10.12 -10.32 -0.71
C SER A 57 9.72 -9.82 0.67
N TRP A 58 10.57 -8.99 1.27
CA TRP A 58 10.58 -8.58 2.68
C TRP A 58 9.45 -7.63 3.05
N ILE A 59 8.37 -7.61 2.27
CA ILE A 59 7.25 -6.71 2.39
C ILE A 59 6.00 -7.57 2.28
N HIS A 60 4.99 -7.27 3.09
CA HIS A 60 3.77 -8.04 3.22
C HIS A 60 2.60 -7.10 3.02
N VAL A 61 1.65 -7.49 2.18
CA VAL A 61 0.58 -6.62 1.69
C VAL A 61 -0.70 -7.45 1.68
N ASN A 62 -1.65 -7.15 2.57
CA ASN A 62 -2.85 -7.97 2.77
C ASN A 62 -4.02 -7.05 3.09
N GLY A 63 -4.70 -6.54 2.06
CA GLY A 63 -5.86 -5.67 2.19
C GLY A 63 -5.61 -4.56 3.21
N SER A 64 -6.31 -4.58 4.33
CA SER A 64 -6.21 -3.63 5.42
C SER A 64 -5.01 -3.88 6.35
N SER A 65 -3.86 -4.32 5.84
CA SER A 65 -2.67 -4.61 6.63
C SER A 65 -1.43 -4.42 5.77
N VAL A 66 -0.28 -4.13 6.41
CA VAL A 66 0.99 -3.85 5.75
C VAL A 66 2.10 -4.36 6.69
N SER A 67 3.23 -4.81 6.16
CA SER A 67 4.46 -4.97 6.94
C SER A 67 5.68 -4.79 6.06
N TYR A 68 6.83 -4.50 6.68
CA TYR A 68 8.14 -4.51 6.03
C TYR A 68 9.12 -5.06 7.07
N ASP A 69 9.87 -6.08 6.71
CA ASP A 69 10.96 -6.61 7.53
C ASP A 69 12.23 -5.76 7.37
N GLU A 70 13.14 -5.87 8.33
CA GLU A 70 14.50 -5.35 8.20
C GLU A 70 15.30 -6.23 7.21
N ASN A 71 16.44 -5.74 6.75
CA ASN A 71 17.30 -6.44 5.80
C ASN A 71 18.28 -7.37 6.54
N PRO A 72 18.92 -8.31 5.82
CA PRO A 72 19.98 -9.16 6.34
C PRO A 72 21.38 -8.55 6.19
N ALA A 73 21.53 -7.43 5.47
CA ALA A 73 22.82 -6.87 5.09
C ALA A 73 22.81 -5.36 5.24
N LYS A 74 23.99 -4.77 5.40
CA LYS A 74 24.18 -3.38 5.77
C LYS A 74 24.31 -2.47 4.55
N GLU A 75 23.79 -2.91 3.41
CA GLU A 75 23.64 -2.05 2.25
C GLU A 75 22.19 -1.57 2.19
N ARG A 76 22.03 -0.37 1.62
CA ARG A 76 20.75 0.30 1.52
C ARG A 76 19.89 -0.42 0.48
N ARG A 77 18.62 -0.64 0.80
CA ARG A 77 17.61 -1.15 -0.11
C ARG A 77 16.61 -0.04 -0.32
N THR A 78 16.39 0.35 -1.57
CA THR A 78 15.15 0.96 -1.96
C THR A 78 14.15 -0.19 -2.04
N GLY A 79 13.26 -0.35 -1.05
CA GLY A 79 12.09 -1.20 -1.28
C GLY A 79 11.32 -0.64 -2.47
N LEU A 80 10.76 -1.51 -3.32
CA LEU A 80 9.75 -1.12 -4.29
C LEU A 80 8.72 -2.24 -4.35
N VAL A 81 7.44 -1.87 -4.27
CA VAL A 81 6.32 -2.73 -4.60
C VAL A 81 5.32 -1.84 -5.34
N THR A 82 4.65 -2.40 -6.34
CA THR A 82 3.52 -1.80 -7.05
C THR A 82 2.28 -2.64 -6.72
N LEU A 83 1.08 -2.06 -6.83
CA LEU A 83 -0.20 -2.77 -6.72
C LEU A 83 -1.14 -2.37 -7.85
N LYS A 84 -2.19 -3.16 -8.11
CA LYS A 84 -3.21 -2.80 -9.08
C LYS A 84 -4.57 -3.33 -8.63
N GLN A 85 -5.58 -2.46 -8.59
CA GLN A 85 -6.97 -2.79 -8.27
C GLN A 85 -7.59 -3.70 -9.31
N ASP A 86 -8.62 -4.43 -8.90
CA ASP A 86 -9.49 -5.32 -9.67
C ASP A 86 -10.05 -4.63 -10.92
N GLU A 87 -11.14 -3.89 -10.77
CA GLU A 87 -11.84 -3.20 -11.86
C GLU A 87 -11.04 -1.98 -12.33
N SER A 88 -10.20 -1.46 -11.44
CA SER A 88 -9.57 -0.16 -11.50
C SER A 88 -8.08 -0.34 -11.77
N GLY A 89 -7.24 0.59 -11.36
CA GLY A 89 -5.84 0.55 -11.77
C GLY A 89 -5.01 1.79 -11.49
N LYS A 90 -5.45 2.74 -10.66
CA LYS A 90 -4.49 3.63 -10.02
C LYS A 90 -3.60 2.76 -9.15
N THR A 91 -2.43 2.42 -9.67
CA THR A 91 -1.43 1.75 -8.88
C THR A 91 -0.95 2.69 -7.79
N LEU A 92 -0.21 2.19 -6.81
CA LEU A 92 0.46 3.03 -5.83
C LEU A 92 1.88 2.51 -5.73
N SER A 93 2.83 3.42 -5.54
CA SER A 93 4.17 3.03 -5.16
C SER A 93 4.16 2.89 -3.64
N LEU A 94 4.65 1.77 -3.13
CA LEU A 94 5.17 1.62 -1.78
C LEU A 94 6.68 1.76 -1.92
N LYS A 95 7.29 2.65 -1.14
CA LYS A 95 8.73 2.84 -1.10
C LYS A 95 9.14 2.97 0.36
N ILE A 96 9.96 2.05 0.85
CA ILE A 96 10.62 2.16 2.15
C ILE A 96 12.08 2.41 1.76
N VAL A 97 12.70 3.47 2.22
CA VAL A 97 14.13 3.72 2.01
C VAL A 97 14.79 3.59 3.38
N GLN A 98 15.29 2.40 3.72
CA GLN A 98 15.77 2.11 5.07
C GLN A 98 17.29 1.93 5.10
N PRO A 99 17.96 2.08 6.27
CA PRO A 99 19.36 1.72 6.50
C PRO A 99 19.55 0.20 6.52
N GLY A 100 20.68 -0.31 7.02
CA GLY A 100 20.90 -1.73 7.13
C GLY A 100 21.89 -2.07 8.23
N LYS A 101 21.88 -3.34 8.67
CA LYS A 101 22.65 -3.84 9.82
C LYS A 101 23.13 -5.27 9.58
N THR A 102 23.91 -5.80 10.51
CA THR A 102 24.61 -7.07 10.41
C THR A 102 25.03 -7.48 11.82
N SER A 103 24.19 -8.15 12.61
CA SER A 103 24.57 -8.54 13.96
C SER A 103 23.80 -9.79 14.40
N ILE A 104 24.01 -10.25 15.63
CA ILE A 104 23.16 -11.25 16.26
C ILE A 104 21.96 -10.47 16.79
N ASP A 105 20.96 -10.25 15.94
CA ASP A 105 19.69 -9.65 16.29
C ASP A 105 18.62 -10.58 15.76
N GLY A 1 -31.00 14.60 3.83
CA GLY A 1 -31.85 14.11 2.73
C GLY A 1 -31.36 12.74 2.28
N HIS A 2 -32.12 12.09 1.39
CA HIS A 2 -31.57 10.99 0.59
C HIS A 2 -30.66 11.57 -0.48
N MET A 3 -29.76 10.76 -1.04
CA MET A 3 -28.94 11.11 -2.20
C MET A 3 -29.00 9.94 -3.18
N GLY A 4 -28.69 10.23 -4.45
CA GLY A 4 -28.59 9.27 -5.54
C GLY A 4 -27.66 9.87 -6.58
N SER A 5 -26.88 9.03 -7.25
CA SER A 5 -25.75 9.45 -8.07
C SER A 5 -25.25 8.26 -8.90
N PRO A 6 -24.44 8.47 -9.95
CA PRO A 6 -23.87 7.39 -10.75
C PRO A 6 -22.77 6.66 -9.98
N VAL A 7 -22.22 5.61 -10.58
CA VAL A 7 -21.20 4.78 -9.94
C VAL A 7 -19.82 5.44 -10.06
N SER A 8 -19.34 5.98 -8.94
CA SER A 8 -18.05 6.64 -8.81
C SER A 8 -17.05 5.67 -8.15
N TYR A 9 -15.97 5.33 -8.84
CA TYR A 9 -14.89 4.52 -8.28
C TYR A 9 -13.87 5.44 -7.64
N TYR A 10 -13.32 5.00 -6.51
CA TYR A 10 -12.21 5.67 -5.84
C TYR A 10 -10.95 4.86 -6.08
N PHE A 11 -9.85 5.56 -6.35
CA PHE A 11 -8.61 4.96 -6.79
C PHE A 11 -7.39 5.83 -6.41
N SER A 12 -7.22 6.16 -5.13
CA SER A 12 -5.99 6.81 -4.62
C SER A 12 -5.89 6.57 -3.11
N TYR A 13 -4.94 7.20 -2.41
CA TYR A 13 -5.00 7.27 -0.95
C TYR A 13 -6.18 8.14 -0.54
N ALA A 14 -6.69 7.96 0.68
CA ALA A 14 -7.76 8.75 1.26
C ALA A 14 -7.20 9.85 2.16
N ASP A 15 -5.91 9.75 2.46
CA ASP A 15 -5.14 10.62 3.31
C ASP A 15 -3.77 10.70 2.63
N GLY A 16 -3.73 11.45 1.55
CA GLY A 16 -2.49 11.99 1.03
C GLY A 16 -2.61 12.22 -0.46
N GLY A 17 -2.33 11.16 -1.22
CA GLY A 17 -1.93 11.28 -2.60
C GLY A 17 -2.04 9.95 -3.33
N THR A 18 -0.95 9.48 -3.92
CA THR A 18 -0.94 8.24 -4.69
C THR A 18 0.32 7.42 -4.39
N SER A 19 0.92 7.52 -3.19
CA SER A 19 2.09 6.71 -2.82
C SER A 19 2.26 6.72 -1.30
N HIS A 20 2.69 5.61 -0.70
CA HIS A 20 3.22 5.65 0.66
C HIS A 20 4.74 5.73 0.54
N THR A 21 5.38 6.40 1.50
CA THR A 21 6.78 6.21 1.76
C THR A 21 6.93 6.30 3.27
N GLU A 22 7.76 5.42 3.83
CA GLU A 22 8.20 5.52 5.21
C GLU A 22 9.69 5.82 5.17
N TYR A 23 10.16 6.62 6.12
CA TYR A 23 11.57 6.92 6.34
C TYR A 23 11.91 6.53 7.79
N PRO A 24 11.96 5.24 8.13
CA PRO A 24 12.30 4.81 9.48
C PRO A 24 13.78 5.04 9.79
N ASP A 25 14.20 4.72 11.01
CA ASP A 25 15.59 4.75 11.45
C ASP A 25 15.76 3.69 12.56
N ASP A 26 16.98 3.51 13.06
CA ASP A 26 17.44 2.47 13.99
C ASP A 26 17.18 1.04 13.52
N SER A 27 15.92 0.58 13.57
CA SER A 27 15.39 -0.71 13.15
C SER A 27 13.88 -0.62 13.38
N SER A 28 13.12 -0.02 12.45
CA SER A 28 11.70 0.24 12.64
C SER A 28 10.83 -0.18 11.46
N ALA A 29 10.77 -1.48 11.22
CA ALA A 29 9.88 -2.15 10.26
C ALA A 29 8.62 -2.68 10.98
N GLY A 30 7.63 -3.25 10.26
CA GLY A 30 6.47 -3.83 10.89
C GLY A 30 5.35 -4.12 9.89
N SER A 31 4.13 -4.31 10.40
CA SER A 31 2.97 -4.76 9.64
C SER A 31 1.74 -3.93 10.03
N PHE A 32 1.46 -2.89 9.24
CA PHE A 32 0.42 -1.92 9.54
C PHE A 32 -0.72 -1.97 8.52
N ILE A 33 -1.70 -1.06 8.66
CA ILE A 33 -2.85 -0.88 7.79
C ILE A 33 -2.86 0.61 7.40
N LEU A 34 -2.77 0.91 6.11
CA LEU A 34 -2.95 2.25 5.55
C LEU A 34 -4.44 2.46 5.25
N ASP A 35 -4.84 3.68 4.89
CA ASP A 35 -6.24 4.04 4.62
C ASP A 35 -6.46 4.19 3.11
N ILE A 36 -5.81 3.36 2.30
CA ILE A 36 -5.90 3.45 0.84
C ILE A 36 -7.38 3.33 0.45
N THR A 37 -7.82 4.20 -0.45
CA THR A 37 -9.18 4.17 -0.95
C THR A 37 -9.28 3.08 -2.01
N SER A 38 -10.36 2.31 -2.00
CA SER A 38 -10.66 1.36 -3.05
C SER A 38 -12.10 0.89 -2.87
N TYR A 39 -13.06 1.65 -3.37
CA TYR A 39 -14.45 1.22 -3.38
C TYR A 39 -15.16 1.91 -4.53
N LYS A 40 -16.40 1.50 -4.80
CA LYS A 40 -17.28 2.17 -5.74
C LYS A 40 -18.48 2.69 -4.97
N LYS A 41 -18.73 3.99 -5.00
CA LYS A 41 -19.87 4.62 -4.36
C LYS A 41 -20.95 4.81 -5.38
N THR A 42 -22.16 4.67 -4.86
CA THR A 42 -23.39 4.97 -5.54
C THR A 42 -24.39 5.29 -4.41
N GLY A 43 -25.62 5.67 -4.74
CA GLY A 43 -26.61 6.23 -3.82
C GLY A 43 -26.70 5.47 -2.50
N ASN A 44 -26.88 4.15 -2.56
CA ASN A 44 -27.15 3.30 -1.39
C ASN A 44 -26.24 2.07 -1.36
N SER A 45 -25.07 2.12 -2.03
CA SER A 45 -24.12 1.01 -2.01
C SER A 45 -22.71 1.57 -2.02
N THR A 46 -21.85 0.78 -1.42
CA THR A 46 -20.41 0.93 -1.40
C THR A 46 -19.79 -0.47 -1.33
N LYS A 47 -19.61 -1.12 -2.49
CA LYS A 47 -18.77 -2.32 -2.54
C LYS A 47 -17.34 -1.83 -2.42
N ALA A 48 -16.57 -2.39 -1.49
CA ALA A 48 -15.13 -2.20 -1.51
C ALA A 48 -14.55 -2.96 -2.69
N LEU A 49 -13.31 -2.64 -3.04
CA LEU A 49 -12.44 -3.40 -3.90
C LEU A 49 -11.19 -3.72 -3.10
N SER A 50 -10.78 -4.98 -3.15
CA SER A 50 -9.48 -5.42 -2.67
C SER A 50 -8.39 -5.05 -3.67
N TRP A 51 -7.13 -5.28 -3.28
CA TRP A 51 -5.94 -5.08 -4.07
C TRP A 51 -4.90 -6.10 -3.63
N ASN A 52 -3.81 -6.16 -4.37
CA ASN A 52 -2.65 -7.02 -4.14
C ASN A 52 -1.40 -6.22 -4.50
N ALA A 53 -0.22 -6.79 -4.25
CA ALA A 53 1.06 -6.24 -4.65
C ALA A 53 1.93 -7.34 -5.24
N SER A 54 3.03 -6.92 -5.86
CA SER A 54 4.19 -7.75 -6.14
C SER A 54 5.41 -6.85 -6.31
N GLY A 55 6.60 -7.36 -5.94
CA GLY A 55 7.85 -6.62 -5.90
C GLY A 55 8.82 -7.31 -4.94
N ASP A 56 9.60 -6.53 -4.19
CA ASP A 56 10.68 -7.02 -3.32
C ASP A 56 10.14 -8.08 -2.36
N SER A 57 10.86 -9.20 -2.23
CA SER A 57 10.41 -10.44 -1.58
C SER A 57 10.26 -10.35 -0.05
N TRP A 58 10.47 -9.17 0.54
CA TRP A 58 10.41 -8.88 1.97
C TRP A 58 9.31 -7.84 2.27
N ILE A 59 8.41 -7.57 1.32
CA ILE A 59 7.34 -6.57 1.43
C ILE A 59 6.05 -7.27 1.04
N HIS A 60 5.28 -7.70 2.03
CA HIS A 60 4.01 -8.39 1.81
C HIS A 60 2.89 -7.36 1.77
N VAL A 61 1.90 -7.58 0.93
CA VAL A 61 0.64 -6.84 1.00
C VAL A 61 -0.48 -7.87 0.91
N ASN A 62 -1.55 -7.62 1.65
CA ASN A 62 -2.81 -8.36 1.63
C ASN A 62 -3.92 -7.35 1.37
N GLY A 63 -5.15 -7.81 1.14
CA GLY A 63 -6.26 -7.02 0.61
C GLY A 63 -6.59 -5.72 1.35
N SER A 64 -6.08 -5.54 2.56
CA SER A 64 -6.09 -4.27 3.29
C SER A 64 -4.87 -4.09 4.19
N SER A 65 -3.88 -4.98 4.19
CA SER A 65 -2.86 -5.06 5.24
C SER A 65 -1.45 -5.05 4.64
N VAL A 66 -0.44 -4.59 5.38
CA VAL A 66 0.92 -4.39 4.91
C VAL A 66 1.85 -5.23 5.77
N SER A 67 3.03 -5.58 5.26
CA SER A 67 4.20 -5.88 6.04
C SER A 67 5.41 -5.45 5.24
N TYR A 68 6.47 -5.07 5.92
CA TYR A 68 7.80 -5.32 5.45
C TYR A 68 8.68 -5.63 6.65
N ASP A 69 9.75 -6.36 6.39
CA ASP A 69 10.84 -6.53 7.35
C ASP A 69 11.97 -5.56 6.99
N GLU A 70 13.02 -5.51 7.81
CA GLU A 70 14.19 -4.71 7.51
C GLU A 70 15.16 -5.49 6.62
N ASN A 71 16.15 -4.80 6.07
CA ASN A 71 17.24 -5.38 5.31
C ASN A 71 18.19 -6.17 6.23
N PRO A 72 19.07 -7.01 5.68
CA PRO A 72 19.95 -7.89 6.46
C PRO A 72 21.35 -7.32 6.71
N ALA A 73 21.68 -6.15 6.15
CA ALA A 73 23.04 -5.59 6.19
C ALA A 73 23.02 -4.08 6.43
N LYS A 74 24.17 -3.48 6.78
CA LYS A 74 24.28 -2.07 7.12
C LYS A 74 24.40 -1.17 5.89
N GLU A 75 23.80 -1.59 4.78
CA GLU A 75 23.78 -0.84 3.54
C GLU A 75 22.41 -0.17 3.38
N ARG A 76 22.17 0.49 2.24
CA ARG A 76 20.94 1.23 1.96
C ARG A 76 20.16 0.60 0.83
N ARG A 77 18.88 0.32 1.07
CA ARG A 77 17.98 -0.25 0.08
C ARG A 77 16.55 0.03 0.48
N THR A 78 15.93 1.00 -0.18
CA THR A 78 14.49 0.98 -0.28
C THR A 78 14.09 -0.25 -1.09
N GLY A 79 12.91 -0.78 -0.79
CA GLY A 79 12.16 -1.56 -1.74
C GLY A 79 11.24 -0.64 -2.54
N LEU A 80 10.51 -1.19 -3.50
CA LEU A 80 9.52 -0.45 -4.28
C LEU A 80 8.57 -1.44 -4.98
N VAL A 81 7.52 -1.90 -4.30
CA VAL A 81 6.60 -2.84 -4.94
C VAL A 81 5.61 -2.12 -5.88
N THR A 82 4.86 -2.87 -6.67
CA THR A 82 3.80 -2.41 -7.56
C THR A 82 2.50 -3.05 -7.07
N LEU A 83 1.34 -2.42 -7.33
CA LEU A 83 0.02 -2.86 -6.87
C LEU A 83 -1.02 -2.77 -7.99
N LYS A 84 -2.17 -3.45 -7.85
CA LYS A 84 -3.38 -3.28 -8.66
C LYS A 84 -4.59 -3.47 -7.75
N GLN A 85 -5.65 -2.71 -7.99
CA GLN A 85 -6.99 -2.92 -7.47
C GLN A 85 -7.65 -4.01 -8.30
N ASP A 86 -8.77 -4.58 -7.83
CA ASP A 86 -9.54 -5.59 -8.57
C ASP A 86 -10.17 -5.04 -9.85
N GLU A 87 -11.35 -4.41 -9.77
CA GLU A 87 -12.05 -3.91 -10.96
C GLU A 87 -11.50 -2.56 -11.43
N SER A 88 -10.79 -1.84 -10.56
CA SER A 88 -10.05 -0.63 -10.89
C SER A 88 -8.60 -1.05 -11.23
N GLY A 89 -7.62 -0.14 -11.23
CA GLY A 89 -6.29 -0.42 -11.76
C GLY A 89 -5.29 0.60 -11.25
N LYS A 90 -5.54 1.20 -10.09
CA LYS A 90 -4.64 1.95 -9.28
C LYS A 90 -3.38 1.14 -9.14
N THR A 91 -2.29 1.80 -9.41
CA THR A 91 -0.94 1.37 -9.22
C THR A 91 -0.34 2.36 -8.23
N LEU A 92 0.42 1.87 -7.27
CA LEU A 92 0.99 2.66 -6.19
C LEU A 92 2.40 2.12 -6.00
N SER A 93 3.29 2.95 -5.47
CA SER A 93 4.57 2.52 -4.93
C SER A 93 4.46 2.50 -3.40
N LEU A 94 5.40 1.74 -2.81
CA LEU A 94 5.59 1.63 -1.39
C LEU A 94 7.12 1.71 -1.22
N LYS A 95 7.65 2.92 -1.02
CA LYS A 95 9.06 3.08 -0.72
C LYS A 95 9.23 2.94 0.78
N ILE A 96 10.37 2.39 1.18
CA ILE A 96 10.73 2.11 2.56
C ILE A 96 12.20 2.54 2.68
N VAL A 97 12.46 3.84 2.84
CA VAL A 97 13.83 4.32 2.77
C VAL A 97 14.41 4.18 4.19
N GLN A 98 15.09 3.06 4.47
CA GLN A 98 15.42 2.65 5.83
C GLN A 98 16.94 2.61 6.03
N PRO A 99 17.46 2.64 7.26
CA PRO A 99 18.85 2.29 7.54
C PRO A 99 19.11 0.84 7.16
N GLY A 100 20.37 0.46 7.28
CA GLY A 100 20.76 -0.91 7.31
C GLY A 100 20.92 -1.37 8.74
N LYS A 101 20.94 -2.69 8.96
CA LYS A 101 20.93 -3.31 10.27
C LYS A 101 21.76 -4.59 10.22
N THR A 102 22.39 -4.97 11.32
CA THR A 102 23.21 -6.16 11.47
C THR A 102 23.14 -6.56 12.94
N SER A 103 22.16 -7.36 13.34
CA SER A 103 22.00 -7.75 14.73
C SER A 103 21.67 -9.24 14.85
N ILE A 104 21.24 -9.66 16.03
CA ILE A 104 20.69 -10.96 16.35
C ILE A 104 19.18 -10.76 16.23
N ASP A 105 18.70 -10.60 14.99
CA ASP A 105 17.41 -10.01 14.67
C ASP A 105 16.49 -11.15 14.25
#